data_1ST7
#
_entry.id   1ST7
#
_cell.length_a   1.000
_cell.length_b   1.000
_cell.length_c   1.000
_cell.angle_alpha   90.00
_cell.angle_beta   90.00
_cell.angle_gamma   90.00
#
_symmetry.space_group_name_H-M   'P 1'
#
_entity_poly.entity_id   1
_entity_poly.type   'polypeptide(L)'
_entity_poly.pdbx_seq_one_letter_code
;VSQLFEEKAKAVNELPTKPSTDELLELYALYKQATVGDNDKEKPGIFNMKDRYKWEAWENLKGKSQEDAEKEYIALVDQL
IAKYSS
;
_entity_poly.pdbx_strand_id   A
#
# COMPACT_ATOMS: atom_id res chain seq x y z
N VAL A 1 -13.67 6.93 -3.12
CA VAL A 1 -13.91 6.11 -1.92
C VAL A 1 -13.08 4.87 -1.83
N SER A 2 -12.91 4.33 -0.60
CA SER A 2 -12.15 3.19 -0.24
C SER A 2 -12.79 1.88 -0.59
N GLN A 3 -13.91 1.89 -1.33
CA GLN A 3 -14.53 0.69 -1.79
C GLN A 3 -13.73 0.04 -2.85
N LEU A 4 -13.36 0.82 -3.89
CA LEU A 4 -12.56 0.43 -5.00
C LEU A 4 -11.15 0.15 -4.61
N PHE A 5 -10.70 0.82 -3.52
CA PHE A 5 -9.47 0.53 -2.86
C PHE A 5 -9.45 -0.90 -2.43
N GLU A 6 -10.49 -1.39 -1.73
CA GLU A 6 -10.52 -2.75 -1.29
C GLU A 6 -10.94 -3.71 -2.36
N GLU A 7 -11.45 -3.24 -3.51
CA GLU A 7 -11.58 -4.05 -4.68
C GLU A 7 -10.25 -4.44 -5.22
N LYS A 8 -9.47 -3.41 -5.54
CA LYS A 8 -8.24 -3.48 -6.26
C LYS A 8 -7.07 -3.87 -5.42
N ALA A 9 -6.98 -3.44 -4.15
CA ALA A 9 -5.84 -3.66 -3.32
C ALA A 9 -5.64 -5.08 -2.91
N LYS A 10 -6.79 -5.71 -2.61
CA LYS A 10 -6.90 -7.08 -2.23
C LYS A 10 -6.50 -8.03 -3.32
N ALA A 11 -6.52 -7.59 -4.60
CA ALA A 11 -6.00 -8.34 -5.69
C ALA A 11 -4.52 -8.26 -5.77
N VAL A 12 -3.93 -7.05 -5.73
CA VAL A 12 -2.52 -6.86 -5.90
C VAL A 12 -1.70 -7.43 -4.79
N ASN A 13 -2.28 -7.64 -3.59
CA ASN A 13 -1.61 -8.33 -2.54
C ASN A 13 -1.39 -9.79 -2.78
N GLU A 14 -2.15 -10.42 -3.69
CA GLU A 14 -2.10 -11.84 -3.88
C GLU A 14 -2.23 -12.25 -5.31
N LEU A 15 -1.84 -11.35 -6.24
CA LEU A 15 -1.84 -11.57 -7.65
C LEU A 15 -0.76 -12.53 -8.02
N PRO A 16 -0.79 -13.29 -9.08
CA PRO A 16 0.20 -14.30 -9.34
C PRO A 16 1.48 -13.69 -9.78
N THR A 17 1.42 -12.44 -10.28
CA THR A 17 2.53 -11.60 -10.62
C THR A 17 2.62 -10.65 -9.48
N LYS A 18 3.12 -11.12 -8.32
CA LYS A 18 3.20 -10.34 -7.13
C LYS A 18 3.97 -9.07 -7.24
N PRO A 19 3.69 -8.03 -6.52
CA PRO A 19 4.18 -6.71 -6.83
C PRO A 19 5.67 -6.56 -6.82
N SER A 20 6.23 -5.80 -7.76
CA SER A 20 7.63 -5.60 -7.93
C SER A 20 8.23 -4.72 -6.89
N THR A 21 9.56 -4.80 -6.69
CA THR A 21 10.25 -4.35 -5.52
C THR A 21 10.07 -2.93 -5.11
N ASP A 22 10.19 -1.94 -6.02
CA ASP A 22 10.02 -0.55 -5.70
C ASP A 22 8.60 -0.11 -5.75
N GLU A 23 7.74 -0.85 -6.48
CA GLU A 23 6.33 -0.65 -6.54
C GLU A 23 5.64 -1.09 -5.29
N LEU A 24 6.11 -2.19 -4.66
CA LEU A 24 5.72 -2.73 -3.40
C LEU A 24 5.73 -1.78 -2.25
N LEU A 25 6.72 -0.89 -2.12
CA LEU A 25 6.82 0.14 -1.14
C LEU A 25 5.71 1.14 -1.18
N GLU A 26 5.40 1.66 -2.38
CA GLU A 26 4.29 2.53 -2.62
C GLU A 26 3.01 1.83 -2.33
N LEU A 27 2.83 0.61 -2.86
CA LEU A 27 1.67 -0.17 -2.56
C LEU A 27 1.49 -0.52 -1.12
N TYR A 28 2.52 -0.84 -0.33
CA TYR A 28 2.44 -0.94 1.10
C TYR A 28 1.99 0.34 1.70
N ALA A 29 2.68 1.48 1.47
CA ALA A 29 2.36 2.73 2.07
C ALA A 29 0.93 3.12 1.93
N LEU A 30 0.41 3.08 0.68
CA LEU A 30 -0.94 3.42 0.36
C LEU A 30 -1.96 2.40 0.75
N TYR A 31 -1.66 1.10 0.63
CA TYR A 31 -2.52 0.05 1.09
C TYR A 31 -2.72 0.12 2.57
N LYS A 32 -1.64 0.17 3.37
CA LYS A 32 -1.72 0.33 4.79
C LYS A 32 -2.41 1.58 5.20
N GLN A 33 -2.18 2.69 4.47
CA GLN A 33 -2.90 3.92 4.61
C GLN A 33 -4.38 3.79 4.65
N ALA A 34 -5.03 3.28 3.59
CA ALA A 34 -6.47 3.25 3.57
C ALA A 34 -7.01 2.05 4.26
N THR A 35 -6.22 0.98 4.42
CA THR A 35 -6.64 -0.19 5.14
C THR A 35 -6.93 0.10 6.57
N VAL A 36 -5.94 0.50 7.38
CA VAL A 36 -6.17 0.84 8.75
C VAL A 36 -6.59 2.25 8.96
N GLY A 37 -6.18 3.20 8.10
CA GLY A 37 -6.64 4.55 8.15
C GLY A 37 -5.80 5.49 8.95
N ASP A 38 -4.87 4.98 9.78
CA ASP A 38 -4.05 5.77 10.63
C ASP A 38 -2.71 5.12 10.71
N ASN A 39 -1.67 5.82 11.18
CA ASN A 39 -0.56 5.18 11.80
C ASN A 39 -0.88 4.26 12.92
N ASP A 40 -0.67 2.94 12.71
CA ASP A 40 -1.17 1.87 13.51
C ASP A 40 -0.07 1.20 14.26
N LYS A 41 0.74 0.38 13.58
CA LYS A 41 1.76 -0.42 14.20
C LYS A 41 3.06 0.30 14.28
N GLU A 42 3.22 1.15 15.31
CA GLU A 42 4.40 1.92 15.55
C GLU A 42 5.48 1.12 16.21
N LYS A 43 5.81 -0.04 15.63
CA LYS A 43 7.04 -0.73 15.86
C LYS A 43 7.25 -1.66 14.72
N PRO A 44 7.83 -1.26 13.62
CA PRO A 44 8.48 -2.15 12.71
C PRO A 44 9.73 -2.65 13.35
N GLY A 45 10.24 -3.84 12.95
CA GLY A 45 11.14 -4.57 13.78
C GLY A 45 12.56 -4.10 13.82
N ILE A 46 13.45 -4.91 14.43
CA ILE A 46 14.67 -4.47 15.01
C ILE A 46 15.78 -4.53 14.00
N PHE A 47 15.88 -5.68 13.31
CA PHE A 47 16.69 -5.92 12.15
C PHE A 47 15.90 -5.61 10.92
N ASN A 48 14.65 -5.16 11.09
CA ASN A 48 13.68 -5.08 10.03
C ASN A 48 13.80 -3.83 9.23
N MET A 49 14.95 -3.62 8.58
CA MET A 49 15.28 -2.46 7.81
C MET A 49 14.36 -2.22 6.66
N LYS A 50 13.84 -3.30 6.07
CA LYS A 50 12.84 -3.29 5.04
C LYS A 50 11.57 -2.68 5.52
N ASP A 51 11.01 -3.20 6.63
CA ASP A 51 9.77 -2.78 7.21
C ASP A 51 9.86 -1.40 7.73
N ARG A 52 11.00 -1.01 8.35
CA ARG A 52 11.28 0.33 8.75
C ARG A 52 11.24 1.36 7.68
N TYR A 53 11.70 1.06 6.44
CA TYR A 53 11.57 1.93 5.32
C TYR A 53 10.18 2.07 4.83
N LYS A 54 9.46 0.94 4.67
CA LYS A 54 8.09 0.88 4.30
C LYS A 54 7.19 1.59 5.26
N TRP A 55 7.39 1.41 6.57
CA TRP A 55 6.66 2.03 7.62
C TRP A 55 6.88 3.50 7.70
N GLU A 56 8.07 3.99 7.32
CA GLU A 56 8.41 5.38 7.26
C GLU A 56 7.70 6.05 6.14
N ALA A 57 7.62 5.40 4.97
CA ALA A 57 6.89 5.87 3.83
C ALA A 57 5.41 5.88 4.03
N TRP A 58 4.94 5.13 5.04
CA TRP A 58 3.57 5.05 5.45
C TRP A 58 3.27 6.15 6.40
N GLU A 59 4.09 6.34 7.45
CA GLU A 59 4.02 7.34 8.47
C GLU A 59 4.05 8.73 7.94
N ASN A 60 4.59 8.92 6.72
CA ASN A 60 4.48 10.11 5.93
C ASN A 60 3.08 10.62 5.78
N LEU A 61 2.08 9.72 5.76
CA LEU A 61 0.71 10.07 5.63
C LEU A 61 -0.17 9.75 6.79
N LYS A 62 0.42 9.49 7.97
CA LYS A 62 -0.15 9.09 9.22
C LYS A 62 -1.53 9.48 9.66
N GLY A 63 -2.01 10.69 9.36
CA GLY A 63 -3.27 11.21 9.80
C GLY A 63 -4.30 11.26 8.72
N LYS A 64 -3.91 11.67 7.50
CA LYS A 64 -4.85 11.93 6.46
C LYS A 64 -5.03 10.75 5.55
N SER A 65 -4.24 9.70 5.82
CA SER A 65 -4.06 8.46 5.11
C SER A 65 -5.19 7.96 4.28
N GLN A 66 -6.36 7.69 4.91
CA GLN A 66 -7.50 7.10 4.27
C GLN A 66 -8.00 7.85 3.07
N GLU A 67 -7.97 9.18 3.18
CA GLU A 67 -8.51 10.11 2.22
C GLU A 67 -7.60 10.27 1.04
N ASP A 68 -6.27 10.26 1.23
CA ASP A 68 -5.39 10.42 0.11
C ASP A 68 -5.15 9.10 -0.54
N ALA A 69 -5.03 8.01 0.25
CA ALA A 69 -4.86 6.69 -0.28
C ALA A 69 -5.91 6.29 -1.25
N GLU A 70 -7.20 6.21 -0.86
CA GLU A 70 -8.28 5.90 -1.74
C GLU A 70 -8.36 6.54 -3.08
N LYS A 71 -7.89 7.79 -3.27
CA LYS A 71 -7.90 8.51 -4.51
C LYS A 71 -6.69 8.28 -5.35
N GLU A 72 -5.50 8.17 -4.74
CA GLU A 72 -4.30 7.82 -5.42
C GLU A 72 -4.29 6.40 -5.83
N TYR A 73 -5.03 5.54 -5.10
CA TYR A 73 -4.79 4.13 -5.10
C TYR A 73 -5.25 3.48 -6.37
N ILE A 74 -6.49 3.80 -6.79
CA ILE A 74 -6.98 3.41 -8.07
C ILE A 74 -6.04 3.60 -9.21
N ALA A 75 -5.43 4.79 -9.31
CA ALA A 75 -4.53 5.08 -10.39
C ALA A 75 -3.18 4.45 -10.30
N LEU A 76 -2.77 3.94 -9.13
CA LEU A 76 -1.63 3.10 -8.99
C LEU A 76 -1.95 1.73 -9.46
N VAL A 77 -2.97 1.10 -8.85
CA VAL A 77 -3.22 -0.30 -8.99
C VAL A 77 -3.74 -0.63 -10.34
N ASP A 78 -4.43 0.27 -11.06
CA ASP A 78 -4.85 -0.07 -12.39
C ASP A 78 -3.72 -0.23 -13.35
N GLN A 79 -2.66 0.57 -13.26
CA GLN A 79 -1.51 0.43 -14.09
C GLN A 79 -0.59 -0.65 -13.64
N LEU A 80 -0.75 -1.13 -12.39
CA LEU A 80 -0.09 -2.25 -11.80
C LEU A 80 -0.74 -3.53 -12.22
N ILE A 81 -2.07 -3.67 -12.15
CA ILE A 81 -2.78 -4.81 -12.64
C ILE A 81 -2.60 -5.02 -14.10
N ALA A 82 -2.40 -3.94 -14.89
CA ALA A 82 -1.97 -4.03 -16.25
C ALA A 82 -0.71 -4.78 -16.47
N LYS A 83 0.24 -4.77 -15.52
CA LYS A 83 1.44 -5.53 -15.56
C LYS A 83 1.20 -6.89 -14.99
N TYR A 84 0.35 -6.95 -13.95
CA TYR A 84 0.36 -8.02 -12.99
C TYR A 84 -0.73 -9.02 -13.14
N SER A 85 -1.82 -8.76 -13.88
CA SER A 85 -2.90 -9.68 -14.09
C SER A 85 -2.51 -11.08 -14.47
N SER A 86 -1.73 -11.25 -15.56
CA SER A 86 -1.24 -12.54 -15.93
C SER A 86 0.06 -12.39 -16.73
N VAL A 1 -13.29 8.25 -3.19
CA VAL A 1 -13.56 7.22 -2.16
C VAL A 1 -12.82 5.95 -2.32
N SER A 2 -12.78 5.12 -1.26
CA SER A 2 -12.02 3.93 -1.09
C SER A 2 -12.67 2.68 -1.58
N GLN A 3 -13.80 2.79 -2.30
CA GLN A 3 -14.55 1.67 -2.78
C GLN A 3 -13.74 0.85 -3.72
N LEU A 4 -13.08 1.56 -4.67
CA LEU A 4 -12.17 1.07 -5.65
C LEU A 4 -10.86 0.65 -5.04
N PHE A 5 -10.41 1.35 -3.98
CA PHE A 5 -9.21 1.06 -3.27
C PHE A 5 -9.30 -0.31 -2.68
N GLU A 6 -10.37 -0.61 -1.94
CA GLU A 6 -10.54 -1.89 -1.33
C GLU A 6 -10.94 -2.93 -2.32
N GLU A 7 -11.52 -2.53 -3.46
CA GLU A 7 -11.70 -3.39 -4.59
C GLU A 7 -10.41 -3.86 -5.18
N LYS A 8 -9.48 -2.96 -5.54
CA LYS A 8 -8.28 -3.31 -6.23
C LYS A 8 -7.15 -3.72 -5.33
N ALA A 9 -7.09 -3.28 -4.06
CA ALA A 9 -5.98 -3.58 -3.21
C ALA A 9 -5.88 -5.02 -2.83
N LYS A 10 -7.06 -5.55 -2.47
CA LYS A 10 -7.35 -6.93 -2.23
C LYS A 10 -7.08 -7.80 -3.40
N ALA A 11 -7.14 -7.26 -4.62
CA ALA A 11 -6.75 -7.94 -5.82
C ALA A 11 -5.26 -8.00 -5.93
N VAL A 12 -4.53 -6.88 -5.89
CA VAL A 12 -3.12 -6.83 -6.14
C VAL A 12 -2.32 -7.58 -5.14
N ASN A 13 -2.76 -7.66 -3.87
CA ASN A 13 -2.08 -8.43 -2.88
C ASN A 13 -2.16 -9.90 -3.10
N GLU A 14 -3.23 -10.36 -3.77
CA GLU A 14 -3.60 -11.74 -3.92
C GLU A 14 -3.36 -12.26 -5.29
N LEU A 15 -3.04 -11.38 -6.26
CA LEU A 15 -2.91 -11.63 -7.65
C LEU A 15 -1.83 -12.61 -7.95
N PRO A 16 -1.86 -13.38 -8.99
CA PRO A 16 -0.94 -14.47 -9.17
C PRO A 16 0.42 -14.00 -9.55
N THR A 17 0.50 -12.74 -10.03
CA THR A 17 1.71 -12.04 -10.36
C THR A 17 1.83 -11.06 -9.24
N LYS A 18 2.32 -11.54 -8.08
CA LYS A 18 2.35 -10.80 -6.86
C LYS A 18 3.15 -9.55 -6.91
N PRO A 19 2.94 -8.54 -6.12
CA PRO A 19 3.55 -7.25 -6.32
C PRO A 19 5.03 -7.24 -6.14
N SER A 20 5.77 -6.44 -6.92
CA SER A 20 7.20 -6.46 -6.89
C SER A 20 7.80 -5.74 -5.74
N THR A 21 8.92 -6.25 -5.20
CA THR A 21 9.59 -5.95 -3.99
C THR A 21 9.70 -4.51 -3.60
N ASP A 22 10.34 -3.67 -4.43
CA ASP A 22 10.64 -2.30 -4.10
C ASP A 22 9.53 -1.37 -4.45
N GLU A 23 8.55 -1.85 -5.23
CA GLU A 23 7.36 -1.15 -5.59
C GLU A 23 6.35 -1.28 -4.50
N LEU A 24 6.09 -2.51 -4.03
CA LEU A 24 5.22 -2.91 -2.97
C LEU A 24 5.27 -2.06 -1.75
N LEU A 25 6.46 -1.63 -1.32
CA LEU A 25 6.67 -0.77 -0.19
C LEU A 25 5.97 0.54 -0.26
N GLU A 26 6.09 1.25 -1.39
CA GLU A 26 5.35 2.43 -1.73
C GLU A 26 3.87 2.25 -1.74
N LEU A 27 3.39 1.14 -2.33
CA LEU A 27 2.02 0.73 -2.40
C LEU A 27 1.46 0.45 -1.05
N TYR A 28 2.24 -0.20 -0.17
CA TYR A 28 2.01 -0.44 1.21
C TYR A 28 1.63 0.79 1.95
N ALA A 29 2.32 1.94 1.83
CA ALA A 29 1.91 3.15 2.47
C ALA A 29 0.51 3.56 2.19
N LEU A 30 0.07 3.49 0.92
CA LEU A 30 -1.28 3.79 0.57
C LEU A 30 -2.26 2.76 1.00
N TYR A 31 -1.97 1.48 0.70
CA TYR A 31 -2.73 0.32 1.02
C TYR A 31 -3.03 0.26 2.48
N LYS A 32 -1.99 0.37 3.33
CA LYS A 32 -2.13 0.48 4.75
C LYS A 32 -2.86 1.72 5.14
N GLN A 33 -2.69 2.87 4.46
CA GLN A 33 -3.42 4.04 4.85
C GLN A 33 -4.91 3.92 4.82
N ALA A 34 -5.52 3.56 3.68
CA ALA A 34 -6.94 3.49 3.64
C ALA A 34 -7.49 2.15 4.02
N THR A 35 -6.65 1.11 4.21
CA THR A 35 -7.08 -0.09 4.84
C THR A 35 -7.40 0.11 6.29
N VAL A 36 -6.43 0.51 7.11
CA VAL A 36 -6.63 0.70 8.52
C VAL A 36 -7.13 2.06 8.87
N GLY A 37 -6.58 3.13 8.26
CA GLY A 37 -6.96 4.49 8.49
C GLY A 37 -6.07 5.23 9.42
N ASP A 38 -5.34 4.49 10.27
CA ASP A 38 -4.39 5.00 11.22
C ASP A 38 -3.13 4.27 10.94
N ASN A 39 -1.95 4.76 11.35
CA ASN A 39 -0.85 3.89 11.62
C ASN A 39 -1.17 2.81 12.60
N ASP A 40 -1.31 1.55 12.15
CA ASP A 40 -1.75 0.45 12.95
C ASP A 40 -0.64 -0.05 13.82
N LYS A 41 0.44 -0.54 13.19
CA LYS A 41 1.68 -0.89 13.84
C LYS A 41 2.47 0.36 14.04
N GLU A 42 3.54 0.24 14.85
CA GLU A 42 4.52 1.26 15.04
C GLU A 42 5.81 0.55 15.25
N LYS A 43 5.91 -0.65 14.65
CA LYS A 43 6.96 -1.59 14.91
C LYS A 43 7.38 -2.29 13.67
N PRO A 44 8.17 -1.69 12.82
CA PRO A 44 8.92 -2.40 11.84
C PRO A 44 10.11 -3.05 12.46
N GLY A 45 10.84 -3.95 11.77
CA GLY A 45 11.82 -4.78 12.39
C GLY A 45 13.16 -4.22 12.73
N ILE A 46 14.16 -5.13 12.78
CA ILE A 46 15.44 -4.92 13.37
C ILE A 46 16.47 -4.71 12.32
N PHE A 47 16.74 -5.73 11.49
CA PHE A 47 17.51 -5.65 10.29
C PHE A 47 16.69 -5.20 9.13
N ASN A 48 15.37 -5.04 9.36
CA ASN A 48 14.37 -4.71 8.39
C ASN A 48 14.36 -3.27 8.01
N MET A 49 15.39 -2.81 7.28
CA MET A 49 15.53 -1.48 6.78
C MET A 49 14.45 -1.09 5.84
N LYS A 50 14.03 -2.00 4.95
CA LYS A 50 12.93 -1.80 4.06
C LYS A 50 11.64 -1.54 4.75
N ASP A 51 11.32 -2.26 5.84
CA ASP A 51 10.21 -1.99 6.68
C ASP A 51 10.37 -0.70 7.42
N ARG A 52 11.52 -0.45 8.07
CA ARG A 52 11.83 0.73 8.81
C ARG A 52 11.50 2.02 8.13
N TYR A 53 12.10 2.26 6.95
CA TYR A 53 11.93 3.48 6.22
C TYR A 53 10.59 3.59 5.59
N LYS A 54 10.03 2.48 5.06
CA LYS A 54 8.80 2.52 4.34
C LYS A 54 7.60 2.43 5.21
N TRP A 55 7.75 2.04 6.49
CA TRP A 55 6.82 2.31 7.54
C TRP A 55 6.81 3.77 7.87
N GLU A 56 7.95 4.47 7.83
CA GLU A 56 8.02 5.89 8.03
C GLU A 56 7.40 6.66 6.91
N ALA A 57 7.39 6.08 5.69
CA ALA A 57 6.66 6.57 4.57
C ALA A 57 5.18 6.45 4.72
N TRP A 58 4.71 5.50 5.54
CA TRP A 58 3.34 5.32 5.91
C TRP A 58 2.96 6.26 6.99
N GLU A 59 3.79 6.37 8.06
CA GLU A 59 3.72 7.27 9.16
C GLU A 59 3.61 8.71 8.81
N ASN A 60 4.18 9.13 7.67
CA ASN A 60 3.97 10.40 7.05
C ASN A 60 2.54 10.73 6.84
N LEU A 61 1.70 9.71 6.61
CA LEU A 61 0.31 9.84 6.27
C LEU A 61 -0.62 9.50 7.38
N LYS A 62 -0.10 9.10 8.55
CA LYS A 62 -0.67 8.40 9.65
C LYS A 62 -2.10 8.49 10.06
N GLY A 63 -2.85 9.56 9.80
CA GLY A 63 -4.27 9.54 10.02
C GLY A 63 -4.94 10.61 9.25
N LYS A 64 -4.40 10.95 8.07
CA LYS A 64 -4.92 12.01 7.26
C LYS A 64 -5.40 11.49 5.96
N SER A 65 -4.53 10.72 5.28
CA SER A 65 -4.63 10.42 3.88
C SER A 65 -5.49 9.25 3.56
N GLN A 66 -6.58 9.02 4.30
CA GLN A 66 -7.77 8.38 3.82
C GLN A 66 -8.48 9.20 2.79
N GLU A 67 -8.04 10.46 2.63
CA GLU A 67 -8.39 11.41 1.63
C GLU A 67 -7.57 11.29 0.41
N ASP A 68 -6.26 10.95 0.52
CA ASP A 68 -5.39 10.73 -0.59
C ASP A 68 -5.28 9.31 -1.04
N ALA A 69 -4.94 8.38 -0.13
CA ALA A 69 -4.68 6.99 -0.38
C ALA A 69 -5.65 6.36 -1.33
N GLU A 70 -6.96 6.50 -1.05
CA GLU A 70 -8.02 6.13 -1.94
C GLU A 70 -7.89 6.46 -3.39
N LYS A 71 -7.51 7.70 -3.74
CA LYS A 71 -7.51 8.30 -5.03
C LYS A 71 -6.21 8.08 -5.75
N GLU A 72 -5.08 8.11 -5.03
CA GLU A 72 -3.80 7.88 -5.63
C GLU A 72 -3.55 6.43 -5.88
N TYR A 73 -4.16 5.53 -5.08
CA TYR A 73 -3.97 4.11 -5.18
C TYR A 73 -4.42 3.54 -6.48
N ILE A 74 -5.65 3.84 -6.94
CA ILE A 74 -6.10 3.36 -8.20
C ILE A 74 -5.22 3.62 -9.37
N ALA A 75 -4.65 4.83 -9.49
CA ALA A 75 -3.79 5.17 -10.60
C ALA A 75 -2.45 4.53 -10.57
N LEU A 76 -2.00 4.03 -9.41
CA LEU A 76 -0.86 3.17 -9.30
C LEU A 76 -1.22 1.79 -9.72
N VAL A 77 -2.26 1.22 -9.09
CA VAL A 77 -2.67 -0.14 -9.15
C VAL A 77 -3.21 -0.51 -10.49
N ASP A 78 -3.74 0.43 -11.30
CA ASP A 78 -4.11 0.13 -12.64
C ASP A 78 -2.96 -0.26 -13.50
N GLN A 79 -1.79 0.35 -13.26
CA GLN A 79 -0.55 0.08 -13.92
C GLN A 79 0.06 -1.20 -13.47
N LEU A 80 -0.19 -1.57 -12.20
CA LEU A 80 0.18 -2.80 -11.59
C LEU A 80 -0.63 -3.92 -12.14
N ILE A 81 -1.97 -3.83 -12.18
CA ILE A 81 -2.83 -4.82 -12.72
C ILE A 81 -2.61 -5.06 -14.17
N ALA A 82 -2.26 -4.02 -14.94
CA ALA A 82 -1.80 -4.16 -16.29
C ALA A 82 -0.58 -4.99 -16.50
N LYS A 83 0.27 -5.17 -15.48
CA LYS A 83 1.30 -6.17 -15.45
C LYS A 83 0.74 -7.44 -14.93
N TYR A 84 -0.01 -7.35 -13.81
CA TYR A 84 -0.13 -8.39 -12.84
C TYR A 84 -1.34 -9.26 -12.94
N SER A 85 -2.40 -8.87 -13.68
CA SER A 85 -3.52 -9.71 -13.94
C SER A 85 -3.19 -11.08 -14.43
N SER A 86 -2.41 -11.19 -15.50
CA SER A 86 -1.81 -12.42 -15.93
C SER A 86 -0.65 -12.06 -16.84
N VAL A 1 -12.02 5.89 -3.85
CA VAL A 1 -12.95 4.74 -3.85
C VAL A 1 -12.50 3.61 -3.00
N SER A 2 -13.03 3.51 -1.76
CA SER A 2 -12.70 2.60 -0.72
C SER A 2 -12.97 1.16 -1.03
N GLN A 3 -14.11 0.85 -1.66
CA GLN A 3 -14.49 -0.50 -1.92
C GLN A 3 -13.62 -1.15 -2.95
N LEU A 4 -13.24 -0.36 -3.97
CA LEU A 4 -12.33 -0.76 -5.00
C LEU A 4 -10.97 -1.01 -4.44
N PHE A 5 -10.52 -0.09 -3.56
CA PHE A 5 -9.30 -0.17 -2.81
C PHE A 5 -9.15 -1.50 -2.16
N GLU A 6 -10.21 -2.02 -1.52
CA GLU A 6 -10.15 -3.26 -0.81
C GLU A 6 -10.19 -4.45 -1.70
N GLU A 7 -10.96 -4.38 -2.80
CA GLU A 7 -11.02 -5.37 -3.83
C GLU A 7 -9.69 -5.58 -4.49
N LYS A 8 -9.04 -4.51 -4.96
CA LYS A 8 -7.80 -4.58 -5.67
C LYS A 8 -6.60 -4.63 -4.79
N ALA A 9 -6.61 -4.16 -3.54
CA ALA A 9 -5.45 -4.24 -2.71
C ALA A 9 -5.10 -5.64 -2.33
N LYS A 10 -6.15 -6.37 -1.91
CA LYS A 10 -6.12 -7.77 -1.60
C LYS A 10 -5.91 -8.63 -2.79
N ALA A 11 -6.10 -8.09 -4.01
CA ALA A 11 -5.59 -8.69 -5.20
C ALA A 11 -4.11 -8.52 -5.24
N VAL A 12 -3.57 -7.29 -5.32
CA VAL A 12 -2.19 -7.02 -5.64
C VAL A 12 -1.23 -7.56 -4.64
N ASN A 13 -1.61 -7.64 -3.35
CA ASN A 13 -0.77 -8.18 -2.34
C ASN A 13 -0.62 -9.65 -2.41
N GLU A 14 -1.49 -10.35 -3.17
CA GLU A 14 -1.47 -11.77 -3.31
C GLU A 14 -1.69 -12.21 -4.72
N LEU A 15 -1.32 -11.39 -5.72
CA LEU A 15 -1.38 -11.70 -7.12
C LEU A 15 -0.33 -12.70 -7.48
N PRO A 16 -0.33 -13.38 -8.59
CA PRO A 16 0.72 -14.30 -8.91
C PRO A 16 1.98 -13.59 -9.25
N THR A 17 1.89 -12.37 -9.80
CA THR A 17 3.01 -11.51 -10.08
C THR A 17 2.99 -10.50 -9.00
N LYS A 18 3.48 -10.90 -7.81
CA LYS A 18 3.53 -10.09 -6.62
C LYS A 18 4.30 -8.83 -6.74
N PRO A 19 4.04 -7.78 -6.02
CA PRO A 19 4.49 -6.46 -6.35
C PRO A 19 5.97 -6.32 -6.25
N SER A 20 6.64 -5.64 -7.19
CA SER A 20 8.07 -5.52 -7.19
C SER A 20 8.58 -4.64 -6.10
N THR A 21 9.87 -4.76 -5.74
CA THR A 21 10.44 -4.37 -4.48
C THR A 21 10.20 -2.96 -4.08
N ASP A 22 10.54 -1.98 -4.93
CA ASP A 22 10.39 -0.59 -4.67
C ASP A 22 8.99 -0.11 -4.86
N GLU A 23 8.15 -0.89 -5.56
CA GLU A 23 6.78 -0.59 -5.87
C GLU A 23 5.92 -0.97 -4.72
N LEU A 24 6.14 -2.16 -4.15
CA LEU A 24 5.57 -2.72 -2.96
C LEU A 24 5.60 -1.83 -1.76
N LEU A 25 6.63 -0.97 -1.59
CA LEU A 25 6.71 -0.08 -0.49
C LEU A 25 5.76 1.07 -0.58
N GLU A 26 5.56 1.65 -1.77
CA GLU A 26 4.64 2.71 -2.02
C GLU A 26 3.25 2.18 -1.97
N LEU A 27 3.06 0.97 -2.51
CA LEU A 27 1.87 0.19 -2.43
C LEU A 27 1.45 -0.09 -1.03
N TYR A 28 2.39 -0.52 -0.15
CA TYR A 28 2.23 -0.64 1.27
C TYR A 28 1.71 0.60 1.90
N ALA A 29 2.37 1.76 1.75
CA ALA A 29 1.99 3.01 2.34
C ALA A 29 0.56 3.37 2.14
N LEU A 30 0.07 3.28 0.89
CA LEU A 30 -1.27 3.59 0.54
C LEU A 30 -2.25 2.55 0.93
N TYR A 31 -1.88 1.26 0.78
CA TYR A 31 -2.64 0.14 1.23
C TYR A 31 -2.94 0.20 2.69
N LYS A 32 -1.88 0.20 3.52
CA LYS A 32 -1.95 0.34 4.95
C LYS A 32 -2.65 1.58 5.36
N GLN A 33 -2.49 2.69 4.63
CA GLN A 33 -3.23 3.90 4.84
C GLN A 33 -4.72 3.77 4.85
N ALA A 34 -5.36 3.32 3.76
CA ALA A 34 -6.78 3.21 3.73
C ALA A 34 -7.29 1.96 4.36
N THR A 35 -6.39 1.01 4.70
CA THR A 35 -6.70 -0.10 5.54
C THR A 35 -7.06 0.35 6.91
N VAL A 36 -6.11 0.91 7.68
CA VAL A 36 -6.38 1.37 9.02
C VAL A 36 -6.85 2.79 9.06
N GLY A 37 -6.11 3.74 8.46
CA GLY A 37 -6.42 5.13 8.45
C GLY A 37 -5.34 5.99 9.03
N ASP A 38 -4.55 5.44 9.97
CA ASP A 38 -3.41 6.08 10.56
C ASP A 38 -2.19 5.26 10.28
N ASN A 39 -0.99 5.76 10.59
CA ASN A 39 0.18 4.95 10.72
C ASN A 39 0.17 4.14 11.98
N ASP A 40 -0.71 3.13 12.01
CA ASP A 40 -1.16 2.50 13.22
C ASP A 40 -0.20 1.52 13.79
N LYS A 41 0.43 0.66 12.96
CA LYS A 41 1.23 -0.41 13.46
C LYS A 41 2.63 0.01 13.77
N GLU A 42 2.83 0.61 14.94
CA GLU A 42 4.05 1.26 15.33
C GLU A 42 5.06 0.32 15.89
N LYS A 43 5.28 -0.81 15.19
CA LYS A 43 6.33 -1.75 15.44
C LYS A 43 6.63 -2.45 14.16
N PRO A 44 7.52 -1.99 13.33
CA PRO A 44 7.99 -2.74 12.20
C PRO A 44 9.03 -3.72 12.62
N GLY A 45 9.58 -4.51 11.68
CA GLY A 45 10.29 -5.72 11.95
C GLY A 45 11.56 -5.72 12.72
N ILE A 46 12.21 -6.88 12.84
CA ILE A 46 13.33 -7.10 13.69
C ILE A 46 14.62 -6.75 13.04
N PHE A 47 14.88 -7.27 11.82
CA PHE A 47 16.04 -7.05 11.01
C PHE A 47 15.85 -5.88 10.11
N ASN A 48 15.03 -4.91 10.54
CA ASN A 48 14.35 -3.98 9.70
C ASN A 48 15.15 -3.07 8.83
N MET A 49 15.02 -3.27 7.51
CA MET A 49 15.54 -2.41 6.50
C MET A 49 14.40 -2.06 5.60
N LYS A 50 13.81 -3.04 4.90
CA LYS A 50 12.68 -2.89 4.05
C LYS A 50 11.47 -2.36 4.73
N ASP A 51 11.15 -2.85 5.95
CA ASP A 51 10.08 -2.36 6.76
C ASP A 51 10.24 -0.94 7.18
N ARG A 52 11.48 -0.43 7.31
CA ARG A 52 11.69 0.96 7.61
C ARG A 52 11.27 1.85 6.49
N TYR A 53 11.64 1.53 5.24
CA TYR A 53 11.20 2.23 4.07
C TYR A 53 9.73 2.26 3.92
N LYS A 54 9.06 1.09 4.06
CA LYS A 54 7.64 0.94 4.10
C LYS A 54 6.96 1.79 5.13
N TRP A 55 7.37 1.68 6.41
CA TRP A 55 6.75 2.38 7.49
C TRP A 55 7.01 3.85 7.47
N GLU A 56 8.16 4.30 6.94
CA GLU A 56 8.52 5.66 6.73
C GLU A 56 7.71 6.32 5.68
N ALA A 57 7.42 5.58 4.58
CA ALA A 57 6.60 6.04 3.52
C ALA A 57 5.16 6.16 3.93
N TRP A 58 4.77 5.36 4.94
CA TRP A 58 3.49 5.33 5.57
C TRP A 58 3.33 6.46 6.54
N GLU A 59 4.34 6.71 7.39
CA GLU A 59 4.49 7.79 8.31
C GLU A 59 4.46 9.14 7.66
N ASN A 60 4.74 9.21 6.35
CA ASN A 60 4.54 10.36 5.52
C ASN A 60 3.11 10.78 5.44
N LEU A 61 2.17 9.82 5.57
CA LEU A 61 0.77 10.02 5.37
C LEU A 61 -0.02 9.87 6.62
N LYS A 62 0.69 9.78 7.76
CA LYS A 62 0.33 9.36 9.08
C LYS A 62 -1.06 9.46 9.62
N GLY A 63 -1.89 10.46 9.27
CA GLY A 63 -3.27 10.37 9.64
C GLY A 63 -4.16 11.23 8.81
N LYS A 64 -3.85 11.44 7.52
CA LYS A 64 -4.73 12.17 6.66
C LYS A 64 -5.23 11.30 5.57
N SER A 65 -4.34 10.48 4.98
CA SER A 65 -4.59 9.90 3.70
C SER A 65 -5.31 8.60 3.76
N GLN A 66 -6.40 8.44 4.55
CA GLN A 66 -7.37 7.43 4.33
C GLN A 66 -8.20 7.82 3.15
N GLU A 67 -8.46 9.14 3.09
CA GLU A 67 -9.25 9.87 2.15
C GLU A 67 -8.54 9.97 0.84
N ASP A 68 -7.23 10.28 0.89
CA ASP A 68 -6.39 10.29 -0.28
C ASP A 68 -6.05 8.92 -0.74
N ALA A 69 -5.62 8.01 0.16
CA ALA A 69 -5.33 6.65 -0.22
C ALA A 69 -6.30 5.98 -1.13
N GLU A 70 -7.59 5.83 -0.78
CA GLU A 70 -8.60 5.37 -1.68
C GLU A 70 -8.72 5.94 -3.04
N LYS A 71 -8.36 7.21 -3.30
CA LYS A 71 -8.31 7.87 -4.57
C LYS A 71 -7.02 7.72 -5.30
N GLU A 72 -5.88 7.68 -4.57
CA GLU A 72 -4.59 7.43 -5.13
C GLU A 72 -4.44 5.99 -5.49
N TYR A 73 -5.12 5.10 -4.75
CA TYR A 73 -4.88 3.69 -4.77
C TYR A 73 -5.27 3.06 -6.07
N ILE A 74 -6.50 3.35 -6.54
CA ILE A 74 -6.96 3.07 -7.87
C ILE A 74 -5.96 3.33 -8.93
N ALA A 75 -5.29 4.49 -8.93
CA ALA A 75 -4.36 4.89 -9.94
C ALA A 75 -3.09 4.09 -9.94
N LEU A 76 -2.42 3.95 -8.78
CA LEU A 76 -1.21 3.18 -8.70
C LEU A 76 -1.41 1.72 -8.92
N VAL A 77 -2.46 1.12 -8.31
CA VAL A 77 -2.81 -0.26 -8.48
C VAL A 77 -3.24 -0.54 -9.88
N ASP A 78 -3.75 0.43 -10.67
CA ASP A 78 -3.98 0.19 -12.06
C ASP A 78 -2.74 -0.12 -12.83
N GLN A 79 -1.65 0.62 -12.56
CA GLN A 79 -0.37 0.39 -13.13
C GLN A 79 0.25 -0.90 -12.70
N LEU A 80 -0.07 -1.35 -11.48
CA LEU A 80 0.34 -2.60 -10.92
C LEU A 80 -0.39 -3.72 -11.59
N ILE A 81 -1.74 -3.72 -11.58
CA ILE A 81 -2.58 -4.73 -12.15
C ILE A 81 -2.35 -4.96 -13.60
N ALA A 82 -2.11 -3.88 -14.37
CA ALA A 82 -1.73 -3.96 -15.75
C ALA A 82 -0.55 -4.81 -16.04
N LYS A 83 0.46 -4.82 -15.14
CA LYS A 83 1.59 -5.69 -15.22
C LYS A 83 1.31 -7.00 -14.56
N TYR A 84 0.59 -6.99 -13.42
CA TYR A 84 0.65 -8.04 -12.45
C TYR A 84 -0.48 -9.00 -12.51
N SER A 85 -1.60 -8.66 -13.18
CA SER A 85 -2.69 -9.54 -13.44
C SER A 85 -2.37 -10.90 -13.97
N SER A 86 -1.63 -11.01 -15.08
CA SER A 86 -1.10 -12.24 -15.60
C SER A 86 -0.01 -11.93 -16.60
N VAL A 1 -12.87 6.92 -3.14
CA VAL A 1 -13.48 5.58 -2.92
C VAL A 1 -12.54 4.57 -2.38
N SER A 2 -12.56 4.39 -1.04
CA SER A 2 -11.96 3.35 -0.28
C SER A 2 -12.45 1.99 -0.66
N GLN A 3 -13.74 1.86 -1.04
CA GLN A 3 -14.26 0.61 -1.49
C GLN A 3 -13.64 0.10 -2.75
N LEU A 4 -13.37 0.97 -3.74
CA LEU A 4 -12.70 0.65 -4.96
C LEU A 4 -11.35 0.10 -4.73
N PHE A 5 -10.65 0.84 -3.84
CA PHE A 5 -9.35 0.62 -3.32
C PHE A 5 -9.28 -0.76 -2.75
N GLU A 6 -10.32 -1.17 -2.01
CA GLU A 6 -10.39 -2.44 -1.34
C GLU A 6 -10.59 -3.58 -2.28
N GLU A 7 -11.42 -3.46 -3.33
CA GLU A 7 -11.65 -4.53 -4.24
C GLU A 7 -10.38 -4.96 -4.91
N LYS A 8 -9.61 -3.93 -5.32
CA LYS A 8 -8.42 -4.09 -6.10
C LYS A 8 -7.18 -4.23 -5.28
N ALA A 9 -7.12 -3.76 -4.03
CA ALA A 9 -5.99 -3.94 -3.18
C ALA A 9 -5.76 -5.36 -2.77
N LYS A 10 -6.88 -5.99 -2.38
CA LYS A 10 -7.02 -7.39 -2.12
C LYS A 10 -6.70 -8.25 -3.28
N ALA A 11 -6.71 -7.70 -4.51
CA ALA A 11 -6.24 -8.38 -5.69
C ALA A 11 -4.76 -8.29 -5.77
N VAL A 12 -4.15 -7.09 -5.82
CA VAL A 12 -2.76 -6.91 -6.10
C VAL A 12 -1.86 -7.54 -5.09
N ASN A 13 -2.33 -7.74 -3.85
CA ASN A 13 -1.56 -8.42 -2.86
C ASN A 13 -1.48 -9.90 -3.04
N GLU A 14 -2.30 -10.48 -3.93
CA GLU A 14 -2.31 -11.90 -4.18
C GLU A 14 -2.59 -12.21 -5.60
N LEU A 15 -2.21 -11.33 -6.55
CA LEU A 15 -2.33 -11.54 -7.96
C LEU A 15 -1.34 -12.55 -8.41
N PRO A 16 -1.51 -13.25 -9.49
CA PRO A 16 -0.63 -14.32 -9.87
C PRO A 16 0.68 -13.79 -10.34
N THR A 17 0.69 -12.53 -10.82
CA THR A 17 1.86 -11.76 -11.09
C THR A 17 1.97 -10.83 -9.92
N LYS A 18 2.55 -11.37 -8.84
CA LYS A 18 2.80 -10.72 -7.59
C LYS A 18 3.61 -9.48 -7.70
N PRO A 19 3.48 -8.46 -6.89
CA PRO A 19 4.00 -7.15 -7.17
C PRO A 19 5.48 -7.06 -7.26
N SER A 20 6.05 -6.04 -7.92
CA SER A 20 7.46 -5.85 -8.01
C SER A 20 8.08 -5.34 -6.76
N THR A 21 9.41 -5.50 -6.61
CA THR A 21 10.10 -5.51 -5.35
C THR A 21 10.09 -4.25 -4.57
N ASP A 22 10.59 -3.11 -5.06
CA ASP A 22 10.54 -1.85 -4.37
C ASP A 22 9.19 -1.22 -4.48
N GLU A 23 8.43 -1.60 -5.52
CA GLU A 23 7.15 -1.06 -5.88
C GLU A 23 6.06 -1.49 -4.95
N LEU A 24 6.13 -2.74 -4.43
CA LEU A 24 5.32 -3.27 -3.38
C LEU A 24 5.26 -2.45 -2.14
N LEU A 25 6.38 -1.84 -1.71
CA LEU A 25 6.48 -1.14 -0.47
C LEU A 25 5.88 0.22 -0.48
N GLU A 26 5.91 0.93 -1.62
CA GLU A 26 5.12 2.12 -1.79
C GLU A 26 3.67 1.85 -1.92
N LEU A 27 3.29 0.68 -2.49
CA LEU A 27 1.97 0.16 -2.61
C LEU A 27 1.40 -0.20 -1.28
N TYR A 28 2.20 -0.84 -0.40
CA TYR A 28 1.97 -1.09 0.98
C TYR A 28 1.49 0.13 1.71
N ALA A 29 2.23 1.25 1.65
CA ALA A 29 1.90 2.47 2.33
C ALA A 29 0.51 2.95 2.08
N LEU A 30 0.07 2.97 0.81
CA LEU A 30 -1.27 3.32 0.47
C LEU A 30 -2.31 2.34 0.93
N TYR A 31 -2.06 1.04 0.70
CA TYR A 31 -2.90 -0.05 1.07
C TYR A 31 -3.17 -0.05 2.54
N LYS A 32 -2.11 -0.05 3.36
CA LYS A 32 -2.17 0.13 4.78
C LYS A 32 -2.84 1.40 5.19
N GLN A 33 -2.62 2.52 4.48
CA GLN A 33 -3.23 3.78 4.76
C GLN A 33 -4.72 3.74 4.86
N ALA A 34 -5.43 3.35 3.78
CA ALA A 34 -6.85 3.33 3.83
C ALA A 34 -7.43 2.03 4.28
N THR A 35 -6.64 0.96 4.43
CA THR A 35 -7.08 -0.23 5.11
C THR A 35 -7.36 -0.01 6.55
N VAL A 36 -6.36 0.42 7.35
CA VAL A 36 -6.55 0.69 8.74
C VAL A 36 -6.98 2.08 9.04
N GLY A 37 -6.50 3.09 8.29
CA GLY A 37 -6.87 4.46 8.46
C GLY A 37 -5.93 5.27 9.28
N ASP A 38 -5.13 4.64 10.15
CA ASP A 38 -4.13 5.30 10.93
C ASP A 38 -2.82 4.63 10.66
N ASN A 39 -1.69 5.27 11.00
CA ASN A 39 -0.48 4.56 11.27
C ASN A 39 -0.54 3.56 12.38
N ASP A 40 -1.00 2.34 12.08
CA ASP A 40 -1.41 1.35 13.03
C ASP A 40 -0.31 0.60 13.70
N LYS A 41 0.48 -0.19 12.95
CA LYS A 41 1.49 -1.06 13.49
C LYS A 41 2.78 -0.35 13.75
N GLU A 42 2.88 0.37 14.88
CA GLU A 42 4.03 1.16 15.21
C GLU A 42 5.10 0.36 15.88
N LYS A 43 5.48 -0.73 15.19
CA LYS A 43 6.64 -1.52 15.45
C LYS A 43 7.00 -2.16 14.15
N PRO A 44 7.76 -1.56 13.29
CA PRO A 44 8.59 -2.29 12.37
C PRO A 44 9.78 -2.79 13.12
N GLY A 45 10.57 -3.73 12.58
CA GLY A 45 11.54 -4.40 13.39
C GLY A 45 12.78 -3.63 13.70
N ILE A 46 13.80 -4.34 14.23
CA ILE A 46 14.89 -3.74 14.91
C ILE A 46 16.13 -3.77 14.09
N PHE A 47 16.39 -4.92 13.43
CA PHE A 47 17.37 -5.10 12.40
C PHE A 47 16.72 -4.97 11.07
N ASN A 48 15.46 -4.52 11.04
CA ASN A 48 14.66 -4.35 9.86
C ASN A 48 14.95 -3.07 9.15
N MET A 49 16.08 -3.03 8.43
CA MET A 49 16.58 -1.87 7.76
C MET A 49 15.81 -1.44 6.56
N LYS A 50 14.87 -2.26 6.05
CA LYS A 50 13.94 -1.87 5.05
C LYS A 50 12.71 -1.31 5.69
N ASP A 51 12.05 -2.09 6.57
CA ASP A 51 10.82 -1.78 7.21
C ASP A 51 10.86 -0.51 8.02
N ARG A 52 12.01 -0.14 8.60
CA ARG A 52 12.20 1.12 9.27
C ARG A 52 11.90 2.33 8.45
N TYR A 53 12.39 2.38 7.19
CA TYR A 53 12.14 3.44 6.28
C TYR A 53 10.78 3.33 5.68
N LYS A 54 10.38 2.10 5.31
CA LYS A 54 9.17 1.80 4.61
C LYS A 54 7.93 1.94 5.44
N TRP A 55 7.98 1.62 6.75
CA TRP A 55 6.92 1.95 7.66
C TRP A 55 6.81 3.42 7.86
N GLU A 56 7.92 4.17 7.75
CA GLU A 56 7.92 5.60 7.83
C GLU A 56 7.38 6.23 6.59
N ALA A 57 7.44 5.53 5.44
CA ALA A 57 6.77 5.92 4.23
C ALA A 57 5.29 5.81 4.33
N TRP A 58 4.81 4.97 5.26
CA TRP A 58 3.43 4.81 5.62
C TRP A 58 3.05 5.86 6.60
N GLU A 59 3.78 5.96 7.72
CA GLU A 59 3.55 6.81 8.85
C GLU A 59 3.63 8.27 8.56
N ASN A 60 4.29 8.68 7.47
CA ASN A 60 4.27 10.01 6.97
C ASN A 60 2.89 10.45 6.57
N LEU A 61 2.03 9.53 6.13
CA LEU A 61 0.65 9.78 5.83
C LEU A 61 -0.27 9.27 6.88
N LYS A 62 0.21 9.24 8.13
CA LYS A 62 -0.47 8.88 9.35
C LYS A 62 -1.94 9.02 9.50
N GLY A 63 -2.54 10.15 9.10
CA GLY A 63 -3.91 10.50 9.39
C GLY A 63 -4.65 11.20 8.30
N LYS A 64 -4.01 11.60 7.19
CA LYS A 64 -4.70 12.12 6.04
C LYS A 64 -4.88 11.05 5.02
N SER A 65 -4.45 9.83 5.42
CA SER A 65 -4.48 8.56 4.78
C SER A 65 -5.66 8.26 3.91
N GLN A 66 -6.88 8.44 4.42
CA GLN A 66 -8.11 8.06 3.78
C GLN A 66 -8.56 9.03 2.76
N GLU A 67 -7.93 10.22 2.69
CA GLU A 67 -8.09 11.15 1.62
C GLU A 67 -7.12 10.82 0.53
N ASP A 68 -5.85 10.54 0.84
CA ASP A 68 -4.87 10.43 -0.20
C ASP A 68 -4.72 9.04 -0.73
N ALA A 69 -4.81 8.00 0.12
CA ALA A 69 -4.70 6.64 -0.31
C ALA A 69 -5.66 6.29 -1.39
N GLU A 70 -6.97 6.38 -1.12
CA GLU A 70 -8.00 6.15 -2.07
C GLU A 70 -7.86 6.70 -3.45
N LYS A 71 -7.41 7.95 -3.61
CA LYS A 71 -7.36 8.67 -4.85
C LYS A 71 -6.11 8.45 -5.62
N GLU A 72 -4.97 8.24 -4.94
CA GLU A 72 -3.77 7.85 -5.61
C GLU A 72 -3.79 6.40 -5.97
N TYR A 73 -4.41 5.55 -5.12
CA TYR A 73 -4.42 4.12 -5.25
C TYR A 73 -5.00 3.60 -6.53
N ILE A 74 -6.23 4.03 -6.87
CA ILE A 74 -6.86 3.75 -8.14
C ILE A 74 -5.96 3.79 -9.32
N ALA A 75 -5.22 4.89 -9.52
CA ALA A 75 -4.38 5.07 -10.67
C ALA A 75 -3.13 4.26 -10.67
N LEU A 76 -2.45 4.10 -9.53
CA LEU A 76 -1.29 3.27 -9.46
C LEU A 76 -1.59 1.81 -9.57
N VAL A 77 -2.62 1.30 -8.86
CA VAL A 77 -3.08 -0.05 -8.95
C VAL A 77 -3.57 -0.39 -10.31
N ASP A 78 -4.15 0.55 -11.07
CA ASP A 78 -4.52 0.29 -12.43
C ASP A 78 -3.39 -0.12 -13.30
N GLN A 79 -2.23 0.55 -13.13
CA GLN A 79 -1.01 0.30 -13.82
C GLN A 79 -0.29 -0.90 -13.32
N LEU A 80 -0.53 -1.32 -12.06
CA LEU A 80 -0.17 -2.60 -11.53
C LEU A 80 -0.94 -3.65 -12.24
N ILE A 81 -2.28 -3.62 -12.18
CA ILE A 81 -3.16 -4.63 -12.69
C ILE A 81 -3.11 -4.79 -14.17
N ALA A 82 -2.86 -3.71 -14.93
CA ALA A 82 -2.57 -3.80 -16.33
C ALA A 82 -1.49 -4.75 -16.69
N LYS A 83 -0.45 -4.85 -15.84
CA LYS A 83 0.62 -5.78 -15.98
C LYS A 83 0.28 -7.06 -15.29
N TYR A 84 -0.34 -6.98 -14.11
CA TYR A 84 -0.34 -8.04 -13.15
C TYR A 84 -1.55 -8.91 -13.16
N SER A 85 -2.63 -8.52 -13.86
CA SER A 85 -3.80 -9.32 -14.09
C SER A 85 -3.54 -10.67 -14.65
N SER A 86 -2.87 -10.76 -15.82
CA SER A 86 -2.41 -12.00 -16.35
C SER A 86 -1.05 -11.81 -17.03
N VAL A 1 -12.46 6.09 -3.67
CA VAL A 1 -13.22 4.82 -3.73
C VAL A 1 -12.66 3.75 -2.86
N SER A 2 -13.11 3.67 -1.60
CA SER A 2 -12.58 2.86 -0.55
C SER A 2 -13.01 1.43 -0.63
N GLN A 3 -14.15 1.12 -1.28
CA GLN A 3 -14.50 -0.24 -1.55
C GLN A 3 -13.72 -0.83 -2.67
N LEU A 4 -13.48 -0.03 -3.71
CA LEU A 4 -12.72 -0.43 -4.86
C LEU A 4 -11.31 -0.73 -4.51
N PHE A 5 -10.79 0.10 -3.59
CA PHE A 5 -9.53 -0.06 -2.93
C PHE A 5 -9.32 -1.45 -2.43
N GLU A 6 -10.35 -2.05 -1.81
CA GLU A 6 -10.25 -3.36 -1.25
C GLU A 6 -10.34 -4.42 -2.28
N GLU A 7 -11.21 -4.24 -3.29
CA GLU A 7 -11.33 -5.10 -4.43
C GLU A 7 -10.06 -5.27 -5.17
N LYS A 8 -9.38 -4.17 -5.52
CA LYS A 8 -8.12 -4.23 -6.20
C LYS A 8 -6.97 -4.56 -5.31
N ALA A 9 -6.95 -4.16 -4.03
CA ALA A 9 -5.82 -4.39 -3.18
C ALA A 9 -5.56 -5.83 -2.87
N LYS A 10 -6.65 -6.54 -2.53
CA LYS A 10 -6.63 -7.96 -2.30
C LYS A 10 -6.34 -8.76 -3.52
N ALA A 11 -6.46 -8.17 -4.73
CA ALA A 11 -5.90 -8.74 -5.92
C ALA A 11 -4.41 -8.61 -5.89
N VAL A 12 -3.87 -7.38 -5.80
CA VAL A 12 -2.47 -7.12 -6.02
C VAL A 12 -1.58 -7.77 -5.01
N ASN A 13 -2.04 -7.92 -3.76
CA ASN A 13 -1.27 -8.53 -2.72
C ASN A 13 -1.12 -10.00 -2.86
N GLU A 14 -1.88 -10.64 -3.78
CA GLU A 14 -1.89 -12.05 -3.98
C GLU A 14 -1.98 -12.41 -5.43
N LEU A 15 -1.62 -11.50 -6.35
CA LEU A 15 -1.64 -11.71 -7.76
C LEU A 15 -0.51 -12.62 -8.16
N PRO A 16 -0.46 -13.29 -9.27
CA PRO A 16 0.60 -14.21 -9.55
C PRO A 16 1.86 -13.51 -9.90
N THR A 17 1.79 -12.24 -10.36
CA THR A 17 2.90 -11.39 -10.62
C THR A 17 2.82 -10.41 -9.49
N LYS A 18 3.36 -10.84 -8.34
CA LYS A 18 3.31 -10.11 -7.11
C LYS A 18 4.01 -8.78 -7.15
N PRO A 19 3.70 -7.80 -6.37
CA PRO A 19 4.16 -6.47 -6.60
C PRO A 19 5.63 -6.31 -6.44
N SER A 20 6.28 -5.37 -7.17
CA SER A 20 7.69 -5.15 -7.10
C SER A 20 8.08 -4.32 -5.92
N THR A 21 9.31 -4.46 -5.44
CA THR A 21 9.71 -4.15 -4.10
C THR A 21 9.87 -2.70 -3.77
N ASP A 22 10.30 -1.86 -4.72
CA ASP A 22 10.42 -0.44 -4.55
C ASP A 22 9.10 0.20 -4.75
N GLU A 23 8.26 -0.38 -5.62
CA GLU A 23 6.89 0.01 -5.84
C GLU A 23 6.07 -0.28 -4.64
N LEU A 24 6.33 -1.39 -3.93
CA LEU A 24 5.80 -1.70 -2.64
C LEU A 24 6.00 -0.69 -1.57
N LEU A 25 6.94 0.27 -1.67
CA LEU A 25 7.01 1.36 -0.76
C LEU A 25 5.91 2.35 -0.94
N GLU A 26 5.57 2.62 -2.22
CA GLU A 26 4.39 3.35 -2.59
C GLU A 26 3.16 2.59 -2.25
N LEU A 27 3.03 1.33 -2.70
CA LEU A 27 1.87 0.52 -2.53
C LEU A 27 1.56 0.12 -1.13
N TYR A 28 2.55 -0.18 -0.26
CA TYR A 28 2.36 -0.44 1.13
C TYR A 28 1.79 0.76 1.82
N ALA A 29 2.42 1.94 1.72
CA ALA A 29 1.98 3.13 2.37
C ALA A 29 0.55 3.47 2.09
N LEU A 30 0.14 3.31 0.82
CA LEU A 30 -1.21 3.47 0.39
C LEU A 30 -2.16 2.41 0.82
N TYR A 31 -1.87 1.12 0.60
CA TYR A 31 -2.68 0.02 1.04
C TYR A 31 -2.92 0.04 2.51
N LYS A 32 -1.85 0.17 3.31
CA LYS A 32 -1.91 0.31 4.74
C LYS A 32 -2.62 1.56 5.17
N GLN A 33 -2.52 2.67 4.42
CA GLN A 33 -3.32 3.83 4.64
C GLN A 33 -4.79 3.60 4.61
N ALA A 34 -5.35 3.15 3.47
CA ALA A 34 -6.76 2.92 3.39
C ALA A 34 -7.26 1.65 3.96
N THR A 35 -6.43 0.65 4.32
CA THR A 35 -6.90 -0.41 5.16
C THR A 35 -7.09 0.05 6.56
N VAL A 36 -6.10 0.72 7.18
CA VAL A 36 -6.17 1.09 8.56
C VAL A 36 -6.86 2.40 8.74
N GLY A 37 -6.22 3.46 8.22
CA GLY A 37 -6.58 4.84 8.32
C GLY A 37 -5.70 5.60 9.26
N ASP A 38 -4.90 4.88 10.05
CA ASP A 38 -3.85 5.39 10.89
C ASP A 38 -2.61 4.64 10.53
N ASN A 39 -1.41 5.21 10.72
CA ASN A 39 -0.21 4.44 10.83
C ASN A 39 -0.19 3.51 12.00
N ASP A 40 -0.47 2.22 11.75
CA ASP A 40 -0.85 1.24 12.72
C ASP A 40 0.26 0.72 13.57
N LYS A 41 1.13 -0.13 13.01
CA LYS A 41 2.16 -0.84 13.71
C LYS A 41 3.39 -0.04 13.93
N GLU A 42 3.38 0.82 14.98
CA GLU A 42 4.38 1.77 15.33
C GLU A 42 5.57 1.20 15.99
N LYS A 43 6.07 0.05 15.46
CA LYS A 43 7.30 -0.56 15.84
C LYS A 43 7.74 -1.47 14.75
N PRO A 44 8.38 -1.03 13.70
CA PRO A 44 8.99 -1.91 12.75
C PRO A 44 10.21 -2.53 13.34
N GLY A 45 10.73 -3.64 12.79
CA GLY A 45 11.60 -4.51 13.52
C GLY A 45 13.02 -4.11 13.73
N ILE A 46 13.81 -5.08 14.21
CA ILE A 46 15.15 -4.92 14.71
C ILE A 46 16.09 -5.57 13.76
N PHE A 47 15.71 -6.76 13.26
CA PHE A 47 16.32 -7.45 12.17
C PHE A 47 15.55 -7.17 10.93
N ASN A 48 14.53 -6.30 10.99
CA ASN A 48 13.83 -5.80 9.85
C ASN A 48 14.52 -4.61 9.29
N MET A 49 15.10 -4.72 8.07
CA MET A 49 15.66 -3.61 7.37
C MET A 49 14.64 -3.00 6.48
N LYS A 50 13.69 -3.82 5.98
CA LYS A 50 12.78 -3.43 4.96
C LYS A 50 11.57 -2.74 5.49
N ASP A 51 10.96 -3.24 6.59
CA ASP A 51 9.83 -2.67 7.25
C ASP A 51 10.06 -1.28 7.71
N ARG A 52 11.30 -0.94 8.10
CA ARG A 52 11.75 0.39 8.38
C ARG A 52 11.47 1.38 7.30
N TYR A 53 11.62 1.01 6.02
CA TYR A 53 11.33 1.85 4.90
C TYR A 53 9.87 2.00 4.66
N LYS A 54 9.15 0.86 4.67
CA LYS A 54 7.73 0.74 4.52
C LYS A 54 6.96 1.58 5.49
N TRP A 55 7.29 1.46 6.79
CA TRP A 55 6.62 2.15 7.84
C TRP A 55 6.92 3.61 7.86
N GLU A 56 8.12 4.02 7.39
CA GLU A 56 8.50 5.39 7.26
C GLU A 56 7.73 6.08 6.18
N ALA A 57 7.49 5.39 5.07
CA ALA A 57 6.68 5.84 3.98
C ALA A 57 5.26 6.01 4.38
N TRP A 58 4.77 5.12 5.26
CA TRP A 58 3.45 5.16 5.82
C TRP A 58 3.25 6.24 6.82
N GLU A 59 4.26 6.51 7.67
CA GLU A 59 4.29 7.55 8.66
C GLU A 59 4.24 8.92 8.08
N ASN A 60 4.60 9.13 6.80
CA ASN A 60 4.32 10.34 6.10
C ASN A 60 2.85 10.57 5.92
N LEU A 61 2.07 9.52 5.68
CA LEU A 61 0.67 9.63 5.39
C LEU A 61 -0.20 9.49 6.59
N LYS A 62 0.41 9.38 7.78
CA LYS A 62 -0.06 8.88 9.04
C LYS A 62 -1.51 8.91 9.41
N GLY A 63 -2.27 9.97 9.08
CA GLY A 63 -3.68 9.97 9.29
C GLY A 63 -4.35 11.01 8.46
N LYS A 64 -3.80 11.35 7.29
CA LYS A 64 -4.47 12.24 6.39
C LYS A 64 -4.79 11.54 5.11
N SER A 65 -3.73 11.10 4.39
CA SER A 65 -3.83 10.55 3.08
C SER A 65 -4.42 9.19 3.00
N GLN A 66 -5.39 8.88 3.88
CA GLN A 66 -6.48 7.96 3.78
C GLN A 66 -7.45 8.45 2.77
N GLU A 67 -7.67 9.77 2.79
CA GLU A 67 -8.56 10.57 2.01
C GLU A 67 -8.09 10.63 0.60
N ASP A 68 -6.75 10.65 0.45
CA ASP A 68 -6.06 10.43 -0.78
C ASP A 68 -5.98 8.98 -1.12
N ALA A 69 -5.59 8.09 -0.18
CA ALA A 69 -5.41 6.70 -0.44
C ALA A 69 -6.45 6.04 -1.28
N GLU A 70 -7.72 6.02 -0.83
CA GLU A 70 -8.80 5.54 -1.62
C GLU A 70 -9.02 6.08 -2.99
N LYS A 71 -8.56 7.30 -3.36
CA LYS A 71 -8.54 7.86 -4.67
C LYS A 71 -7.31 7.57 -5.45
N GLU A 72 -6.14 7.63 -4.81
CA GLU A 72 -4.86 7.40 -5.42
C GLU A 72 -4.69 5.95 -5.78
N TYR A 73 -5.31 5.05 -4.99
CA TYR A 73 -5.01 3.66 -5.04
C TYR A 73 -5.47 3.01 -6.31
N ILE A 74 -6.72 3.26 -6.71
CA ILE A 74 -7.26 2.89 -7.98
C ILE A 74 -6.32 3.12 -9.12
N ALA A 75 -5.73 4.33 -9.22
CA ALA A 75 -4.83 4.67 -10.28
C ALA A 75 -3.51 3.97 -10.23
N LEU A 76 -2.89 3.85 -9.05
CA LEU A 76 -1.66 3.15 -8.84
C LEU A 76 -1.72 1.72 -9.23
N VAL A 77 -2.82 1.06 -8.81
CA VAL A 77 -3.04 -0.35 -8.93
C VAL A 77 -3.54 -0.71 -10.29
N ASP A 78 -4.21 0.19 -11.04
CA ASP A 78 -4.50 -0.11 -12.40
C ASP A 78 -3.29 -0.19 -13.27
N GLN A 79 -2.24 0.55 -12.93
CA GLN A 79 -0.94 0.46 -13.53
C GLN A 79 -0.22 -0.80 -13.19
N LEU A 80 -0.42 -1.35 -11.98
CA LEU A 80 0.10 -2.61 -11.54
C LEU A 80 -0.61 -3.73 -12.23
N ILE A 81 -1.95 -3.80 -12.13
CA ILE A 81 -2.76 -4.85 -12.65
C ILE A 81 -2.64 -5.01 -14.13
N ALA A 82 -2.46 -3.90 -14.88
CA ALA A 82 -2.17 -3.94 -16.28
C ALA A 82 -0.99 -4.77 -16.64
N LYS A 83 0.05 -4.79 -15.80
CA LYS A 83 1.20 -5.62 -15.96
C LYS A 83 0.99 -6.97 -15.34
N TYR A 84 0.28 -7.02 -14.20
CA TYR A 84 0.42 -8.05 -13.22
C TYR A 84 -0.74 -8.98 -13.11
N SER A 85 -1.91 -8.69 -13.67
CA SER A 85 -3.10 -9.48 -13.66
C SER A 85 -2.89 -10.95 -13.90
N SER A 86 -2.25 -11.30 -15.02
CA SER A 86 -1.72 -12.61 -15.23
C SER A 86 -0.59 -12.50 -16.25
N VAL A 1 -13.89 5.77 -3.35
CA VAL A 1 -12.91 4.84 -3.93
C VAL A 1 -12.32 3.89 -2.93
N SER A 2 -12.58 4.06 -1.62
CA SER A 2 -12.25 3.18 -0.53
C SER A 2 -12.79 1.80 -0.68
N GLN A 3 -13.91 1.65 -1.41
CA GLN A 3 -14.41 0.37 -1.83
C GLN A 3 -13.50 -0.34 -2.78
N LEU A 4 -13.17 0.30 -3.91
CA LEU A 4 -12.30 -0.18 -4.94
C LEU A 4 -10.98 -0.60 -4.39
N PHE A 5 -10.44 0.31 -3.57
CA PHE A 5 -9.19 0.22 -2.85
C PHE A 5 -9.02 -1.11 -2.19
N GLU A 6 -10.05 -1.59 -1.49
CA GLU A 6 -9.99 -2.83 -0.77
C GLU A 6 -10.18 -4.02 -1.63
N GLU A 7 -10.95 -3.94 -2.73
CA GLU A 7 -11.04 -5.03 -3.65
C GLU A 7 -9.74 -5.28 -4.35
N LYS A 8 -9.16 -4.19 -4.86
CA LYS A 8 -7.99 -4.21 -5.70
C LYS A 8 -6.72 -4.39 -4.92
N ALA A 9 -6.64 -3.94 -3.66
CA ALA A 9 -5.47 -4.10 -2.87
C ALA A 9 -5.16 -5.51 -2.53
N LYS A 10 -6.21 -6.24 -2.12
CA LYS A 10 -6.21 -7.64 -1.83
C LYS A 10 -5.93 -8.49 -3.01
N ALA A 11 -6.14 -7.97 -4.24
CA ALA A 11 -5.70 -8.60 -5.45
C ALA A 11 -4.22 -8.44 -5.60
N VAL A 12 -3.67 -7.22 -5.60
CA VAL A 12 -2.31 -6.95 -5.94
C VAL A 12 -1.31 -7.54 -5.00
N ASN A 13 -1.68 -7.77 -3.73
CA ASN A 13 -0.81 -8.46 -2.83
C ASN A 13 -0.65 -9.91 -3.15
N GLU A 14 -1.68 -10.54 -3.73
CA GLU A 14 -1.78 -11.95 -3.96
C GLU A 14 -1.96 -12.27 -5.40
N LEU A 15 -1.47 -11.42 -6.32
CA LEU A 15 -1.38 -11.69 -7.71
C LEU A 15 -0.31 -12.67 -8.02
N PRO A 16 -0.21 -13.28 -9.15
CA PRO A 16 0.84 -14.21 -9.46
C PRO A 16 2.11 -13.49 -9.77
N THR A 17 1.99 -12.26 -10.31
CA THR A 17 3.07 -11.34 -10.48
C THR A 17 2.93 -10.45 -9.29
N LYS A 18 3.52 -10.94 -8.18
CA LYS A 18 3.53 -10.28 -6.90
C LYS A 18 4.24 -8.98 -6.91
N PRO A 19 4.07 -8.09 -5.97
CA PRO A 19 4.50 -6.73 -6.14
C PRO A 19 5.98 -6.54 -6.23
N SER A 20 6.42 -5.60 -7.08
CA SER A 20 7.80 -5.24 -7.25
C SER A 20 8.32 -4.51 -6.05
N THR A 21 9.61 -4.64 -5.72
CA THR A 21 10.11 -4.37 -4.41
C THR A 21 10.11 -2.93 -3.97
N ASP A 22 10.35 -1.97 -4.89
CA ASP A 22 10.28 -0.57 -4.61
C ASP A 22 8.88 -0.04 -4.71
N GLU A 23 8.00 -0.73 -5.46
CA GLU A 23 6.61 -0.40 -5.57
C GLU A 23 5.86 -0.80 -4.35
N LEU A 24 6.10 -2.02 -3.82
CA LEU A 24 5.59 -2.55 -2.60
C LEU A 24 5.65 -1.65 -1.41
N LEU A 25 6.71 -0.81 -1.28
CA LEU A 25 6.81 0.24 -0.32
C LEU A 25 5.70 1.23 -0.32
N GLU A 26 5.43 1.81 -1.50
CA GLU A 26 4.37 2.73 -1.72
C GLU A 26 3.03 2.10 -1.67
N LEU A 27 2.89 0.89 -2.24
CA LEU A 27 1.67 0.15 -2.26
C LEU A 27 1.26 -0.35 -0.92
N TYR A 28 2.21 -0.72 -0.03
CA TYR A 28 2.01 -0.91 1.37
C TYR A 28 1.49 0.34 2.01
N ALA A 29 2.18 1.48 1.85
CA ALA A 29 1.84 2.72 2.48
C ALA A 29 0.42 3.10 2.27
N LEU A 30 -0.02 3.16 1.00
CA LEU A 30 -1.40 3.38 0.67
C LEU A 30 -2.37 2.34 1.11
N TYR A 31 -2.05 1.04 0.94
CA TYR A 31 -2.86 -0.06 1.36
C TYR A 31 -3.14 0.00 2.83
N LYS A 32 -2.08 0.12 3.65
CA LYS A 32 -2.17 0.31 5.06
C LYS A 32 -2.88 1.56 5.44
N GLN A 33 -2.69 2.66 4.69
CA GLN A 33 -3.31 3.93 4.93
C GLN A 33 -4.80 3.89 4.96
N ALA A 34 -5.47 3.41 3.90
CA ALA A 34 -6.90 3.38 3.88
C ALA A 34 -7.46 2.08 4.33
N THR A 35 -6.63 1.09 4.70
CA THR A 35 -7.11 -0.01 5.48
C THR A 35 -7.44 0.44 6.86
N VAL A 36 -6.47 0.99 7.61
CA VAL A 36 -6.69 1.40 8.97
C VAL A 36 -7.19 2.79 9.13
N GLY A 37 -6.61 3.77 8.42
CA GLY A 37 -6.95 5.16 8.45
C GLY A 37 -6.07 6.01 9.29
N ASP A 38 -4.92 5.47 9.73
CA ASP A 38 -3.86 6.17 10.42
C ASP A 38 -2.60 5.51 9.98
N ASN A 39 -1.43 5.97 10.45
CA ASN A 39 -0.33 5.08 10.71
C ASN A 39 -0.55 4.31 11.97
N ASP A 40 -0.59 2.98 11.88
CA ASP A 40 -1.03 2.14 12.96
C ASP A 40 0.11 1.51 13.70
N LYS A 41 0.70 0.42 13.16
CA LYS A 41 1.63 -0.43 13.83
C LYS A 41 2.99 0.13 14.02
N GLU A 42 3.16 0.96 15.08
CA GLU A 42 4.39 1.63 15.40
C GLU A 42 5.34 0.71 16.11
N LYS A 43 5.73 -0.36 15.41
CA LYS A 43 6.88 -1.16 15.70
C LYS A 43 7.29 -1.94 14.50
N PRO A 44 7.92 -1.43 13.48
CA PRO A 44 8.53 -2.25 12.47
C PRO A 44 9.80 -2.82 12.99
N GLY A 45 10.43 -3.81 12.33
CA GLY A 45 11.51 -4.53 12.93
C GLY A 45 12.81 -3.81 13.01
N ILE A 46 13.85 -4.54 13.44
CA ILE A 46 15.12 -4.00 13.85
C ILE A 46 16.11 -4.19 12.75
N PHE A 47 16.20 -5.42 12.23
CA PHE A 47 16.89 -5.80 11.03
C PHE A 47 15.86 -6.13 10.01
N ASN A 48 14.70 -5.44 10.05
CA ASN A 48 13.71 -5.48 9.02
C ASN A 48 13.93 -4.32 8.12
N MET A 49 14.67 -4.50 7.01
CA MET A 49 14.99 -3.42 6.13
C MET A 49 13.78 -2.96 5.39
N LYS A 50 12.98 -3.93 4.90
CA LYS A 50 11.76 -3.73 4.18
C LYS A 50 10.74 -2.96 4.94
N ASP A 51 10.38 -3.41 6.15
CA ASP A 51 9.41 -2.78 6.99
C ASP A 51 9.82 -1.44 7.49
N ARG A 52 11.12 -1.17 7.72
CA ARG A 52 11.58 0.15 8.00
C ARG A 52 11.33 1.15 6.93
N TYR A 53 11.54 0.80 5.65
CA TYR A 53 11.21 1.62 4.52
C TYR A 53 9.74 1.82 4.36
N LYS A 54 8.96 0.73 4.42
CA LYS A 54 7.53 0.75 4.33
C LYS A 54 6.88 1.60 5.36
N TRP A 55 7.29 1.50 6.63
CA TRP A 55 6.67 2.21 7.71
C TRP A 55 6.95 3.67 7.67
N GLU A 56 8.12 4.12 7.18
CA GLU A 56 8.38 5.50 6.95
C GLU A 56 7.56 6.04 5.82
N ALA A 57 7.34 5.24 4.75
CA ALA A 57 6.52 5.63 3.65
C ALA A 57 5.09 5.78 4.03
N TRP A 58 4.66 5.06 5.08
CA TRP A 58 3.36 5.07 5.66
C TRP A 58 3.18 6.24 6.58
N GLU A 59 4.14 6.46 7.50
CA GLU A 59 4.25 7.52 8.44
C GLU A 59 4.22 8.87 7.79
N ASN A 60 4.72 8.98 6.55
CA ASN A 60 4.52 10.15 5.73
C ASN A 60 3.10 10.61 5.61
N LEU A 61 2.13 9.69 5.55
CA LEU A 61 0.74 10.01 5.45
C LEU A 61 -0.01 9.52 6.64
N LYS A 62 0.62 9.62 7.82
CA LYS A 62 0.12 9.33 9.14
C LYS A 62 -1.28 9.66 9.55
N GLY A 63 -1.83 10.83 9.20
CA GLY A 63 -3.11 11.27 9.67
C GLY A 63 -4.17 11.26 8.63
N LYS A 64 -3.86 11.75 7.41
CA LYS A 64 -4.86 12.05 6.43
C LYS A 64 -5.07 10.91 5.49
N SER A 65 -4.58 9.74 5.94
CA SER A 65 -4.40 8.47 5.31
C SER A 65 -5.52 7.95 4.48
N GLN A 66 -6.75 7.92 5.05
CA GLN A 66 -7.88 7.25 4.50
C GLN A 66 -8.35 7.85 3.23
N GLU A 67 -8.24 9.19 3.16
CA GLU A 67 -8.63 10.02 2.05
C GLU A 67 -7.61 9.96 0.97
N ASP A 68 -6.31 10.03 1.32
CA ASP A 68 -5.32 10.23 0.31
C ASP A 68 -4.77 8.94 -0.18
N ALA A 69 -4.99 7.83 0.53
CA ALA A 69 -4.81 6.54 -0.07
C ALA A 69 -5.76 6.25 -1.17
N GLU A 70 -7.09 6.20 -0.91
CA GLU A 70 -8.07 5.81 -1.87
C GLU A 70 -7.98 6.35 -3.26
N LYS A 71 -7.71 7.66 -3.43
CA LYS A 71 -7.77 8.33 -4.70
C LYS A 71 -6.49 8.28 -5.47
N GLU A 72 -5.37 8.04 -4.77
CA GLU A 72 -4.11 7.81 -5.42
C GLU A 72 -3.91 6.36 -5.70
N TYR A 73 -4.53 5.47 -4.92
CA TYR A 73 -4.38 4.05 -5.03
C TYR A 73 -4.91 3.47 -6.31
N ILE A 74 -6.14 3.83 -6.69
CA ILE A 74 -6.73 3.51 -7.97
C ILE A 74 -5.81 3.58 -9.14
N ALA A 75 -5.12 4.72 -9.32
CA ALA A 75 -4.24 4.96 -10.43
C ALA A 75 -2.92 4.28 -10.36
N LEU A 76 -2.45 3.87 -9.17
CA LEU A 76 -1.34 3.00 -9.04
C LEU A 76 -1.71 1.62 -9.46
N VAL A 77 -2.76 1.06 -8.83
CA VAL A 77 -3.11 -0.32 -8.91
C VAL A 77 -3.61 -0.68 -10.27
N ASP A 78 -4.19 0.25 -11.05
CA ASP A 78 -4.51 -0.06 -12.41
C ASP A 78 -3.31 -0.36 -13.25
N GLN A 79 -2.22 0.41 -13.06
CA GLN A 79 -0.97 0.21 -13.74
C GLN A 79 -0.22 -0.97 -13.25
N LEU A 80 -0.42 -1.37 -11.98
CA LEU A 80 0.05 -2.60 -11.44
C LEU A 80 -0.65 -3.73 -12.12
N ILE A 81 -1.99 -3.82 -12.00
CA ILE A 81 -2.81 -4.86 -12.53
C ILE A 81 -2.62 -5.11 -13.99
N ALA A 82 -2.48 -4.04 -14.81
CA ALA A 82 -2.15 -4.14 -16.19
C ALA A 82 -0.93 -4.96 -16.50
N LYS A 83 0.11 -4.87 -15.66
CA LYS A 83 1.27 -5.70 -15.74
C LYS A 83 1.13 -6.97 -14.96
N TYR A 84 0.50 -6.90 -13.77
CA TYR A 84 0.57 -7.91 -12.75
C TYR A 84 -0.43 -8.99 -12.94
N SER A 85 -1.48 -8.79 -13.74
CA SER A 85 -2.41 -9.81 -14.14
C SER A 85 -1.84 -11.10 -14.62
N SER A 86 -0.99 -11.09 -15.67
CA SER A 86 -0.30 -12.25 -16.14
C SER A 86 0.85 -11.81 -17.03
N VAL A 1 -12.16 6.99 -4.53
CA VAL A 1 -12.85 5.70 -4.37
C VAL A 1 -12.12 4.69 -3.54
N SER A 2 -12.41 4.63 -2.23
CA SER A 2 -12.01 3.65 -1.28
C SER A 2 -12.67 2.33 -1.46
N GLN A 3 -13.80 2.23 -2.17
CA GLN A 3 -14.36 0.97 -2.52
C GLN A 3 -13.54 0.23 -3.53
N LEU A 4 -13.05 0.94 -4.55
CA LEU A 4 -12.17 0.45 -5.56
C LEU A 4 -10.90 -0.03 -4.92
N PHE A 5 -10.35 0.82 -4.05
CA PHE A 5 -9.18 0.58 -3.25
C PHE A 5 -9.18 -0.77 -2.63
N GLU A 6 -10.28 -1.18 -1.96
CA GLU A 6 -10.33 -2.45 -1.30
C GLU A 6 -10.49 -3.58 -2.25
N GLU A 7 -11.29 -3.42 -3.31
CA GLU A 7 -11.47 -4.38 -4.36
C GLU A 7 -10.19 -4.73 -5.04
N LYS A 8 -9.45 -3.70 -5.47
CA LYS A 8 -8.26 -3.82 -6.26
C LYS A 8 -7.04 -4.05 -5.42
N ALA A 9 -6.99 -3.62 -4.15
CA ALA A 9 -5.87 -3.87 -3.30
C ALA A 9 -5.69 -5.31 -2.95
N LYS A 10 -6.81 -5.95 -2.57
CA LYS A 10 -6.88 -7.34 -2.24
C LYS A 10 -6.53 -8.25 -3.35
N ALA A 11 -6.60 -7.76 -4.61
CA ALA A 11 -6.10 -8.42 -5.77
C ALA A 11 -4.61 -8.30 -5.86
N VAL A 12 -4.05 -7.08 -5.89
CA VAL A 12 -2.67 -6.84 -6.14
C VAL A 12 -1.75 -7.42 -5.12
N ASN A 13 -2.22 -7.56 -3.86
CA ASN A 13 -1.44 -8.14 -2.82
C ASN A 13 -1.24 -9.61 -2.92
N GLU A 14 -2.03 -10.32 -3.76
CA GLU A 14 -1.94 -11.73 -3.90
C GLU A 14 -1.93 -12.21 -5.32
N LEU A 15 -1.77 -11.30 -6.30
CA LEU A 15 -1.80 -11.55 -7.71
C LEU A 15 -0.65 -12.40 -8.15
N PRO A 16 -0.70 -13.20 -9.17
CA PRO A 16 0.34 -14.13 -9.48
C PRO A 16 1.51 -13.44 -10.10
N THR A 17 1.33 -12.19 -10.55
CA THR A 17 2.36 -11.31 -11.00
C THR A 17 2.50 -10.35 -9.86
N LYS A 18 3.18 -10.83 -8.80
CA LYS A 18 3.29 -10.19 -7.53
C LYS A 18 3.93 -8.85 -7.60
N PRO A 19 3.68 -7.88 -6.76
CA PRO A 19 4.09 -6.52 -6.98
C PRO A 19 5.57 -6.36 -7.00
N SER A 20 6.14 -5.40 -7.74
CA SER A 20 7.56 -5.28 -7.82
C SER A 20 8.16 -4.78 -6.54
N THR A 21 9.47 -4.98 -6.31
CA THR A 21 10.13 -4.70 -5.07
C THR A 21 10.02 -3.30 -4.59
N ASP A 22 10.26 -2.29 -5.45
CA ASP A 22 10.18 -0.91 -5.09
C ASP A 22 8.77 -0.43 -5.01
N GLU A 23 7.87 -1.07 -5.77
CA GLU A 23 6.45 -0.82 -5.78
C GLU A 23 5.85 -1.22 -4.48
N LEU A 24 6.06 -2.47 -4.03
CA LEU A 24 5.57 -3.05 -2.81
C LEU A 24 5.75 -2.25 -1.57
N LEU A 25 6.81 -1.43 -1.48
CA LEU A 25 7.03 -0.49 -0.42
C LEU A 25 6.00 0.59 -0.34
N GLU A 26 5.74 1.26 -1.48
CA GLU A 26 4.79 2.33 -1.57
C GLU A 26 3.39 1.83 -1.70
N LEU A 27 3.20 0.67 -2.35
CA LEU A 27 1.94 0.00 -2.47
C LEU A 27 1.52 -0.61 -1.18
N TYR A 28 2.46 -0.97 -0.28
CA TYR A 28 2.21 -1.20 1.12
C TYR A 28 1.65 0.02 1.75
N ALA A 29 2.37 1.16 1.69
CA ALA A 29 2.03 2.39 2.34
C ALA A 29 0.62 2.82 2.11
N LEU A 30 0.19 2.92 0.84
CA LEU A 30 -1.16 3.23 0.50
C LEU A 30 -2.19 2.23 0.88
N TYR A 31 -1.92 0.93 0.72
CA TYR A 31 -2.81 -0.13 1.10
C TYR A 31 -3.07 -0.13 2.56
N LYS A 32 -2.00 -0.08 3.36
CA LYS A 32 -2.05 0.09 4.79
C LYS A 32 -2.69 1.37 5.20
N GLN A 33 -2.52 2.47 4.43
CA GLN A 33 -3.16 3.72 4.70
C GLN A 33 -4.64 3.66 4.71
N ALA A 34 -5.29 3.28 3.59
CA ALA A 34 -6.72 3.22 3.58
C ALA A 34 -7.32 1.94 4.05
N THR A 35 -6.57 0.86 4.33
CA THR A 35 -7.12 -0.20 5.11
C THR A 35 -7.29 0.19 6.54
N VAL A 36 -6.23 0.65 7.22
CA VAL A 36 -6.31 1.05 8.59
C VAL A 36 -7.01 2.35 8.73
N GLY A 37 -6.51 3.41 8.08
CA GLY A 37 -7.00 4.75 8.12
C GLY A 37 -6.26 5.62 9.08
N ASP A 38 -5.27 5.01 9.75
CA ASP A 38 -4.35 5.62 10.66
C ASP A 38 -3.05 4.95 10.42
N ASN A 39 -1.93 5.47 10.95
CA ASN A 39 -0.82 4.64 11.31
C ASN A 39 -1.15 3.59 12.31
N ASP A 40 -0.65 2.36 12.11
CA ASP A 40 -1.03 1.24 12.91
C ASP A 40 0.06 0.71 13.77
N LYS A 41 0.91 -0.19 13.24
CA LYS A 41 1.87 -0.92 14.01
C LYS A 41 3.13 -0.15 14.20
N GLU A 42 3.20 0.70 15.24
CA GLU A 42 4.29 1.58 15.48
C GLU A 42 5.46 0.90 16.12
N LYS A 43 5.89 -0.20 15.47
CA LYS A 43 7.09 -0.93 15.72
C LYS A 43 7.42 -1.75 14.51
N PRO A 44 7.97 -1.21 13.46
CA PRO A 44 8.79 -1.96 12.58
C PRO A 44 10.09 -2.25 13.27
N GLY A 45 10.80 -3.33 12.95
CA GLY A 45 11.92 -3.73 13.74
C GLY A 45 13.14 -2.88 13.55
N ILE A 46 14.17 -3.09 14.38
CA ILE A 46 15.20 -2.13 14.63
C ILE A 46 16.34 -2.33 13.70
N PHE A 47 16.68 -3.61 13.47
CA PHE A 47 17.51 -4.09 12.41
C PHE A 47 16.69 -4.35 11.20
N ASN A 48 15.36 -4.16 11.27
CA ASN A 48 14.46 -4.50 10.22
C ASN A 48 14.38 -3.44 9.17
N MET A 49 15.44 -3.28 8.36
CA MET A 49 15.60 -2.22 7.41
C MET A 49 14.46 -2.10 6.45
N LYS A 50 14.03 -3.23 5.86
CA LYS A 50 12.96 -3.28 4.92
C LYS A 50 11.64 -2.90 5.48
N ASP A 51 11.28 -3.35 6.70
CA ASP A 51 10.08 -2.94 7.35
C ASP A 51 10.09 -1.51 7.75
N ARG A 52 11.21 -0.95 8.26
CA ARG A 52 11.30 0.45 8.52
C ARG A 52 11.04 1.33 7.35
N TYR A 53 11.58 1.02 6.16
CA TYR A 53 11.34 1.78 4.96
C TYR A 53 9.90 1.86 4.57
N LYS A 54 9.21 0.72 4.51
CA LYS A 54 7.83 0.68 4.14
C LYS A 54 6.91 1.21 5.19
N TRP A 55 7.24 1.02 6.48
CA TRP A 55 6.48 1.57 7.57
C TRP A 55 6.63 3.05 7.67
N GLU A 56 7.81 3.63 7.43
CA GLU A 56 8.00 5.05 7.37
C GLU A 56 7.31 5.67 6.19
N ALA A 57 7.25 4.95 5.06
CA ALA A 57 6.53 5.39 3.90
C ALA A 57 5.06 5.49 4.14
N TRP A 58 4.57 4.72 5.13
CA TRP A 58 3.21 4.68 5.59
C TRP A 58 2.94 5.76 6.56
N GLU A 59 3.73 5.86 7.63
CA GLU A 59 3.76 6.81 8.70
C GLU A 59 3.88 8.23 8.27
N ASN A 60 4.43 8.52 7.07
CA ASN A 60 4.33 9.82 6.48
C ASN A 60 2.93 10.27 6.27
N LEU A 61 1.98 9.34 6.02
CA LEU A 61 0.59 9.64 5.84
C LEU A 61 -0.24 8.99 6.91
N LYS A 62 0.26 9.02 8.15
CA LYS A 62 -0.37 8.61 9.36
C LYS A 62 -1.74 9.07 9.72
N GLY A 63 -2.19 10.24 9.25
CA GLY A 63 -3.43 10.86 9.66
C GLY A 63 -4.41 10.98 8.56
N LYS A 64 -3.98 11.44 7.36
CA LYS A 64 -4.86 11.77 6.29
C LYS A 64 -5.03 10.64 5.33
N SER A 65 -4.62 9.44 5.79
CA SER A 65 -4.50 8.19 5.08
C SER A 65 -5.62 7.81 4.19
N GLN A 66 -6.87 7.87 4.69
CA GLN A 66 -8.05 7.50 3.97
C GLN A 66 -8.52 8.50 2.98
N GLU A 67 -7.94 9.72 3.01
CA GLU A 67 -8.20 10.74 2.04
C GLU A 67 -7.29 10.52 0.88
N ASP A 68 -5.98 10.36 1.15
CA ASP A 68 -4.99 10.45 0.12
C ASP A 68 -4.68 9.13 -0.50
N ALA A 69 -4.80 8.02 0.24
CA ALA A 69 -4.60 6.70 -0.27
C ALA A 69 -5.46 6.40 -1.45
N GLU A 70 -6.80 6.42 -1.28
CA GLU A 70 -7.72 6.18 -2.34
C GLU A 70 -7.54 6.90 -3.63
N LYS A 71 -7.00 8.13 -3.66
CA LYS A 71 -6.84 8.94 -4.83
C LYS A 71 -5.59 8.67 -5.59
N GLU A 72 -4.49 8.30 -4.90
CA GLU A 72 -3.29 7.88 -5.56
C GLU A 72 -3.36 6.43 -5.88
N TYR A 73 -4.05 5.61 -5.07
CA TYR A 73 -4.03 4.18 -5.19
C TYR A 73 -4.64 3.68 -6.46
N ILE A 74 -5.82 4.19 -6.85
CA ILE A 74 -6.41 4.02 -8.15
C ILE A 74 -5.47 4.06 -9.30
N ALA A 75 -4.69 5.14 -9.47
CA ALA A 75 -3.82 5.32 -10.59
C ALA A 75 -2.60 4.46 -10.56
N LEU A 76 -2.07 4.13 -9.36
CA LEU A 76 -1.02 3.20 -9.18
C LEU A 76 -1.42 1.81 -9.57
N VAL A 77 -2.52 1.31 -8.97
CA VAL A 77 -2.99 -0.03 -9.05
C VAL A 77 -3.55 -0.33 -10.39
N ASP A 78 -4.04 0.66 -11.16
CA ASP A 78 -4.43 0.40 -12.52
C ASP A 78 -3.28 0.02 -13.38
N GLN A 79 -2.09 0.59 -13.12
CA GLN A 79 -0.86 0.25 -13.80
C GLN A 79 -0.28 -1.02 -13.31
N LEU A 80 -0.55 -1.42 -12.05
CA LEU A 80 -0.22 -2.73 -11.54
C LEU A 80 -1.06 -3.73 -12.24
N ILE A 81 -2.40 -3.67 -12.11
CA ILE A 81 -3.34 -4.64 -12.58
C ILE A 81 -3.24 -4.90 -14.04
N ALA A 82 -3.08 -3.85 -14.86
CA ALA A 82 -2.89 -3.96 -16.28
C ALA A 82 -1.73 -4.81 -16.70
N LYS A 83 -0.64 -4.80 -15.91
CA LYS A 83 0.51 -5.63 -16.08
C LYS A 83 0.32 -6.94 -15.39
N TYR A 84 -0.36 -6.95 -14.23
CA TYR A 84 -0.22 -7.99 -13.26
C TYR A 84 -1.35 -8.98 -13.20
N SER A 85 -2.56 -8.64 -13.67
CA SER A 85 -3.69 -9.52 -13.74
C SER A 85 -3.42 -10.92 -14.15
N SER A 86 -2.77 -11.11 -15.31
CA SER A 86 -2.28 -12.38 -15.76
C SER A 86 -1.33 -12.21 -16.93
N VAL A 1 -12.50 6.11 -3.55
CA VAL A 1 -13.52 5.39 -2.76
C VAL A 1 -12.96 4.12 -2.21
N SER A 2 -13.27 3.75 -0.96
CA SER A 2 -12.62 2.73 -0.20
C SER A 2 -13.05 1.34 -0.54
N GLN A 3 -14.03 1.19 -1.45
CA GLN A 3 -14.55 -0.08 -1.87
C GLN A 3 -13.58 -0.77 -2.77
N LEU A 4 -13.26 -0.13 -3.91
CA LEU A 4 -12.32 -0.60 -4.89
C LEU A 4 -10.95 -0.72 -4.33
N PHE A 5 -10.61 0.17 -3.38
CA PHE A 5 -9.38 0.18 -2.64
C PHE A 5 -9.08 -1.16 -2.06
N GLU A 6 -10.00 -1.75 -1.29
CA GLU A 6 -9.79 -3.03 -0.71
C GLU A 6 -9.98 -4.13 -1.71
N GLU A 7 -10.84 -3.92 -2.72
CA GLU A 7 -11.10 -4.85 -3.78
C GLU A 7 -9.89 -5.13 -4.60
N LYS A 8 -9.14 -4.08 -4.98
CA LYS A 8 -7.93 -4.18 -5.73
C LYS A 8 -6.73 -4.42 -4.87
N ALA A 9 -6.72 -4.01 -3.60
CA ALA A 9 -5.59 -4.20 -2.73
C ALA A 9 -5.30 -5.63 -2.40
N LYS A 10 -6.38 -6.31 -1.98
CA LYS A 10 -6.38 -7.71 -1.69
C LYS A 10 -6.12 -8.56 -2.89
N ALA A 11 -6.29 -8.01 -4.10
CA ALA A 11 -5.78 -8.59 -5.31
C ALA A 11 -4.30 -8.42 -5.37
N VAL A 12 -3.76 -7.19 -5.40
CA VAL A 12 -2.38 -6.93 -5.67
C VAL A 12 -1.44 -7.49 -4.66
N ASN A 13 -1.86 -7.59 -3.38
CA ASN A 13 -1.03 -8.18 -2.38
C ASN A 13 -0.92 -9.66 -2.50
N GLU A 14 -1.74 -10.30 -3.36
CA GLU A 14 -1.75 -11.71 -3.56
C GLU A 14 -2.03 -12.08 -4.98
N LEU A 15 -1.52 -11.29 -5.94
CA LEU A 15 -1.51 -11.60 -7.34
C LEU A 15 -0.55 -12.69 -7.64
N PRO A 16 -0.48 -13.31 -8.78
CA PRO A 16 0.53 -14.30 -9.04
C PRO A 16 1.85 -13.67 -9.30
N THR A 17 1.82 -12.43 -9.82
CA THR A 17 2.95 -11.60 -10.07
C THR A 17 2.89 -10.55 -9.01
N LYS A 18 3.28 -10.95 -7.79
CA LYS A 18 3.25 -10.13 -6.60
C LYS A 18 4.09 -8.91 -6.65
N PRO A 19 3.87 -7.87 -5.89
CA PRO A 19 4.38 -6.57 -6.22
C PRO A 19 5.85 -6.44 -6.12
N SER A 20 6.48 -5.64 -7.02
CA SER A 20 7.88 -5.37 -6.98
C SER A 20 8.22 -4.28 -6.02
N THR A 21 9.45 -4.30 -5.47
CA THR A 21 9.89 -3.61 -4.29
C THR A 21 9.67 -2.14 -4.25
N ASP A 22 10.13 -1.37 -5.25
CA ASP A 22 10.02 0.05 -5.27
C ASP A 22 8.64 0.56 -5.47
N GLU A 23 7.71 -0.34 -5.87
CA GLU A 23 6.31 -0.08 -5.97
C GLU A 23 5.70 -0.35 -4.65
N LEU A 24 5.89 -1.57 -4.12
CA LEU A 24 5.40 -2.10 -2.89
C LEU A 24 5.44 -1.19 -1.70
N LEU A 25 6.56 -0.49 -1.47
CA LEU A 25 6.71 0.51 -0.44
C LEU A 25 5.65 1.54 -0.38
N GLU A 26 5.43 2.26 -1.50
CA GLU A 26 4.41 3.27 -1.60
C GLU A 26 3.04 2.69 -1.65
N LEU A 27 2.87 1.53 -2.29
CA LEU A 27 1.61 0.83 -2.36
C LEU A 27 1.13 0.36 -1.04
N TYR A 28 2.02 -0.17 -0.18
CA TYR A 28 1.81 -0.45 1.20
C TYR A 28 1.32 0.75 1.94
N ALA A 29 1.97 1.92 1.78
CA ALA A 29 1.60 3.12 2.48
C ALA A 29 0.18 3.52 2.27
N LEU A 30 -0.29 3.51 1.01
CA LEU A 30 -1.67 3.71 0.70
C LEU A 30 -2.59 2.63 1.18
N TYR A 31 -2.28 1.36 0.90
CA TYR A 31 -3.02 0.21 1.30
C TYR A 31 -3.29 0.21 2.76
N LYS A 32 -2.24 0.38 3.57
CA LYS A 32 -2.33 0.52 4.99
C LYS A 32 -2.96 1.80 5.40
N GLN A 33 -2.93 2.89 4.63
CA GLN A 33 -3.68 4.06 4.95
C GLN A 33 -5.16 3.91 4.98
N ALA A 34 -5.80 3.41 3.91
CA ALA A 34 -7.23 3.28 3.92
C ALA A 34 -7.68 1.93 4.36
N THR A 35 -6.76 1.01 4.68
CA THR A 35 -7.06 -0.10 5.52
C THR A 35 -7.23 0.34 6.94
N VAL A 36 -6.21 0.94 7.57
CA VAL A 36 -6.23 1.32 8.95
C VAL A 36 -6.85 2.65 9.19
N GLY A 37 -6.27 3.73 8.62
CA GLY A 37 -6.65 5.09 8.79
C GLY A 37 -5.75 5.86 9.69
N ASP A 38 -4.83 5.17 10.38
CA ASP A 38 -3.75 5.70 11.15
C ASP A 38 -2.55 4.94 10.69
N ASN A 39 -1.31 5.45 10.87
CA ASN A 39 -0.21 4.55 11.02
C ASN A 39 -0.34 3.63 12.17
N ASP A 40 -0.33 2.31 11.96
CA ASP A 40 -0.75 1.34 12.93
C ASP A 40 0.38 0.81 13.75
N LYS A 41 1.13 -0.17 13.21
CA LYS A 41 2.11 -0.94 13.91
C LYS A 41 3.40 -0.21 14.10
N GLU A 42 3.49 0.58 15.19
CA GLU A 42 4.57 1.44 15.52
C GLU A 42 5.71 0.69 16.13
N LYS A 43 6.09 -0.39 15.43
CA LYS A 43 7.27 -1.19 15.60
C LYS A 43 7.47 -1.95 14.34
N PRO A 44 8.13 -1.46 13.33
CA PRO A 44 8.73 -2.29 12.32
C PRO A 44 9.92 -2.96 12.91
N GLY A 45 10.43 -4.07 12.35
CA GLY A 45 11.38 -4.88 13.06
C GLY A 45 12.78 -4.41 13.15
N ILE A 46 13.69 -5.35 13.46
CA ILE A 46 15.00 -5.04 13.96
C ILE A 46 16.02 -5.12 12.88
N PHE A 47 16.04 -6.23 12.12
CA PHE A 47 16.79 -6.41 10.91
C PHE A 47 15.94 -6.10 9.73
N ASN A 48 14.67 -5.75 9.98
CA ASN A 48 13.64 -5.61 8.99
C ASN A 48 13.69 -4.35 8.20
N MET A 49 14.69 -4.20 7.31
CA MET A 49 14.92 -3.06 6.48
C MET A 49 13.74 -2.67 5.64
N LYS A 50 13.11 -3.64 4.96
CA LYS A 50 11.94 -3.42 4.18
C LYS A 50 10.77 -2.93 4.96
N ASP A 51 10.47 -3.50 6.14
CA ASP A 51 9.46 -3.01 7.03
C ASP A 51 9.71 -1.63 7.52
N ARG A 52 10.96 -1.30 7.89
CA ARG A 52 11.36 0.01 8.28
C ARG A 52 11.20 1.04 7.21
N TYR A 53 11.52 0.73 5.95
CA TYR A 53 11.24 1.58 4.83
C TYR A 53 9.78 1.82 4.62
N LYS A 54 8.96 0.76 4.53
CA LYS A 54 7.57 0.88 4.22
C LYS A 54 6.76 1.51 5.30
N TRP A 55 7.14 1.34 6.59
CA TRP A 55 6.51 2.03 7.67
C TRP A 55 6.83 3.48 7.70
N GLU A 56 8.03 3.91 7.28
CA GLU A 56 8.36 5.30 7.09
C GLU A 56 7.62 5.91 5.97
N ALA A 57 7.37 5.15 4.88
CA ALA A 57 6.59 5.57 3.77
C ALA A 57 5.15 5.78 4.11
N TRP A 58 4.66 5.04 5.11
CA TRP A 58 3.36 5.14 5.68
C TRP A 58 3.23 6.28 6.63
N GLU A 59 4.27 6.54 7.44
CA GLU A 59 4.37 7.65 8.34
C GLU A 59 4.46 8.97 7.65
N ASN A 60 4.73 9.03 6.33
CA ASN A 60 4.53 10.22 5.57
C ASN A 60 3.11 10.52 5.29
N LEU A 61 2.18 9.56 5.45
CA LEU A 61 0.78 9.73 5.16
C LEU A 61 -0.09 9.74 6.36
N LYS A 62 0.47 9.30 7.50
CA LYS A 62 -0.10 8.72 8.68
C LYS A 62 -1.48 9.00 9.18
N GLY A 63 -2.06 10.19 9.00
CA GLY A 63 -3.41 10.41 9.39
C GLY A 63 -4.11 11.32 8.43
N LYS A 64 -3.53 11.54 7.24
CA LYS A 64 -4.13 12.43 6.28
C LYS A 64 -4.65 11.61 5.15
N SER A 65 -3.73 10.92 4.47
CA SER A 65 -3.91 10.44 3.14
C SER A 65 -4.55 9.09 3.08
N GLN A 66 -5.60 8.86 3.89
CA GLN A 66 -6.61 7.86 3.68
C GLN A 66 -7.51 8.37 2.62
N GLU A 67 -7.76 9.69 2.66
CA GLU A 67 -8.59 10.47 1.78
C GLU A 67 -8.00 10.56 0.40
N ASP A 68 -6.66 10.42 0.33
CA ASP A 68 -5.94 10.18 -0.88
C ASP A 68 -5.85 8.73 -1.20
N ALA A 69 -5.47 7.86 -0.23
CA ALA A 69 -5.37 6.45 -0.42
C ALA A 69 -6.48 5.82 -1.19
N GLU A 70 -7.73 5.92 -0.71
CA GLU A 70 -8.90 5.49 -1.41
C GLU A 70 -9.09 5.87 -2.84
N LYS A 71 -8.57 7.01 -3.32
CA LYS A 71 -8.54 7.42 -4.69
C LYS A 71 -7.34 6.97 -5.44
N GLU A 72 -6.15 7.43 -4.96
CA GLU A 72 -4.91 7.28 -5.65
C GLU A 72 -4.44 5.87 -5.68
N TYR A 73 -4.96 5.00 -4.79
CA TYR A 73 -4.59 3.62 -4.79
C TYR A 73 -4.96 2.93 -6.06
N ILE A 74 -6.21 3.01 -6.53
CA ILE A 74 -6.52 2.41 -7.80
C ILE A 74 -5.76 2.92 -8.97
N ALA A 75 -5.37 4.21 -8.99
CA ALA A 75 -4.54 4.74 -10.03
C ALA A 75 -3.16 4.18 -10.07
N LEU A 76 -2.55 3.91 -8.90
CA LEU A 76 -1.30 3.22 -8.80
C LEU A 76 -1.42 1.79 -9.16
N VAL A 77 -2.48 1.12 -8.68
CA VAL A 77 -2.75 -0.27 -8.79
C VAL A 77 -3.10 -0.63 -10.19
N ASP A 78 -3.60 0.30 -11.02
CA ASP A 78 -3.75 0.06 -12.43
C ASP A 78 -2.46 -0.17 -13.11
N GLN A 79 -1.40 0.56 -12.71
CA GLN A 79 -0.06 0.39 -13.20
C GLN A 79 0.61 -0.83 -12.66
N LEU A 80 0.13 -1.40 -11.54
CA LEU A 80 0.51 -2.67 -11.02
C LEU A 80 -0.12 -3.73 -11.85
N ILE A 81 -1.47 -3.76 -11.91
CA ILE A 81 -2.30 -4.69 -12.62
C ILE A 81 -1.96 -4.83 -14.06
N ALA A 82 -1.57 -3.72 -14.72
CA ALA A 82 -1.05 -3.68 -16.05
C ALA A 82 0.07 -4.62 -16.32
N LYS A 83 0.95 -4.87 -15.34
CA LYS A 83 1.85 -5.99 -15.34
C LYS A 83 1.24 -7.20 -14.74
N TYR A 84 0.66 -7.05 -13.52
CA TYR A 84 0.58 -8.09 -12.53
C TYR A 84 -0.64 -8.95 -12.60
N SER A 85 -1.68 -8.53 -13.34
CA SER A 85 -2.88 -9.27 -13.58
C SER A 85 -2.66 -10.69 -13.98
N SER A 86 -1.87 -10.89 -15.05
CA SER A 86 -1.43 -12.18 -15.48
C SER A 86 -0.24 -11.99 -16.40
N VAL A 1 -13.46 7.23 -3.36
CA VAL A 1 -13.87 6.21 -2.36
C VAL A 1 -13.02 4.99 -2.30
N SER A 2 -13.07 4.28 -1.17
CA SER A 2 -12.31 3.12 -0.79
C SER A 2 -12.91 1.83 -1.22
N GLN A 3 -13.99 1.82 -2.03
CA GLN A 3 -14.55 0.63 -2.57
C GLN A 3 -13.61 -0.02 -3.52
N LEU A 4 -13.15 0.75 -4.53
CA LEU A 4 -12.22 0.40 -5.57
C LEU A 4 -10.88 0.06 -5.02
N PHE A 5 -10.49 0.78 -3.95
CA PHE A 5 -9.28 0.58 -3.21
C PHE A 5 -9.18 -0.85 -2.78
N GLU A 6 -10.18 -1.38 -2.08
CA GLU A 6 -10.17 -2.75 -1.67
C GLU A 6 -10.45 -3.68 -2.79
N GLU A 7 -11.30 -3.30 -3.76
CA GLU A 7 -11.70 -4.07 -4.90
C GLU A 7 -10.53 -4.46 -5.74
N LYS A 8 -9.57 -3.55 -5.95
CA LYS A 8 -8.33 -3.89 -6.58
C LYS A 8 -7.25 -4.29 -5.65
N ALA A 9 -7.14 -3.77 -4.40
CA ALA A 9 -6.06 -4.09 -3.53
C ALA A 9 -5.97 -5.53 -3.15
N LYS A 10 -7.15 -6.11 -2.87
CA LYS A 10 -7.30 -7.50 -2.54
C LYS A 10 -6.98 -8.40 -3.67
N ALA A 11 -6.92 -7.87 -4.91
CA ALA A 11 -6.30 -8.53 -6.02
C ALA A 11 -4.81 -8.43 -5.97
N VAL A 12 -4.22 -7.23 -5.85
CA VAL A 12 -2.81 -7.00 -5.92
C VAL A 12 -2.03 -7.62 -4.82
N ASN A 13 -2.66 -7.82 -3.64
CA ASN A 13 -2.06 -8.47 -2.51
C ASN A 13 -1.81 -9.92 -2.71
N GLU A 14 -2.35 -10.52 -3.79
CA GLU A 14 -2.04 -11.85 -4.18
C GLU A 14 -2.28 -12.05 -5.64
N LEU A 15 -1.78 -11.12 -6.47
CA LEU A 15 -1.86 -11.16 -7.89
C LEU A 15 -1.01 -12.25 -8.44
N PRO A 16 -1.21 -12.85 -9.58
CA PRO A 16 -0.35 -13.89 -10.05
C PRO A 16 0.91 -13.33 -10.62
N THR A 17 0.92 -12.03 -10.98
CA THR A 17 2.07 -11.31 -11.43
C THR A 17 2.20 -10.30 -10.33
N LYS A 18 2.74 -10.76 -9.19
CA LYS A 18 2.84 -10.01 -7.97
C LYS A 18 3.50 -8.68 -8.11
N PRO A 19 3.18 -7.67 -7.34
CA PRO A 19 3.69 -6.36 -7.49
C PRO A 19 5.18 -6.27 -7.38
N SER A 20 5.85 -5.36 -8.11
CA SER A 20 7.27 -5.41 -8.23
C SER A 20 7.99 -4.99 -6.99
N THR A 21 9.31 -5.23 -6.91
CA THR A 21 10.09 -5.21 -5.72
C THR A 21 10.12 -3.92 -4.99
N ASP A 22 10.26 -2.78 -5.71
CA ASP A 22 10.16 -1.46 -5.17
C ASP A 22 8.77 -0.97 -5.07
N GLU A 23 7.81 -1.57 -5.81
CA GLU A 23 6.45 -1.16 -5.85
C GLU A 23 5.72 -1.61 -4.62
N LEU A 24 5.87 -2.88 -4.24
CA LEU A 24 5.32 -3.55 -3.09
C LEU A 24 5.40 -2.83 -1.80
N LEU A 25 6.41 -1.95 -1.64
CA LEU A 25 6.68 -1.10 -0.52
C LEU A 25 5.82 0.11 -0.49
N GLU A 26 5.73 0.84 -1.61
CA GLU A 26 4.84 1.94 -1.82
C GLU A 26 3.40 1.52 -1.83
N LEU A 27 3.11 0.36 -2.45
CA LEU A 27 1.82 -0.25 -2.49
C LEU A 27 1.38 -0.75 -1.15
N TYR A 28 2.31 -1.12 -0.25
CA TYR A 28 2.07 -1.32 1.14
C TYR A 28 1.58 -0.08 1.79
N ALA A 29 2.31 1.06 1.72
CA ALA A 29 1.99 2.28 2.37
C ALA A 29 0.60 2.77 2.12
N LEU A 30 0.13 2.73 0.86
CA LEU A 30 -1.23 3.08 0.55
C LEU A 30 -2.26 2.08 0.95
N TYR A 31 -1.99 0.78 0.73
CA TYR A 31 -2.91 -0.26 1.10
C TYR A 31 -3.13 -0.28 2.57
N LYS A 32 -2.05 -0.29 3.38
CA LYS A 32 -2.09 -0.09 4.79
C LYS A 32 -2.73 1.21 5.18
N GLN A 33 -2.50 2.31 4.45
CA GLN A 33 -3.15 3.56 4.73
C GLN A 33 -4.64 3.48 4.83
N ALA A 34 -5.35 3.08 3.76
CA ALA A 34 -6.77 3.08 3.84
C ALA A 34 -7.34 1.82 4.38
N THR A 35 -6.57 0.71 4.49
CA THR A 35 -7.01 -0.45 5.17
C THR A 35 -7.22 -0.22 6.63
N VAL A 36 -6.18 0.19 7.38
CA VAL A 36 -6.31 0.48 8.78
C VAL A 36 -6.71 1.88 9.08
N GLY A 37 -6.34 2.87 8.26
CA GLY A 37 -6.83 4.21 8.34
C GLY A 37 -5.97 5.19 9.06
N ASP A 38 -4.88 4.73 9.68
CA ASP A 38 -3.91 5.56 10.34
C ASP A 38 -2.57 4.95 10.10
N ASN A 39 -1.48 5.64 10.49
CA ASN A 39 -0.25 5.01 10.83
C ASN A 39 -0.35 4.08 11.99
N ASP A 40 -0.60 2.79 11.74
CA ASP A 40 -1.07 1.88 12.74
C ASP A 40 0.01 1.26 13.58
N LYS A 41 0.91 0.45 13.00
CA LYS A 41 1.84 -0.32 13.76
C LYS A 41 3.11 0.42 14.01
N GLU A 42 3.13 1.31 15.02
CA GLU A 42 4.11 2.32 15.26
C GLU A 42 5.44 1.86 15.75
N LYS A 43 5.76 0.57 15.50
CA LYS A 43 6.95 -0.09 15.91
C LYS A 43 7.24 -1.14 14.88
N PRO A 44 8.08 -0.90 13.92
CA PRO A 44 8.66 -1.95 13.12
C PRO A 44 9.73 -2.65 13.88
N GLY A 45 10.41 -3.65 13.28
CA GLY A 45 11.40 -4.43 13.98
C GLY A 45 12.65 -3.68 14.26
N ILE A 46 13.62 -4.36 14.91
CA ILE A 46 14.76 -3.74 15.51
C ILE A 46 15.88 -3.81 14.54
N PHE A 47 16.05 -4.98 13.91
CA PHE A 47 16.96 -5.22 12.83
C PHE A 47 16.20 -5.26 11.55
N ASN A 48 14.91 -4.87 11.53
CA ASN A 48 14.12 -4.84 10.34
C ASN A 48 14.48 -3.67 9.49
N MET A 49 15.48 -3.85 8.62
CA MET A 49 16.12 -2.82 7.86
C MET A 49 15.24 -2.28 6.78
N LYS A 50 14.29 -3.08 6.28
CA LYS A 50 13.29 -2.64 5.36
C LYS A 50 12.24 -1.83 6.03
N ASP A 51 11.54 -2.38 7.04
CA ASP A 51 10.44 -1.74 7.68
C ASP A 51 10.78 -0.50 8.42
N ARG A 52 12.00 -0.35 8.95
CA ARG A 52 12.47 0.88 9.49
C ARG A 52 12.38 2.06 8.59
N TYR A 53 12.60 1.89 7.27
CA TYR A 53 12.40 2.94 6.31
C TYR A 53 10.98 2.99 5.84
N LYS A 54 10.40 1.84 5.46
CA LYS A 54 9.17 1.82 4.75
C LYS A 54 7.96 1.98 5.61
N TRP A 55 8.06 1.80 6.94
CA TRP A 55 7.07 2.23 7.87
C TRP A 55 7.08 3.72 7.99
N GLU A 56 8.24 4.38 7.85
CA GLU A 56 8.32 5.80 7.77
C GLU A 56 7.78 6.33 6.49
N ALA A 57 7.84 5.55 5.40
CA ALA A 57 7.15 5.85 4.17
C ALA A 57 5.67 5.76 4.28
N TRP A 58 5.15 5.07 5.32
CA TRP A 58 3.76 4.92 5.62
C TRP A 58 3.32 6.04 6.49
N GLU A 59 3.99 6.32 7.62
CA GLU A 59 3.68 7.41 8.51
C GLU A 59 3.86 8.77 7.94
N ASN A 60 4.50 8.88 6.76
CA ASN A 60 4.44 10.01 5.90
C ASN A 60 3.05 10.47 5.62
N LEU A 61 2.09 9.52 5.49
CA LEU A 61 0.69 9.76 5.33
C LEU A 61 -0.12 9.23 6.45
N LYS A 62 0.39 9.40 7.68
CA LYS A 62 -0.20 9.15 8.95
C LYS A 62 -1.65 9.34 9.24
N GLY A 63 -2.33 10.41 8.77
CA GLY A 63 -3.62 10.75 9.28
C GLY A 63 -4.58 11.13 8.20
N LYS A 64 -4.08 11.40 6.99
CA LYS A 64 -4.86 11.74 5.85
C LYS A 64 -4.99 10.56 4.96
N SER A 65 -4.70 9.38 5.53
CA SER A 65 -4.65 8.08 4.94
C SER A 65 -5.85 7.67 4.17
N GLN A 66 -7.05 7.76 4.77
CA GLN A 66 -8.29 7.40 4.14
C GLN A 66 -8.78 8.40 3.15
N GLU A 67 -8.16 9.60 3.12
CA GLU A 67 -8.48 10.63 2.17
C GLU A 67 -7.63 10.48 0.96
N ASP A 68 -6.34 10.16 1.11
CA ASP A 68 -5.42 10.09 0.02
C ASP A 68 -5.29 8.73 -0.57
N ALA A 69 -5.16 7.67 0.26
CA ALA A 69 -4.91 6.35 -0.21
C ALA A 69 -5.91 5.85 -1.20
N GLU A 70 -7.22 5.95 -0.90
CA GLU A 70 -8.28 5.68 -1.82
C GLU A 70 -8.14 6.16 -3.22
N LYS A 71 -7.66 7.39 -3.44
CA LYS A 71 -7.56 8.06 -4.70
C LYS A 71 -6.26 7.75 -5.38
N GLU A 72 -5.15 7.82 -4.63
CA GLU A 72 -3.84 7.59 -5.17
C GLU A 72 -3.59 6.16 -5.45
N TYR A 73 -4.28 5.23 -4.75
CA TYR A 73 -4.11 3.82 -4.92
C TYR A 73 -4.58 3.33 -6.25
N ILE A 74 -5.83 3.63 -6.66
CA ILE A 74 -6.29 3.27 -7.96
C ILE A 74 -5.42 3.65 -9.11
N ALA A 75 -4.75 4.81 -9.08
CA ALA A 75 -3.84 5.20 -10.11
C ALA A 75 -2.60 4.37 -10.20
N LEU A 76 -2.02 3.93 -9.07
CA LEU A 76 -0.94 3.01 -9.05
C LEU A 76 -1.34 1.66 -9.54
N VAL A 77 -2.47 1.15 -9.02
CA VAL A 77 -2.94 -0.18 -9.21
C VAL A 77 -3.49 -0.37 -10.59
N ASP A 78 -3.94 0.68 -11.29
CA ASP A 78 -4.29 0.55 -12.68
C ASP A 78 -3.10 0.32 -13.55
N GLN A 79 -1.95 0.93 -13.22
CA GLN A 79 -0.71 0.70 -13.89
C GLN A 79 -0.16 -0.66 -13.62
N LEU A 80 -0.44 -1.20 -12.42
CA LEU A 80 -0.12 -2.53 -11.99
C LEU A 80 -0.94 -3.50 -12.77
N ILE A 81 -2.28 -3.47 -12.62
CA ILE A 81 -3.16 -4.49 -13.11
C ILE A 81 -3.23 -4.55 -14.59
N ALA A 82 -3.04 -3.44 -15.32
CA ALA A 82 -2.86 -3.45 -16.73
C ALA A 82 -1.75 -4.32 -17.22
N LYS A 83 -0.69 -4.51 -16.42
CA LYS A 83 0.32 -5.49 -16.63
C LYS A 83 -0.04 -6.79 -16.01
N TYR A 84 -0.48 -6.76 -14.75
CA TYR A 84 -0.36 -7.81 -13.79
C TYR A 84 -1.58 -8.64 -13.62
N SER A 85 -2.72 -8.27 -14.22
CA SER A 85 -3.94 -9.02 -14.24
C SER A 85 -3.79 -10.46 -14.56
N SER A 86 -3.16 -10.77 -15.70
CA SER A 86 -2.69 -12.07 -16.03
C SER A 86 -1.69 -11.99 -17.18
N VAL A 1 -13.66 5.97 -3.39
CA VAL A 1 -12.76 4.97 -4.02
C VAL A 1 -12.35 3.90 -3.06
N SER A 2 -12.68 4.02 -1.77
CA SER A 2 -12.47 3.13 -0.67
C SER A 2 -12.96 1.74 -0.87
N GLN A 3 -14.00 1.53 -1.70
CA GLN A 3 -14.46 0.20 -1.96
C GLN A 3 -13.53 -0.50 -2.89
N LEU A 4 -13.16 0.17 -3.99
CA LEU A 4 -12.21 -0.27 -4.97
C LEU A 4 -10.89 -0.56 -4.33
N PHE A 5 -10.44 0.37 -3.48
CA PHE A 5 -9.16 0.40 -2.83
C PHE A 5 -8.78 -0.93 -2.28
N GLU A 6 -9.67 -1.55 -1.48
CA GLU A 6 -9.38 -2.80 -0.83
C GLU A 6 -9.73 -3.95 -1.71
N GLU A 7 -10.75 -3.84 -2.58
CA GLU A 7 -11.11 -4.83 -3.54
C GLU A 7 -9.99 -5.15 -4.48
N LYS A 8 -9.29 -4.11 -4.96
CA LYS A 8 -8.16 -4.22 -5.83
C LYS A 8 -6.87 -4.30 -5.09
N ALA A 9 -6.76 -3.85 -3.83
CA ALA A 9 -5.59 -4.08 -3.04
C ALA A 9 -5.37 -5.52 -2.71
N LYS A 10 -6.45 -6.18 -2.28
CA LYS A 10 -6.45 -7.58 -2.01
C LYS A 10 -6.23 -8.42 -3.23
N ALA A 11 -6.46 -7.87 -4.43
CA ALA A 11 -6.04 -8.45 -5.66
C ALA A 11 -4.56 -8.36 -5.81
N VAL A 12 -3.95 -7.17 -5.80
CA VAL A 12 -2.57 -6.96 -6.12
C VAL A 12 -1.64 -7.66 -5.18
N ASN A 13 -2.05 -7.83 -3.91
CA ASN A 13 -1.29 -8.57 -2.96
C ASN A 13 -1.23 -10.04 -3.21
N GLU A 14 -2.19 -10.61 -3.95
CA GLU A 14 -2.23 -12.00 -4.27
C GLU A 14 -2.46 -12.23 -5.73
N LEU A 15 -1.95 -11.35 -6.62
CA LEU A 15 -1.97 -11.53 -8.03
C LEU A 15 -0.98 -12.56 -8.43
N PRO A 16 -1.06 -13.22 -9.56
CA PRO A 16 -0.15 -14.26 -9.91
C PRO A 16 1.17 -13.71 -10.33
N THR A 17 1.18 -12.44 -10.79
CA THR A 17 2.36 -11.68 -11.04
C THR A 17 2.43 -10.80 -9.84
N LYS A 18 3.02 -11.38 -8.78
CA LYS A 18 3.13 -10.85 -7.46
C LYS A 18 3.89 -9.58 -7.39
N PRO A 19 3.73 -8.70 -6.44
CA PRO A 19 4.28 -7.38 -6.50
C PRO A 19 5.78 -7.32 -6.56
N SER A 20 6.36 -6.38 -7.33
CA SER A 20 7.77 -6.20 -7.42
C SER A 20 8.36 -5.50 -6.23
N THR A 21 9.67 -5.65 -6.01
CA THR A 21 10.34 -5.41 -4.78
C THR A 21 10.29 -4.01 -4.26
N ASP A 22 10.38 -2.99 -5.13
CA ASP A 22 10.31 -1.62 -4.72
C ASP A 22 8.92 -1.08 -4.72
N GLU A 23 8.02 -1.69 -5.52
CA GLU A 23 6.67 -1.30 -5.73
C GLU A 23 5.84 -1.61 -4.53
N LEU A 24 5.94 -2.85 -4.01
CA LEU A 24 5.33 -3.34 -2.81
C LEU A 24 5.37 -2.43 -1.63
N LEU A 25 6.49 -1.72 -1.44
CA LEU A 25 6.76 -0.79 -0.38
C LEU A 25 6.02 0.49 -0.46
N GLU A 26 5.99 1.10 -1.66
CA GLU A 26 5.23 2.25 -2.01
C GLU A 26 3.77 2.01 -1.89
N LEU A 27 3.32 0.81 -2.29
CA LEU A 27 1.97 0.35 -2.28
C LEU A 27 1.54 -0.12 -0.93
N TYR A 28 2.45 -0.61 -0.06
CA TYR A 28 2.27 -0.86 1.33
C TYR A 28 1.74 0.35 2.01
N ALA A 29 2.42 1.49 1.88
CA ALA A 29 2.05 2.73 2.50
C ALA A 29 0.62 3.08 2.25
N LEU A 30 0.18 3.11 0.98
CA LEU A 30 -1.19 3.33 0.62
C LEU A 30 -2.16 2.29 1.06
N TYR A 31 -1.83 1.00 0.91
CA TYR A 31 -2.66 -0.09 1.31
C TYR A 31 -3.01 0.00 2.75
N LYS A 32 -1.98 0.04 3.61
CA LYS A 32 -2.06 0.23 5.03
C LYS A 32 -2.74 1.49 5.42
N GLN A 33 -2.56 2.59 4.68
CA GLN A 33 -3.26 3.83 4.91
C GLN A 33 -4.73 3.68 4.96
N ALA A 34 -5.35 3.19 3.87
CA ALA A 34 -6.78 3.09 3.84
C ALA A 34 -7.30 1.84 4.44
N THR A 35 -6.45 0.85 4.75
CA THR A 35 -6.81 -0.30 5.50
C THR A 35 -7.17 0.04 6.91
N VAL A 36 -6.26 0.65 7.68
CA VAL A 36 -6.56 1.12 9.00
C VAL A 36 -7.11 2.50 9.06
N GLY A 37 -6.38 3.49 8.52
CA GLY A 37 -6.75 4.87 8.54
C GLY A 37 -5.87 5.76 9.34
N ASP A 38 -4.94 5.18 10.13
CA ASP A 38 -3.92 5.88 10.85
C ASP A 38 -2.64 5.17 10.59
N ASN A 39 -1.47 5.77 10.85
CA ASN A 39 -0.25 5.05 10.98
C ASN A 39 -0.18 4.16 12.18
N ASP A 40 -0.81 2.97 12.13
CA ASP A 40 -1.16 2.21 13.28
C ASP A 40 -0.05 1.46 13.92
N LYS A 41 0.68 0.62 13.15
CA LYS A 41 1.66 -0.27 13.71
C LYS A 41 3.00 0.37 13.85
N GLU A 42 3.24 1.14 14.91
CA GLU A 42 4.47 1.85 15.15
C GLU A 42 5.47 0.94 15.81
N LYS A 43 5.65 -0.23 15.17
CA LYS A 43 6.51 -1.30 15.56
C LYS A 43 6.84 -2.08 14.33
N PRO A 44 7.81 -1.72 13.54
CA PRO A 44 8.31 -2.53 12.47
C PRO A 44 9.28 -3.54 12.99
N GLY A 45 10.09 -4.22 12.16
CA GLY A 45 11.01 -5.19 12.69
C GLY A 45 12.24 -4.61 13.31
N ILE A 46 13.16 -5.48 13.75
CA ILE A 46 14.31 -5.10 14.52
C ILE A 46 15.48 -5.01 13.60
N PHE A 47 15.73 -6.08 12.83
CA PHE A 47 16.76 -6.15 11.82
C PHE A 47 16.20 -5.81 10.48
N ASN A 48 14.92 -5.38 10.41
CA ASN A 48 14.24 -5.13 9.18
C ASN A 48 14.84 -4.00 8.41
N MET A 49 15.28 -4.24 7.16
CA MET A 49 15.89 -3.24 6.35
C MET A 49 14.86 -2.44 5.62
N LYS A 50 13.79 -3.11 5.18
CA LYS A 50 12.73 -2.56 4.40
C LYS A 50 11.79 -1.73 5.20
N ASP A 51 11.25 -2.29 6.29
CA ASP A 51 10.21 -1.71 7.09
C ASP A 51 10.54 -0.36 7.63
N ARG A 52 11.80 -0.10 8.04
CA ARG A 52 12.23 1.18 8.51
C ARG A 52 11.93 2.33 7.62
N TYR A 53 12.13 2.20 6.29
CA TYR A 53 11.85 3.27 5.38
C TYR A 53 10.45 3.30 4.90
N LYS A 54 9.81 2.15 4.62
CA LYS A 54 8.46 2.16 4.14
C LYS A 54 7.39 2.24 5.16
N TRP A 55 7.67 1.99 6.45
CA TRP A 55 6.79 2.40 7.50
C TRP A 55 6.84 3.88 7.66
N GLU A 56 7.99 4.52 7.43
CA GLU A 56 8.09 5.95 7.49
C GLU A 56 7.54 6.61 6.28
N ALA A 57 7.41 5.89 5.16
CA ALA A 57 6.66 6.28 4.02
C ALA A 57 5.18 6.24 4.25
N TRP A 58 4.73 5.41 5.21
CA TRP A 58 3.38 5.27 5.64
C TRP A 58 3.08 6.38 6.59
N GLU A 59 3.98 6.61 7.55
CA GLU A 59 4.03 7.70 8.49
C GLU A 59 3.99 9.05 7.86
N ASN A 60 4.33 9.19 6.57
CA ASN A 60 4.21 10.44 5.87
C ASN A 60 2.79 10.85 5.67
N LEU A 61 1.83 9.91 5.65
CA LEU A 61 0.44 10.19 5.47
C LEU A 61 -0.39 9.80 6.64
N LYS A 62 0.26 9.63 7.81
CA LYS A 62 -0.21 9.26 9.10
C LYS A 62 -1.61 9.52 9.55
N GLY A 63 -2.25 10.65 9.17
CA GLY A 63 -3.54 11.05 9.60
C GLY A 63 -4.51 11.31 8.50
N LYS A 64 -4.05 11.70 7.29
CA LYS A 64 -4.93 12.05 6.22
C LYS A 64 -5.26 10.91 5.33
N SER A 65 -4.57 9.78 5.62
CA SER A 65 -4.60 8.49 5.01
C SER A 65 -5.85 8.08 4.32
N GLN A 66 -6.97 7.97 5.04
CA GLN A 66 -8.16 7.34 4.56
C GLN A 66 -8.89 8.04 3.47
N GLU A 67 -8.56 9.33 3.25
CA GLU A 67 -9.02 10.11 2.15
C GLU A 67 -8.09 10.06 1.00
N ASP A 68 -6.76 10.10 1.22
CA ASP A 68 -5.86 10.31 0.13
C ASP A 68 -5.37 9.04 -0.48
N ALA A 69 -5.23 7.98 0.35
CA ALA A 69 -4.88 6.66 -0.07
C ALA A 69 -5.76 6.14 -1.15
N GLU A 70 -7.07 5.99 -0.88
CA GLU A 70 -8.06 5.58 -1.83
C GLU A 70 -8.00 6.15 -3.21
N LYS A 71 -7.79 7.47 -3.38
CA LYS A 71 -7.85 8.15 -4.64
C LYS A 71 -6.56 8.14 -5.38
N GLU A 72 -5.41 8.02 -4.70
CA GLU A 72 -4.16 7.78 -5.35
C GLU A 72 -4.04 6.34 -5.74
N TYR A 73 -4.56 5.41 -4.91
CA TYR A 73 -4.42 4.00 -5.06
C TYR A 73 -4.94 3.44 -6.34
N ILE A 74 -6.18 3.76 -6.71
CA ILE A 74 -6.79 3.43 -7.97
C ILE A 74 -5.90 3.54 -9.17
N ALA A 75 -5.24 4.70 -9.35
CA ALA A 75 -4.41 4.99 -10.47
C ALA A 75 -3.06 4.37 -10.45
N LEU A 76 -2.55 3.98 -9.25
CA LEU A 76 -1.38 3.19 -9.13
C LEU A 76 -1.64 1.77 -9.49
N VAL A 77 -2.70 1.19 -8.91
CA VAL A 77 -3.08 -0.18 -9.02
C VAL A 77 -3.53 -0.50 -10.40
N ASP A 78 -3.97 0.51 -11.19
CA ASP A 78 -4.15 0.40 -12.60
C ASP A 78 -2.92 -0.01 -13.34
N GLN A 79 -1.77 0.62 -13.01
CA GLN A 79 -0.48 0.36 -13.55
C GLN A 79 0.14 -0.88 -13.02
N LEU A 80 -0.23 -1.34 -11.80
CA LEU A 80 0.10 -2.63 -11.28
C LEU A 80 -0.57 -3.65 -12.13
N ILE A 81 -1.92 -3.61 -12.22
CA ILE A 81 -2.73 -4.59 -12.87
C ILE A 81 -2.50 -4.70 -14.35
N ALA A 82 -2.18 -3.59 -15.03
CA ALA A 82 -1.74 -3.57 -16.40
C ALA A 82 -0.58 -4.45 -16.69
N LYS A 83 0.33 -4.63 -15.72
CA LYS A 83 1.35 -5.62 -15.77
C LYS A 83 0.86 -6.91 -15.21
N TYR A 84 0.24 -6.85 -14.01
CA TYR A 84 0.20 -7.92 -13.07
C TYR A 84 -1.00 -8.80 -13.14
N SER A 85 -2.05 -8.43 -13.91
CA SER A 85 -3.20 -9.26 -14.07
C SER A 85 -2.92 -10.62 -14.63
N SER A 86 -2.26 -10.68 -15.80
CA SER A 86 -1.80 -11.92 -16.36
C SER A 86 -0.57 -11.65 -17.21
N VAL A 1 -11.92 5.90 -4.60
CA VAL A 1 -12.89 4.91 -4.08
C VAL A 1 -12.31 3.89 -3.16
N SER A 2 -12.74 3.90 -1.88
CA SER A 2 -12.32 3.08 -0.80
C SER A 2 -12.78 1.67 -0.89
N GLN A 3 -13.88 1.41 -1.64
CA GLN A 3 -14.35 0.08 -1.87
C GLN A 3 -13.49 -0.67 -2.83
N LEU A 4 -13.13 -0.01 -3.95
CA LEU A 4 -12.27 -0.52 -4.97
C LEU A 4 -10.91 -0.81 -4.44
N PHE A 5 -10.41 0.14 -3.63
CA PHE A 5 -9.18 0.08 -2.89
C PHE A 5 -8.99 -1.24 -2.22
N GLU A 6 -10.01 -1.73 -1.50
CA GLU A 6 -9.90 -2.94 -0.75
C GLU A 6 -10.12 -4.17 -1.57
N GLU A 7 -10.90 -4.06 -2.67
CA GLU A 7 -11.03 -5.09 -3.64
C GLU A 7 -9.73 -5.38 -4.33
N LYS A 8 -9.07 -4.36 -4.88
CA LYS A 8 -7.87 -4.52 -5.66
C LYS A 8 -6.62 -4.57 -4.86
N ALA A 9 -6.57 -4.05 -3.62
CA ALA A 9 -5.39 -4.14 -2.80
C ALA A 9 -5.04 -5.54 -2.42
N LYS A 10 -6.09 -6.25 -1.98
CA LYS A 10 -6.09 -7.65 -1.67
C LYS A 10 -5.77 -8.52 -2.84
N ALA A 11 -5.96 -8.01 -4.07
CA ALA A 11 -5.47 -8.63 -5.26
C ALA A 11 -4.01 -8.45 -5.40
N VAL A 12 -3.48 -7.21 -5.42
CA VAL A 12 -2.10 -6.94 -5.72
C VAL A 12 -1.15 -7.49 -4.71
N ASN A 13 -1.59 -7.66 -3.45
CA ASN A 13 -0.80 -8.28 -2.43
C ASN A 13 -0.70 -9.76 -2.52
N GLU A 14 -1.51 -10.40 -3.38
CA GLU A 14 -1.66 -11.83 -3.47
C GLU A 14 -1.48 -12.33 -4.86
N LEU A 15 -1.29 -11.43 -5.84
CA LEU A 15 -1.21 -11.72 -7.24
C LEU A 15 0.01 -12.50 -7.58
N PRO A 16 0.02 -13.32 -8.59
CA PRO A 16 1.11 -14.22 -8.87
C PRO A 16 2.28 -13.51 -9.45
N THR A 17 2.11 -12.23 -9.83
CA THR A 17 3.18 -11.32 -10.11
C THR A 17 3.09 -10.37 -8.97
N LYS A 18 3.63 -10.77 -7.81
CA LYS A 18 3.71 -9.99 -6.61
C LYS A 18 4.46 -8.72 -6.84
N PRO A 19 4.16 -7.60 -6.24
CA PRO A 19 4.47 -6.32 -6.81
C PRO A 19 5.93 -6.02 -6.87
N SER A 20 6.40 -5.12 -7.75
CA SER A 20 7.77 -4.74 -7.79
C SER A 20 8.13 -3.88 -6.63
N THR A 21 9.28 -4.12 -5.96
CA THR A 21 9.65 -3.56 -4.70
C THR A 21 9.60 -2.08 -4.56
N ASP A 22 9.97 -1.34 -5.62
CA ASP A 22 9.95 0.09 -5.70
C ASP A 22 8.58 0.65 -5.69
N GLU A 23 7.65 0.03 -6.43
CA GLU A 23 6.25 0.30 -6.40
C GLU A 23 5.68 -0.11 -5.08
N LEU A 24 5.96 -1.32 -4.59
CA LEU A 24 5.53 -1.90 -3.36
C LEU A 24 5.68 -1.05 -2.14
N LEU A 25 6.76 -0.27 -2.01
CA LEU A 25 6.93 0.76 -1.05
C LEU A 25 5.80 1.74 -0.96
N GLU A 26 5.51 2.39 -2.11
CA GLU A 26 4.50 3.39 -2.23
C GLU A 26 3.14 2.80 -2.07
N LEU A 27 2.94 1.61 -2.65
CA LEU A 27 1.74 0.85 -2.63
C LEU A 27 1.41 0.29 -1.29
N TYR A 28 2.41 -0.05 -0.45
CA TYR A 28 2.27 -0.37 0.94
C TYR A 28 1.73 0.81 1.65
N ALA A 29 2.39 1.98 1.54
CA ALA A 29 2.01 3.17 2.23
C ALA A 29 0.58 3.52 2.00
N LEU A 30 0.11 3.51 0.75
CA LEU A 30 -1.28 3.71 0.41
C LEU A 30 -2.22 2.67 0.90
N TYR A 31 -1.89 1.38 0.71
CA TYR A 31 -2.67 0.26 1.14
C TYR A 31 -2.94 0.33 2.61
N LYS A 32 -1.88 0.53 3.40
CA LYS A 32 -1.97 0.72 4.81
C LYS A 32 -2.70 1.96 5.19
N GLN A 33 -2.55 3.07 4.44
CA GLN A 33 -3.25 4.30 4.66
C GLN A 33 -4.74 4.13 4.73
N ALA A 34 -5.38 3.64 3.66
CA ALA A 34 -6.81 3.52 3.65
C ALA A 34 -7.31 2.20 4.11
N THR A 35 -6.44 1.24 4.46
CA THR A 35 -6.86 0.13 5.24
C THR A 35 -7.20 0.53 6.64
N VAL A 36 -6.23 1.02 7.43
CA VAL A 36 -6.46 1.41 8.79
C VAL A 36 -6.91 2.82 8.95
N GLY A 37 -6.26 3.78 8.28
CA GLY A 37 -6.52 5.18 8.40
C GLY A 37 -5.45 5.93 9.12
N ASP A 38 -4.76 5.27 10.07
CA ASP A 38 -3.76 5.86 10.90
C ASP A 38 -2.59 4.95 10.96
N ASN A 39 -1.42 5.44 11.43
CA ASN A 39 -0.37 4.64 11.98
C ASN A 39 -0.79 3.64 13.00
N ASP A 40 -0.85 2.36 12.58
CA ASP A 40 -1.31 1.27 13.37
C ASP A 40 -0.18 0.61 14.09
N LYS A 41 0.56 -0.27 13.39
CA LYS A 41 1.56 -1.14 13.94
C LYS A 41 2.88 -0.45 14.08
N GLU A 42 3.07 0.33 15.18
CA GLU A 42 4.30 1.00 15.44
C GLU A 42 5.26 0.07 16.10
N LYS A 43 5.63 -0.97 15.33
CA LYS A 43 6.65 -1.93 15.61
C LYS A 43 7.06 -2.54 14.32
N PRO A 44 7.69 -1.90 13.39
CA PRO A 44 8.46 -2.60 12.39
C PRO A 44 9.71 -3.10 13.05
N GLY A 45 10.35 -4.19 12.59
CA GLY A 45 11.38 -4.77 13.38
C GLY A 45 12.69 -4.05 13.34
N ILE A 46 13.75 -4.67 13.89
CA ILE A 46 14.95 -3.98 14.25
C ILE A 46 15.99 -4.24 13.23
N PHE A 47 16.15 -5.53 12.87
CA PHE A 47 16.89 -6.04 11.77
C PHE A 47 16.05 -6.00 10.53
N ASN A 48 14.75 -5.69 10.66
CA ASN A 48 13.82 -5.59 9.59
C ASN A 48 13.98 -4.33 8.79
N MET A 49 15.09 -4.24 8.04
CA MET A 49 15.47 -3.13 7.21
C MET A 49 14.46 -2.79 6.15
N LYS A 50 13.76 -3.81 5.62
CA LYS A 50 12.70 -3.65 4.67
C LYS A 50 11.51 -2.97 5.28
N ASP A 51 10.88 -3.56 6.31
CA ASP A 51 9.74 -3.03 6.99
C ASP A 51 9.95 -1.67 7.58
N ARG A 52 11.17 -1.33 8.03
CA ARG A 52 11.56 0.00 8.41
C ARG A 52 11.27 1.06 7.40
N TYR A 53 11.65 0.92 6.13
CA TYR A 53 11.34 1.91 5.13
C TYR A 53 9.91 1.91 4.70
N LYS A 54 9.26 0.73 4.62
CA LYS A 54 7.86 0.59 4.38
C LYS A 54 7.04 1.37 5.35
N TRP A 55 7.32 1.21 6.65
CA TRP A 55 6.60 1.84 7.72
C TRP A 55 6.89 3.29 7.85
N GLU A 56 8.11 3.76 7.57
CA GLU A 56 8.47 5.14 7.65
C GLU A 56 7.82 5.95 6.57
N ALA A 57 7.71 5.37 5.36
CA ALA A 57 7.07 5.97 4.24
C ALA A 57 5.59 6.04 4.37
N TRP A 58 5.03 5.24 5.29
CA TRP A 58 3.64 5.20 5.63
C TRP A 58 3.36 6.20 6.70
N GLU A 59 4.22 6.25 7.74
CA GLU A 59 4.20 7.18 8.83
C GLU A 59 4.27 8.61 8.41
N ASN A 60 4.67 8.90 7.16
CA ASN A 60 4.57 10.22 6.60
C ASN A 60 3.18 10.69 6.39
N LEU A 61 2.20 9.78 6.19
CA LEU A 61 0.84 10.10 5.89
C LEU A 61 -0.09 9.64 6.95
N LYS A 62 0.47 9.23 8.10
CA LYS A 62 -0.02 8.59 9.29
C LYS A 62 -1.38 8.86 9.87
N GLY A 63 -2.21 9.74 9.30
CA GLY A 63 -3.54 9.91 9.75
C GLY A 63 -4.35 10.74 8.80
N LYS A 64 -3.77 11.12 7.64
CA LYS A 64 -4.42 12.09 6.81
C LYS A 64 -4.98 11.39 5.62
N SER A 65 -4.07 10.68 4.93
CA SER A 65 -4.25 10.24 3.58
C SER A 65 -4.96 8.95 3.44
N GLN A 66 -5.92 8.61 4.32
CA GLN A 66 -7.03 7.77 3.99
C GLN A 66 -7.79 8.27 2.82
N GLU A 67 -7.81 9.61 2.73
CA GLU A 67 -8.42 10.44 1.74
C GLU A 67 -7.70 10.41 0.43
N ASP A 68 -6.36 10.57 0.44
CA ASP A 68 -5.57 10.49 -0.75
C ASP A 68 -5.39 9.08 -1.21
N ALA A 69 -5.11 8.13 -0.29
CA ALA A 69 -4.99 6.74 -0.59
C ALA A 69 -6.02 6.19 -1.53
N GLU A 70 -7.31 6.22 -1.17
CA GLU A 70 -8.37 5.83 -2.05
C GLU A 70 -8.45 6.38 -3.43
N LYS A 71 -7.95 7.61 -3.69
CA LYS A 71 -7.93 8.27 -4.95
C LYS A 71 -6.73 7.96 -5.77
N GLU A 72 -5.54 7.85 -5.16
CA GLU A 72 -4.36 7.55 -5.91
C GLU A 72 -4.17 6.09 -6.07
N TYR A 73 -4.74 5.24 -5.19
CA TYR A 73 -4.53 3.83 -5.23
C TYR A 73 -5.09 3.18 -6.44
N ILE A 74 -6.35 3.46 -6.79
CA ILE A 74 -6.95 3.14 -8.06
C ILE A 74 -6.08 3.28 -9.25
N ALA A 75 -5.47 4.46 -9.46
CA ALA A 75 -4.65 4.71 -10.60
C ALA A 75 -3.27 4.13 -10.55
N LEU A 76 -2.77 3.74 -9.37
CA LEU A 76 -1.58 2.95 -9.27
C LEU A 76 -1.88 1.53 -9.60
N VAL A 77 -2.87 0.93 -8.91
CA VAL A 77 -3.18 -0.46 -8.89
C VAL A 77 -3.73 -0.93 -10.20
N ASP A 78 -4.37 -0.06 -11.01
CA ASP A 78 -4.70 -0.46 -12.34
C ASP A 78 -3.51 -0.75 -13.18
N GLN A 79 -2.44 0.04 -13.02
CA GLN A 79 -1.20 -0.14 -13.70
C GLN A 79 -0.33 -1.19 -13.10
N LEU A 80 -0.59 -1.63 -11.86
CA LEU A 80 -0.07 -2.83 -11.29
C LEU A 80 -0.73 -3.98 -11.96
N ILE A 81 -2.05 -4.11 -11.84
CA ILE A 81 -2.82 -5.22 -12.31
C ILE A 81 -2.73 -5.44 -13.78
N ALA A 82 -2.61 -4.36 -14.58
CA ALA A 82 -2.35 -4.44 -15.98
C ALA A 82 -1.16 -5.27 -16.35
N LYS A 83 -0.08 -5.23 -15.55
CA LYS A 83 0.99 -6.16 -15.71
C LYS A 83 0.73 -7.40 -14.94
N TYR A 84 0.27 -7.27 -13.67
CA TYR A 84 0.48 -8.25 -12.66
C TYR A 84 -0.59 -9.28 -12.55
N SER A 85 -1.74 -9.06 -13.21
CA SER A 85 -2.79 -10.02 -13.41
C SER A 85 -2.36 -11.39 -13.82
N SER A 86 -1.58 -11.54 -14.90
CA SER A 86 -0.96 -12.79 -15.23
C SER A 86 0.21 -12.57 -16.18
N VAL A 1 -11.27 6.65 -4.58
CA VAL A 1 -12.24 5.53 -4.71
C VAL A 1 -12.00 4.47 -3.69
N SER A 2 -12.63 4.56 -2.51
CA SER A 2 -12.46 3.70 -1.38
C SER A 2 -13.09 2.35 -1.57
N GLN A 3 -14.03 2.21 -2.51
CA GLN A 3 -14.56 0.93 -2.87
C GLN A 3 -13.64 0.17 -3.76
N LEU A 4 -13.12 0.85 -4.80
CA LEU A 4 -12.18 0.30 -5.71
C LEU A 4 -10.91 -0.06 -5.01
N PHE A 5 -10.51 0.76 -4.04
CA PHE A 5 -9.42 0.52 -3.13
C PHE A 5 -9.42 -0.86 -2.60
N GLU A 6 -10.59 -1.38 -2.15
CA GLU A 6 -10.64 -2.69 -1.57
C GLU A 6 -10.70 -3.76 -2.61
N GLU A 7 -11.49 -3.55 -3.69
CA GLU A 7 -11.60 -4.46 -4.80
C GLU A 7 -10.29 -4.76 -5.44
N LYS A 8 -9.48 -3.71 -5.68
CA LYS A 8 -8.20 -3.78 -6.31
C LYS A 8 -7.07 -4.02 -5.38
N ALA A 9 -7.10 -3.62 -4.09
CA ALA A 9 -6.03 -3.91 -3.19
C ALA A 9 -5.89 -5.36 -2.88
N LYS A 10 -7.04 -5.97 -2.54
CA LYS A 10 -7.15 -7.39 -2.34
C LYS A 10 -6.95 -8.18 -3.58
N ALA A 11 -7.02 -7.55 -4.76
CA ALA A 11 -6.59 -8.12 -6.00
C ALA A 11 -5.11 -8.18 -6.08
N VAL A 12 -4.40 -7.05 -5.89
CA VAL A 12 -2.98 -6.95 -6.07
C VAL A 12 -2.20 -7.71 -5.05
N ASN A 13 -2.69 -7.81 -3.81
CA ASN A 13 -2.05 -8.57 -2.77
C ASN A 13 -2.27 -10.03 -2.90
N GLU A 14 -3.11 -10.48 -3.85
CA GLU A 14 -3.43 -11.85 -4.08
C GLU A 14 -3.10 -12.29 -5.47
N LEU A 15 -2.53 -11.41 -6.30
CA LEU A 15 -2.39 -11.59 -7.72
C LEU A 15 -1.39 -12.62 -8.07
N PRO A 16 -1.38 -13.29 -9.19
CA PRO A 16 -0.42 -14.32 -9.47
C PRO A 16 0.90 -13.73 -9.80
N THR A 17 0.93 -12.45 -10.22
CA THR A 17 2.09 -11.67 -10.46
C THR A 17 2.31 -10.90 -9.21
N LYS A 18 2.57 -11.63 -8.11
CA LYS A 18 2.64 -11.18 -6.76
C LYS A 18 3.53 -10.01 -6.54
N PRO A 19 3.30 -9.05 -5.69
CA PRO A 19 3.82 -7.72 -5.86
C PRO A 19 5.29 -7.54 -5.94
N SER A 20 5.77 -6.71 -6.87
CA SER A 20 7.15 -6.50 -7.15
C SER A 20 7.81 -5.62 -6.14
N THR A 21 9.10 -5.84 -5.85
CA THR A 21 9.75 -5.42 -4.65
C THR A 21 9.82 -3.95 -4.39
N ASP A 22 10.18 -3.09 -5.37
CA ASP A 22 10.21 -1.68 -5.19
C ASP A 22 8.85 -1.06 -5.16
N GLU A 23 7.88 -1.68 -5.85
CA GLU A 23 6.53 -1.22 -6.00
C GLU A 23 5.74 -1.48 -4.77
N LEU A 24 5.87 -2.68 -4.17
CA LEU A 24 5.32 -3.10 -2.92
C LEU A 24 5.50 -2.18 -1.78
N LEU A 25 6.66 -1.51 -1.65
CA LEU A 25 6.94 -0.54 -0.64
C LEU A 25 6.11 0.70 -0.69
N GLU A 26 5.96 1.28 -1.89
CA GLU A 26 5.11 2.40 -2.15
C GLU A 26 3.68 2.03 -1.97
N LEU A 27 3.29 0.85 -2.50
CA LEU A 27 1.99 0.25 -2.43
C LEU A 27 1.54 -0.04 -1.05
N TYR A 28 2.43 -0.57 -0.18
CA TYR A 28 2.27 -0.77 1.22
C TYR A 28 1.78 0.47 1.90
N ALA A 29 2.47 1.61 1.75
CA ALA A 29 2.08 2.86 2.34
C ALA A 29 0.65 3.20 2.10
N LEU A 30 0.18 3.13 0.84
CA LEU A 30 -1.17 3.48 0.50
C LEU A 30 -2.19 2.45 0.84
N TYR A 31 -1.87 1.16 0.66
CA TYR A 31 -2.72 0.07 1.04
C TYR A 31 -2.98 0.07 2.50
N LYS A 32 -1.93 0.04 3.34
CA LYS A 32 -2.05 0.12 4.77
C LYS A 32 -2.74 1.36 5.23
N GLN A 33 -2.45 2.51 4.59
CA GLN A 33 -3.14 3.75 4.79
C GLN A 33 -4.64 3.67 4.80
N ALA A 34 -5.27 3.23 3.69
CA ALA A 34 -6.70 3.22 3.63
C ALA A 34 -7.29 1.98 4.22
N THR A 35 -6.50 0.92 4.45
CA THR A 35 -6.93 -0.23 5.17
C THR A 35 -7.34 0.09 6.57
N VAL A 36 -6.43 0.64 7.39
CA VAL A 36 -6.76 1.03 8.72
C VAL A 36 -7.30 2.40 8.82
N GLY A 37 -6.66 3.38 8.16
CA GLY A 37 -7.03 4.76 8.20
C GLY A 37 -6.16 5.61 9.06
N ASP A 38 -5.08 5.05 9.62
CA ASP A 38 -4.10 5.73 10.41
C ASP A 38 -2.78 5.12 10.11
N ASN A 39 -1.66 5.73 10.55
CA ASN A 39 -0.43 5.02 10.71
C ASN A 39 -0.45 4.10 11.88
N ASP A 40 -0.92 2.85 11.66
CA ASP A 40 -1.09 1.86 12.67
C ASP A 40 0.18 1.28 13.18
N LYS A 41 0.83 0.40 12.40
CA LYS A 41 1.62 -0.62 13.04
C LYS A 41 3.04 -0.29 13.39
N GLU A 42 3.19 0.40 14.54
CA GLU A 42 4.43 0.89 15.08
C GLU A 42 5.16 -0.18 15.82
N LYS A 43 5.09 -1.41 15.28
CA LYS A 43 5.92 -2.53 15.61
C LYS A 43 6.51 -3.08 14.36
N PRO A 44 7.44 -2.46 13.70
CA PRO A 44 8.11 -3.02 12.57
C PRO A 44 9.25 -3.90 12.98
N GLY A 45 10.26 -4.19 12.16
CA GLY A 45 11.38 -4.95 12.62
C GLY A 45 12.36 -4.18 13.44
N ILE A 46 13.44 -4.87 13.86
CA ILE A 46 14.49 -4.30 14.64
C ILE A 46 15.69 -4.11 13.76
N PHE A 47 16.06 -5.14 12.98
CA PHE A 47 17.11 -5.12 12.01
C PHE A 47 16.55 -5.11 10.63
N ASN A 48 15.40 -4.47 10.39
CA ASN A 48 14.79 -4.47 9.10
C ASN A 48 15.41 -3.41 8.24
N MET A 49 15.52 -3.63 6.92
CA MET A 49 15.91 -2.62 6.00
C MET A 49 14.69 -2.07 5.34
N LYS A 50 13.70 -2.92 5.09
CA LYS A 50 12.50 -2.57 4.38
C LYS A 50 11.52 -1.75 5.15
N ASP A 51 11.40 -1.88 6.47
CA ASP A 51 10.54 -1.08 7.29
C ASP A 51 10.89 0.37 7.27
N ARG A 52 12.20 0.62 7.18
CA ARG A 52 12.84 1.89 7.01
C ARG A 52 12.44 2.60 5.77
N TYR A 53 11.93 1.88 4.75
CA TYR A 53 11.21 2.44 3.64
C TYR A 53 9.74 2.49 3.89
N LYS A 54 9.11 1.32 4.15
CA LYS A 54 7.70 1.13 4.29
C LYS A 54 7.02 1.99 5.29
N TRP A 55 7.46 1.90 6.56
CA TRP A 55 6.75 2.46 7.68
C TRP A 55 6.97 3.93 7.75
N GLU A 56 8.10 4.46 7.26
CA GLU A 56 8.31 5.88 7.16
C GLU A 56 7.49 6.49 6.07
N ALA A 57 7.30 5.79 4.94
CA ALA A 57 6.41 6.21 3.91
C ALA A 57 4.98 6.20 4.32
N TRP A 58 4.63 5.30 5.26
CA TRP A 58 3.32 5.16 5.82
C TRP A 58 3.01 6.24 6.79
N GLU A 59 3.89 6.44 7.79
CA GLU A 59 3.91 7.42 8.83
C GLU A 59 3.87 8.82 8.32
N ASN A 60 4.40 9.04 7.11
CA ASN A 60 4.22 10.25 6.36
C ASN A 60 2.80 10.64 6.17
N LEU A 61 1.90 9.68 5.88
CA LEU A 61 0.50 9.95 5.76
C LEU A 61 -0.27 9.38 6.91
N LYS A 62 0.24 9.63 8.13
CA LYS A 62 -0.34 9.46 9.42
C LYS A 62 -1.81 9.50 9.67
N GLY A 63 -2.57 10.49 9.17
CA GLY A 63 -3.86 10.75 9.74
C GLY A 63 -4.89 11.07 8.72
N LYS A 64 -4.46 11.39 7.49
CA LYS A 64 -5.34 11.75 6.41
C LYS A 64 -5.45 10.63 5.44
N SER A 65 -4.93 9.46 5.87
CA SER A 65 -4.76 8.22 5.17
C SER A 65 -5.94 7.75 4.38
N GLN A 66 -7.15 7.75 4.97
CA GLN A 66 -8.31 7.21 4.34
C GLN A 66 -8.87 8.07 3.25
N GLU A 67 -8.47 9.36 3.21
CA GLU A 67 -8.86 10.32 2.23
C GLU A 67 -7.89 10.41 1.10
N ASP A 68 -6.57 10.32 1.36
CA ASP A 68 -5.59 10.47 0.32
C ASP A 68 -5.30 9.16 -0.32
N ALA A 69 -5.22 8.06 0.44
CA ALA A 69 -4.86 6.78 -0.09
C ALA A 69 -5.72 6.32 -1.22
N GLU A 70 -7.05 6.19 -0.99
CA GLU A 70 -8.05 5.92 -1.96
C GLU A 70 -8.01 6.62 -3.28
N LYS A 71 -7.44 7.83 -3.36
CA LYS A 71 -7.31 8.64 -4.55
C LYS A 71 -6.06 8.35 -5.30
N GLU A 72 -4.93 8.13 -4.60
CA GLU A 72 -3.71 7.75 -5.22
C GLU A 72 -3.68 6.30 -5.56
N TYR A 73 -4.53 5.48 -4.91
CA TYR A 73 -4.47 4.05 -4.94
C TYR A 73 -4.82 3.51 -6.29
N ILE A 74 -5.97 3.93 -6.84
CA ILE A 74 -6.36 3.74 -8.20
C ILE A 74 -5.26 3.93 -9.20
N ALA A 75 -4.52 5.05 -9.13
CA ALA A 75 -3.48 5.32 -10.06
C ALA A 75 -2.23 4.51 -9.89
N LEU A 76 -1.88 4.09 -8.66
CA LEU A 76 -0.83 3.16 -8.45
C LEU A 76 -1.17 1.81 -8.98
N VAL A 77 -2.33 1.27 -8.57
CA VAL A 77 -2.73 -0.08 -8.75
C VAL A 77 -3.13 -0.35 -10.16
N ASP A 78 -3.57 0.65 -10.96
CA ASP A 78 -3.74 0.42 -12.36
C ASP A 78 -2.46 0.15 -13.07
N GLN A 79 -1.35 0.74 -12.58
CA GLN A 79 -0.03 0.51 -13.09
C GLN A 79 0.61 -0.72 -12.53
N LEU A 80 0.06 -1.32 -11.46
CA LEU A 80 0.34 -2.66 -11.04
C LEU A 80 -0.42 -3.59 -11.93
N ILE A 81 -1.76 -3.55 -11.93
CA ILE A 81 -2.68 -4.41 -12.61
C ILE A 81 -2.41 -4.56 -14.07
N ALA A 82 -2.01 -3.48 -14.77
CA ALA A 82 -1.59 -3.53 -16.13
C ALA A 82 -0.46 -4.46 -16.42
N LYS A 83 0.50 -4.61 -15.48
CA LYS A 83 1.48 -5.66 -15.53
C LYS A 83 0.99 -6.91 -14.87
N TYR A 84 0.25 -6.82 -13.76
CA TYR A 84 0.15 -7.87 -12.79
C TYR A 84 -1.00 -8.79 -13.02
N SER A 85 -2.12 -8.30 -13.60
CA SER A 85 -3.34 -9.00 -13.82
C SER A 85 -3.29 -10.44 -14.16
N SER A 86 -2.53 -10.81 -15.21
CA SER A 86 -2.24 -12.17 -15.54
C SER A 86 -0.95 -12.19 -16.34
N VAL A 1 -14.13 4.26 -5.43
CA VAL A 1 -12.70 4.28 -5.06
C VAL A 1 -12.35 3.55 -3.80
N SER A 2 -13.05 3.77 -2.68
CA SER A 2 -12.71 3.29 -1.38
C SER A 2 -12.97 1.85 -1.16
N GLN A 3 -13.89 1.24 -1.92
CA GLN A 3 -14.17 -0.17 -1.85
C GLN A 3 -13.22 -0.92 -2.71
N LEU A 4 -13.02 -0.39 -3.93
CA LEU A 4 -12.17 -0.84 -4.98
C LEU A 4 -10.77 -1.05 -4.47
N PHE A 5 -10.35 -0.03 -3.71
CA PHE A 5 -9.11 0.09 -3.00
C PHE A 5 -8.76 -1.17 -2.30
N GLU A 6 -9.72 -1.75 -1.55
CA GLU A 6 -9.49 -2.95 -0.81
C GLU A 6 -9.56 -4.17 -1.65
N GLU A 7 -10.50 -4.28 -2.62
CA GLU A 7 -10.63 -5.48 -3.39
C GLU A 7 -9.45 -5.77 -4.24
N LYS A 8 -8.91 -4.69 -4.84
CA LYS A 8 -7.73 -4.73 -5.66
C LYS A 8 -6.47 -4.70 -4.86
N ALA A 9 -6.44 -4.12 -3.66
CA ALA A 9 -5.29 -4.19 -2.81
C ALA A 9 -4.95 -5.56 -2.35
N LYS A 10 -5.99 -6.30 -1.92
CA LYS A 10 -5.93 -7.67 -1.55
C LYS A 10 -5.50 -8.57 -2.67
N ALA A 11 -5.75 -8.15 -3.92
CA ALA A 11 -5.22 -8.80 -5.09
C ALA A 11 -3.76 -8.56 -5.22
N VAL A 12 -3.30 -7.29 -5.32
CA VAL A 12 -1.96 -6.95 -5.67
C VAL A 12 -0.94 -7.45 -4.70
N ASN A 13 -1.31 -7.56 -3.40
CA ASN A 13 -0.42 -8.11 -2.43
C ASN A 13 -0.18 -9.57 -2.56
N GLU A 14 -1.10 -10.30 -3.23
CA GLU A 14 -1.07 -11.72 -3.37
C GLU A 14 -1.17 -12.14 -4.80
N LEU A 15 -0.82 -11.28 -5.77
CA LEU A 15 -0.80 -11.62 -7.16
C LEU A 15 0.33 -12.54 -7.48
N PRO A 16 0.31 -13.33 -8.52
CA PRO A 16 1.36 -14.24 -8.82
C PRO A 16 2.56 -13.53 -9.35
N THR A 17 2.34 -12.33 -9.92
CA THR A 17 3.36 -11.41 -10.32
C THR A 17 3.29 -10.36 -9.27
N LYS A 18 3.91 -10.67 -8.12
CA LYS A 18 3.94 -9.87 -6.92
C LYS A 18 4.51 -8.50 -7.13
N PRO A 19 4.24 -7.51 -6.33
CA PRO A 19 4.63 -6.16 -6.60
C PRO A 19 6.11 -5.98 -6.52
N SER A 20 6.72 -5.06 -7.29
CA SER A 20 8.13 -4.83 -7.25
C SER A 20 8.56 -4.13 -6.00
N THR A 21 9.76 -4.45 -5.49
CA THR A 21 10.34 -4.13 -4.22
C THR A 21 10.05 -2.79 -3.66
N ASP A 22 10.42 -1.71 -4.39
CA ASP A 22 10.33 -0.36 -3.94
C ASP A 22 8.96 0.19 -4.17
N GLU A 23 8.31 -0.25 -5.26
CA GLU A 23 6.99 0.15 -5.66
C GLU A 23 5.97 -0.33 -4.70
N LEU A 24 6.16 -1.54 -4.13
CA LEU A 24 5.46 -2.09 -3.01
C LEU A 24 5.42 -1.21 -1.81
N LEU A 25 6.43 -0.36 -1.56
CA LEU A 25 6.45 0.52 -0.43
C LEU A 25 5.45 1.63 -0.54
N GLU A 26 5.28 2.19 -1.74
CA GLU A 26 4.28 3.16 -2.04
C GLU A 26 2.91 2.58 -1.92
N LEU A 27 2.71 1.38 -2.49
CA LEU A 27 1.49 0.66 -2.49
C LEU A 27 1.08 0.19 -1.13
N TYR A 28 2.03 -0.17 -0.26
CA TYR A 28 1.87 -0.39 1.14
C TYR A 28 1.30 0.82 1.81
N ALA A 29 1.97 1.98 1.76
CA ALA A 29 1.58 3.18 2.42
C ALA A 29 0.16 3.58 2.19
N LEU A 30 -0.30 3.52 0.92
CA LEU A 30 -1.67 3.73 0.57
C LEU A 30 -2.63 2.70 1.07
N TYR A 31 -2.39 1.41 0.82
CA TYR A 31 -3.19 0.29 1.22
C TYR A 31 -3.42 0.29 2.69
N LYS A 32 -2.31 0.38 3.44
CA LYS A 32 -2.28 0.53 4.87
C LYS A 32 -2.92 1.79 5.32
N GLN A 33 -2.88 2.90 4.56
CA GLN A 33 -3.61 4.08 4.93
C GLN A 33 -5.09 3.94 4.96
N ALA A 34 -5.75 3.61 3.84
CA ALA A 34 -7.18 3.49 3.87
C ALA A 34 -7.69 2.17 4.31
N THR A 35 -6.85 1.18 4.67
CA THR A 35 -7.30 0.14 5.55
C THR A 35 -7.39 0.61 6.95
N VAL A 36 -6.28 1.04 7.58
CA VAL A 36 -6.24 1.37 8.98
C VAL A 36 -6.84 2.69 9.29
N GLY A 37 -6.35 3.75 8.62
CA GLY A 37 -6.73 5.12 8.77
C GLY A 37 -5.84 5.91 9.68
N ASP A 38 -4.82 5.23 10.24
CA ASP A 38 -3.70 5.79 10.91
C ASP A 38 -2.54 5.00 10.41
N ASN A 39 -1.29 5.38 10.75
CA ASN A 39 -0.21 4.45 10.83
C ASN A 39 -0.33 3.56 12.02
N ASP A 40 -0.44 2.24 11.80
CA ASP A 40 -0.81 1.29 12.81
C ASP A 40 0.33 0.91 13.69
N LYS A 41 1.17 -0.03 13.21
CA LYS A 41 2.10 -0.78 14.00
C LYS A 41 3.40 -0.08 14.16
N GLU A 42 3.54 0.70 15.24
CA GLU A 42 4.67 1.53 15.54
C GLU A 42 5.83 0.76 16.10
N LYS A 43 6.15 -0.34 15.38
CA LYS A 43 7.34 -1.13 15.52
C LYS A 43 7.50 -1.90 14.25
N PRO A 44 8.15 -1.44 13.23
CA PRO A 44 8.69 -2.30 12.21
C PRO A 44 9.91 -2.98 12.74
N GLY A 45 10.39 -4.09 12.14
CA GLY A 45 11.36 -4.91 12.79
C GLY A 45 12.74 -4.34 12.79
N ILE A 46 13.64 -4.90 13.61
CA ILE A 46 14.75 -4.17 14.13
C ILE A 46 15.89 -4.16 13.17
N PHE A 47 16.08 -5.31 12.48
CA PHE A 47 16.96 -5.51 11.37
C PHE A 47 16.15 -5.72 10.14
N ASN A 48 14.90 -5.22 10.10
CA ASN A 48 13.99 -5.51 9.04
C ASN A 48 14.19 -4.62 7.87
N MET A 49 14.93 -5.06 6.83
CA MET A 49 15.29 -4.25 5.72
C MET A 49 14.18 -3.92 4.77
N LYS A 50 13.01 -4.57 4.91
CA LYS A 50 11.83 -4.21 4.18
C LYS A 50 11.01 -3.25 4.97
N ASP A 51 10.49 -3.68 6.14
CA ASP A 51 9.45 -3.02 6.87
C ASP A 51 9.79 -1.66 7.40
N ARG A 52 11.06 -1.39 7.73
CA ARG A 52 11.53 -0.10 8.15
C ARG A 52 11.24 1.00 7.19
N TYR A 53 11.29 0.70 5.88
CA TYR A 53 11.06 1.62 4.81
C TYR A 53 9.60 1.79 4.55
N LYS A 54 8.85 0.68 4.48
CA LYS A 54 7.44 0.67 4.25
C LYS A 54 6.69 1.44 5.28
N TRP A 55 6.99 1.21 6.56
CA TRP A 55 6.34 1.84 7.68
C TRP A 55 6.68 3.28 7.81
N GLU A 56 7.88 3.72 7.42
CA GLU A 56 8.28 5.09 7.50
C GLU A 56 7.62 5.92 6.45
N ALA A 57 7.38 5.36 5.24
CA ALA A 57 6.59 6.02 4.25
C ALA A 57 5.16 6.15 4.62
N TRP A 58 4.65 5.18 5.39
CA TRP A 58 3.33 5.18 5.95
C TRP A 58 3.18 6.22 7.01
N GLU A 59 4.22 6.44 7.82
CA GLU A 59 4.35 7.47 8.81
C GLU A 59 4.32 8.86 8.25
N ASN A 60 4.66 9.06 6.97
CA ASN A 60 4.49 10.31 6.32
C ASN A 60 3.06 10.63 6.02
N LEU A 61 2.18 9.60 5.98
CA LEU A 61 0.78 9.74 5.72
C LEU A 61 -0.06 9.68 6.94
N LYS A 62 0.56 9.50 8.13
CA LYS A 62 0.11 9.00 9.39
C LYS A 62 -1.29 9.07 9.89
N GLY A 63 -2.14 10.00 9.44
CA GLY A 63 -3.55 9.90 9.70
C GLY A 63 -4.32 10.83 8.83
N LYS A 64 -3.80 11.16 7.64
CA LYS A 64 -4.40 12.14 6.79
C LYS A 64 -4.81 11.50 5.51
N SER A 65 -3.85 10.82 4.86
CA SER A 65 -3.94 10.39 3.50
C SER A 65 -4.70 9.13 3.29
N GLN A 66 -5.77 8.88 4.06
CA GLN A 66 -6.80 7.91 3.81
C GLN A 66 -7.67 8.42 2.71
N GLU A 67 -7.74 9.76 2.63
CA GLU A 67 -8.41 10.58 1.66
C GLU A 67 -7.75 10.47 0.33
N ASP A 68 -6.40 10.50 0.32
CA ASP A 68 -5.62 10.30 -0.86
C ASP A 68 -5.48 8.86 -1.18
N ALA A 69 -5.28 7.97 -0.19
CA ALA A 69 -5.25 6.56 -0.38
C ALA A 69 -6.28 6.01 -1.31
N GLU A 70 -7.59 6.13 -1.02
CA GLU A 70 -8.63 5.74 -1.91
C GLU A 70 -8.55 6.15 -3.34
N LYS A 71 -8.25 7.42 -3.67
CA LYS A 71 -8.32 7.99 -4.98
C LYS A 71 -7.06 7.84 -5.75
N GLU A 72 -5.89 7.79 -5.09
CA GLU A 72 -4.64 7.63 -5.78
C GLU A 72 -4.31 6.18 -5.93
N TYR A 73 -4.87 5.30 -5.08
CA TYR A 73 -4.58 3.89 -5.14
C TYR A 73 -5.10 3.22 -6.36
N ILE A 74 -6.37 3.44 -6.73
CA ILE A 74 -6.93 3.06 -8.00
C ILE A 74 -6.03 3.26 -9.17
N ALA A 75 -5.46 4.47 -9.34
CA ALA A 75 -4.58 4.75 -10.43
C ALA A 75 -3.26 4.07 -10.39
N LEU A 76 -2.70 3.83 -9.19
CA LEU A 76 -1.53 3.02 -9.03
C LEU A 76 -1.75 1.60 -9.41
N VAL A 77 -2.84 0.99 -8.88
CA VAL A 77 -3.14 -0.40 -8.98
C VAL A 77 -3.57 -0.77 -10.35
N ASP A 78 -4.04 0.19 -11.17
CA ASP A 78 -4.14 -0.02 -12.58
C ASP A 78 -2.84 -0.26 -13.25
N GLN A 79 -1.80 0.53 -12.91
CA GLN A 79 -0.46 0.39 -13.42
C GLN A 79 0.25 -0.81 -12.90
N LEU A 80 -0.25 -1.43 -11.82
CA LEU A 80 0.17 -2.68 -11.28
C LEU A 80 -0.47 -3.80 -12.04
N ILE A 81 -1.80 -3.93 -11.97
CA ILE A 81 -2.52 -5.10 -12.40
C ILE A 81 -2.44 -5.32 -13.86
N ALA A 82 -2.31 -4.25 -14.67
CA ALA A 82 -2.00 -4.34 -16.07
C ALA A 82 -0.82 -5.19 -16.38
N LYS A 83 0.23 -5.14 -15.55
CA LYS A 83 1.39 -5.97 -15.64
C LYS A 83 1.19 -7.27 -14.92
N TYR A 84 0.55 -7.21 -13.74
CA TYR A 84 0.68 -8.19 -12.71
C TYR A 84 -0.41 -9.21 -12.65
N SER A 85 -1.54 -9.02 -13.33
CA SER A 85 -2.65 -9.94 -13.31
C SER A 85 -2.33 -11.34 -13.71
N SER A 86 -1.72 -11.53 -14.90
CA SER A 86 -1.24 -12.82 -15.31
C SER A 86 -0.24 -12.65 -16.44
N VAL A 1 -12.77 6.44 -3.43
CA VAL A 1 -13.48 5.45 -2.60
C VAL A 1 -12.68 4.27 -2.17
N SER A 2 -12.60 4.03 -0.84
CA SER A 2 -11.91 2.97 -0.17
C SER A 2 -12.38 1.61 -0.54
N GLN A 3 -13.66 1.44 -0.91
CA GLN A 3 -14.20 0.21 -1.39
C GLN A 3 -13.52 -0.31 -2.62
N LEU A 4 -13.12 0.59 -3.53
CA LEU A 4 -12.41 0.30 -4.74
C LEU A 4 -11.05 -0.24 -4.44
N PHE A 5 -10.35 0.52 -3.59
CA PHE A 5 -9.09 0.23 -2.98
C PHE A 5 -9.08 -1.13 -2.37
N GLU A 6 -10.21 -1.58 -1.78
CA GLU A 6 -10.31 -2.85 -1.14
C GLU A 6 -10.54 -3.97 -2.10
N GLU A 7 -11.15 -3.75 -3.28
CA GLU A 7 -11.14 -4.71 -4.33
C GLU A 7 -9.75 -4.95 -4.84
N LYS A 8 -9.11 -3.82 -5.21
CA LYS A 8 -7.85 -3.73 -5.88
C LYS A 8 -6.71 -4.19 -5.02
N ALA A 9 -6.67 -3.79 -3.75
CA ALA A 9 -5.55 -4.01 -2.89
C ALA A 9 -5.35 -5.45 -2.54
N LYS A 10 -6.47 -6.09 -2.18
CA LYS A 10 -6.56 -7.48 -1.85
C LYS A 10 -6.28 -8.38 -3.01
N ALA A 11 -6.33 -7.87 -4.25
CA ALA A 11 -5.80 -8.56 -5.39
C ALA A 11 -4.30 -8.45 -5.45
N VAL A 12 -3.72 -7.23 -5.45
CA VAL A 12 -2.33 -7.03 -5.68
C VAL A 12 -1.45 -7.60 -4.62
N ASN A 13 -1.95 -7.75 -3.39
CA ASN A 13 -1.25 -8.38 -2.32
C ASN A 13 -1.13 -9.86 -2.45
N GLU A 14 -1.86 -10.48 -3.38
CA GLU A 14 -1.85 -11.90 -3.56
C GLU A 14 -2.06 -12.32 -4.98
N LEU A 15 -1.63 -11.48 -5.93
CA LEU A 15 -1.60 -11.75 -7.33
C LEU A 15 -0.49 -12.71 -7.61
N PRO A 16 -0.36 -13.38 -8.71
CA PRO A 16 0.75 -14.27 -8.93
C PRO A 16 2.00 -13.50 -9.20
N THR A 17 1.86 -12.30 -9.79
CA THR A 17 2.90 -11.40 -10.14
C THR A 17 2.86 -10.35 -9.08
N LYS A 18 3.43 -10.70 -7.91
CA LYS A 18 3.43 -9.89 -6.74
C LYS A 18 4.19 -8.60 -6.87
N PRO A 19 3.92 -7.54 -6.18
CA PRO A 19 4.34 -6.23 -6.57
C PRO A 19 5.81 -6.02 -6.48
N SER A 20 6.41 -5.15 -7.31
CA SER A 20 7.83 -5.03 -7.44
C SER A 20 8.46 -4.19 -6.37
N THR A 21 9.80 -4.10 -6.31
CA THR A 21 10.56 -3.51 -5.25
C THR A 21 10.22 -2.09 -4.95
N ASP A 22 10.29 -1.21 -5.98
CA ASP A 22 10.02 0.19 -5.90
C ASP A 22 8.59 0.50 -5.66
N GLU A 23 7.71 -0.38 -6.16
CA GLU A 23 6.28 -0.33 -6.03
C GLU A 23 5.87 -0.64 -4.62
N LEU A 24 6.20 -1.84 -4.11
CA LEU A 24 5.86 -2.36 -2.82
C LEU A 24 6.11 -1.48 -1.64
N LEU A 25 7.08 -0.55 -1.72
CA LEU A 25 7.25 0.52 -0.78
C LEU A 25 6.10 1.45 -0.69
N GLU A 26 5.74 2.07 -1.82
CA GLU A 26 4.67 3.01 -1.90
C GLU A 26 3.33 2.34 -1.86
N LEU A 27 3.22 1.14 -2.45
CA LEU A 27 2.06 0.32 -2.46
C LEU A 27 1.74 -0.22 -1.10
N TYR A 28 2.73 -0.49 -0.23
CA TYR A 28 2.55 -0.70 1.17
C TYR A 28 1.96 0.50 1.81
N ALA A 29 2.59 1.68 1.67
CA ALA A 29 2.19 2.89 2.31
C ALA A 29 0.76 3.20 2.12
N LEU A 30 0.29 3.24 0.86
CA LEU A 30 -1.09 3.43 0.55
C LEU A 30 -2.02 2.35 1.02
N TYR A 31 -1.63 1.07 0.90
CA TYR A 31 -2.41 -0.02 1.37
C TYR A 31 -2.62 0.03 2.85
N LYS A 32 -1.55 0.15 3.64
CA LYS A 32 -1.59 0.42 5.05
C LYS A 32 -2.39 1.63 5.38
N GLN A 33 -2.26 2.72 4.61
CA GLN A 33 -2.98 3.95 4.81
C GLN A 33 -4.46 3.76 4.84
N ALA A 34 -5.08 3.26 3.76
CA ALA A 34 -6.50 3.16 3.70
C ALA A 34 -7.03 1.88 4.24
N THR A 35 -6.16 0.91 4.59
CA THR A 35 -6.58 -0.22 5.37
C THR A 35 -6.93 0.18 6.76
N VAL A 36 -5.94 0.62 7.56
CA VAL A 36 -6.15 0.95 8.94
C VAL A 36 -6.59 2.35 9.17
N GLY A 37 -6.23 3.29 8.28
CA GLY A 37 -6.73 4.63 8.29
C GLY A 37 -5.91 5.62 9.03
N ASP A 38 -5.01 5.15 9.92
CA ASP A 38 -4.14 5.96 10.73
C ASP A 38 -2.79 5.32 10.64
N ASN A 39 -1.71 6.02 11.08
CA ASN A 39 -0.55 5.39 11.61
C ASN A 39 -0.77 4.50 12.77
N ASP A 40 -1.12 3.22 12.48
CA ASP A 40 -1.63 2.25 13.40
C ASP A 40 -0.57 1.64 14.27
N LYS A 41 0.36 0.87 13.69
CA LYS A 41 1.49 0.31 14.38
C LYS A 41 2.58 1.32 14.29
N GLU A 42 3.57 1.24 15.21
CA GLU A 42 4.77 2.02 15.18
C GLU A 42 5.91 1.10 15.41
N LYS A 43 5.61 -0.20 15.22
CA LYS A 43 6.52 -1.30 15.39
C LYS A 43 6.61 -2.04 14.10
N PRO A 44 7.57 -1.80 13.25
CA PRO A 44 7.86 -2.67 12.15
C PRO A 44 8.69 -3.83 12.58
N GLY A 45 9.29 -4.56 11.62
CA GLY A 45 10.04 -5.77 11.85
C GLY A 45 11.27 -5.66 12.68
N ILE A 46 11.91 -6.80 12.98
CA ILE A 46 12.93 -6.89 13.98
C ILE A 46 14.28 -6.57 13.42
N PHE A 47 14.62 -7.16 12.26
CA PHE A 47 15.83 -6.97 11.52
C PHE A 47 15.76 -5.79 10.62
N ASN A 48 14.57 -5.18 10.56
CA ASN A 48 14.09 -4.16 9.68
C ASN A 48 15.01 -3.32 8.85
N MET A 49 15.38 -3.81 7.66
CA MET A 49 15.97 -2.99 6.65
C MET A 49 14.89 -2.52 5.75
N LYS A 50 14.09 -3.45 5.19
CA LYS A 50 13.05 -3.13 4.26
C LYS A 50 11.86 -2.47 4.88
N ASP A 51 11.40 -2.94 6.06
CA ASP A 51 10.26 -2.40 6.73
C ASP A 51 10.36 -0.98 7.14
N ARG A 52 11.55 -0.49 7.53
CA ARG A 52 11.70 0.86 8.02
C ARG A 52 11.61 1.90 6.96
N TYR A 53 11.79 1.51 5.68
CA TYR A 53 11.47 2.34 4.56
C TYR A 53 9.99 2.39 4.32
N LYS A 54 9.34 1.22 4.26
CA LYS A 54 7.93 1.07 4.10
C LYS A 54 7.12 1.78 5.13
N TRP A 55 7.44 1.56 6.42
CA TRP A 55 6.73 2.13 7.53
C TRP A 55 6.88 3.60 7.61
N GLU A 56 8.05 4.17 7.28
CA GLU A 56 8.25 5.59 7.30
C GLU A 56 7.56 6.27 6.17
N ALA A 57 7.47 5.62 5.00
CA ALA A 57 6.74 6.12 3.87
C ALA A 57 5.27 6.21 4.13
N TRP A 58 4.79 5.36 5.05
CA TRP A 58 3.45 5.25 5.53
C TRP A 58 3.16 6.31 6.54
N GLU A 59 4.05 6.48 7.53
CA GLU A 59 3.96 7.42 8.60
C GLU A 59 4.03 8.85 8.16
N ASN A 60 4.40 9.10 6.89
CA ASN A 60 4.31 10.39 6.28
C ASN A 60 2.91 10.79 5.95
N LEU A 61 1.95 9.84 5.82
CA LEU A 61 0.59 10.14 5.53
C LEU A 61 -0.33 9.77 6.65
N LYS A 62 0.23 9.52 7.84
CA LYS A 62 -0.38 9.19 9.10
C LYS A 62 -1.75 9.65 9.47
N GLY A 63 -2.16 10.87 9.08
CA GLY A 63 -3.40 11.49 9.42
C GLY A 63 -4.39 11.43 8.30
N LYS A 64 -3.96 11.79 7.08
CA LYS A 64 -4.88 11.97 5.99
C LYS A 64 -5.17 10.72 5.24
N SER A 65 -4.45 9.64 5.61
CA SER A 65 -4.41 8.33 5.05
C SER A 65 -5.63 7.82 4.35
N GLN A 66 -6.75 7.71 5.09
CA GLN A 66 -7.99 7.18 4.60
C GLN A 66 -8.70 7.99 3.57
N GLU A 67 -8.29 9.26 3.40
CA GLU A 67 -8.82 10.15 2.41
C GLU A 67 -8.00 10.09 1.16
N ASP A 68 -6.66 10.09 1.29
CA ASP A 68 -5.80 10.29 0.16
C ASP A 68 -5.35 9.02 -0.47
N ALA A 69 -5.12 7.96 0.32
CA ALA A 69 -4.71 6.69 -0.21
C ALA A 69 -5.68 6.10 -1.17
N GLU A 70 -6.97 5.95 -0.80
CA GLU A 70 -8.00 5.50 -1.68
C GLU A 70 -8.03 5.98 -3.08
N LYS A 71 -7.74 7.28 -3.36
CA LYS A 71 -7.82 7.86 -4.66
C LYS A 71 -6.56 7.73 -5.45
N GLU A 72 -5.39 7.78 -4.79
CA GLU A 72 -4.13 7.59 -5.43
C GLU A 72 -3.87 6.16 -5.70
N TYR A 73 -4.41 5.25 -4.86
CA TYR A 73 -4.13 3.85 -4.92
C TYR A 73 -4.65 3.18 -6.15
N ILE A 74 -5.91 3.46 -6.54
CA ILE A 74 -6.48 2.98 -7.76
C ILE A 74 -5.61 3.17 -8.96
N ALA A 75 -5.02 4.36 -9.13
CA ALA A 75 -4.17 4.67 -10.23
C ALA A 75 -2.88 3.91 -10.27
N LEU A 76 -2.23 3.70 -9.11
CA LEU A 76 -1.05 2.91 -8.98
C LEU A 76 -1.28 1.47 -9.29
N VAL A 77 -2.41 0.93 -8.80
CA VAL A 77 -2.78 -0.45 -8.89
C VAL A 77 -3.29 -0.78 -10.25
N ASP A 78 -3.80 0.18 -11.04
CA ASP A 78 -4.08 -0.03 -12.42
C ASP A 78 -2.84 -0.32 -13.19
N GLN A 79 -1.75 0.41 -12.92
CA GLN A 79 -0.44 0.19 -13.46
C GLN A 79 0.18 -1.09 -13.02
N LEU A 80 -0.20 -1.61 -11.83
CA LEU A 80 0.18 -2.91 -11.35
C LEU A 80 -0.55 -3.95 -12.11
N ILE A 81 -1.90 -3.97 -12.03
CA ILE A 81 -2.74 -5.02 -12.51
C ILE A 81 -2.70 -5.17 -13.99
N ALA A 82 -2.47 -4.08 -14.74
CA ALA A 82 -2.21 -4.13 -16.15
C ALA A 82 -1.07 -4.98 -16.56
N LYS A 83 -0.04 -5.13 -15.70
CA LYS A 83 0.96 -6.14 -15.82
C LYS A 83 0.54 -7.40 -15.13
N TYR A 84 0.05 -7.29 -13.89
CA TYR A 84 0.17 -8.29 -12.87
C TYR A 84 -0.99 -9.21 -12.75
N SER A 85 -2.14 -8.91 -13.38
CA SER A 85 -3.32 -9.72 -13.42
C SER A 85 -3.07 -11.16 -13.71
N SER A 86 -2.39 -11.44 -14.84
CA SER A 86 -1.84 -12.73 -15.12
C SER A 86 -0.79 -12.60 -16.21
N VAL A 1 -13.91 4.60 -4.67
CA VAL A 1 -12.78 4.91 -3.77
C VAL A 1 -12.43 3.85 -2.77
N SER A 2 -12.78 3.96 -1.48
CA SER A 2 -12.36 3.09 -0.41
C SER A 2 -12.82 1.69 -0.52
N GLN A 3 -13.92 1.42 -1.25
CA GLN A 3 -14.34 0.08 -1.53
C GLN A 3 -13.54 -0.55 -2.61
N LEU A 4 -13.28 0.20 -3.69
CA LEU A 4 -12.51 -0.19 -4.83
C LEU A 4 -11.12 -0.54 -4.44
N PHE A 5 -10.56 0.33 -3.56
CA PHE A 5 -9.31 0.22 -2.90
C PHE A 5 -9.06 -1.15 -2.35
N GLU A 6 -10.10 -1.79 -1.79
CA GLU A 6 -10.00 -3.12 -1.25
C GLU A 6 -9.94 -4.16 -2.32
N GLU A 7 -10.82 -4.04 -3.33
CA GLU A 7 -10.85 -4.97 -4.44
C GLU A 7 -9.58 -5.04 -5.19
N LYS A 8 -8.97 -3.86 -5.37
CA LYS A 8 -7.67 -3.61 -5.94
C LYS A 8 -6.57 -4.14 -5.08
N ALA A 9 -6.57 -3.82 -3.78
CA ALA A 9 -5.45 -4.06 -2.93
C ALA A 9 -5.16 -5.49 -2.66
N LYS A 10 -6.24 -6.19 -2.27
CA LYS A 10 -6.29 -7.59 -2.01
C LYS A 10 -6.07 -8.44 -3.22
N ALA A 11 -6.16 -7.85 -4.43
CA ALA A 11 -5.62 -8.42 -5.61
C ALA A 11 -4.13 -8.27 -5.63
N VAL A 12 -3.57 -7.04 -5.62
CA VAL A 12 -2.18 -6.80 -5.86
C VAL A 12 -1.25 -7.36 -4.84
N ASN A 13 -1.69 -7.50 -3.57
CA ASN A 13 -0.87 -8.12 -2.58
C ASN A 13 -0.80 -9.60 -2.70
N GLU A 14 -1.71 -10.19 -3.50
CA GLU A 14 -1.94 -11.60 -3.63
C GLU A 14 -1.43 -12.16 -4.90
N LEU A 15 -1.48 -11.37 -5.99
CA LEU A 15 -1.26 -11.71 -7.37
C LEU A 15 -0.07 -12.54 -7.67
N PRO A 16 -0.01 -13.29 -8.73
CA PRO A 16 1.07 -14.19 -8.99
C PRO A 16 2.31 -13.46 -9.44
N THR A 17 2.17 -12.19 -9.83
CA THR A 17 3.27 -11.32 -10.15
C THR A 17 3.24 -10.32 -9.05
N LYS A 18 3.73 -10.75 -7.87
CA LYS A 18 3.77 -9.96 -6.67
C LYS A 18 4.52 -8.68 -6.83
N PRO A 19 4.16 -7.59 -6.23
CA PRO A 19 4.54 -6.28 -6.68
C PRO A 19 6.00 -6.04 -6.58
N SER A 20 6.65 -5.38 -7.55
CA SER A 20 8.07 -5.17 -7.54
C SER A 20 8.55 -4.31 -6.43
N THR A 21 9.81 -4.47 -6.00
CA THR A 21 10.43 -3.95 -4.83
C THR A 21 10.10 -2.54 -4.46
N ASP A 22 10.34 -1.59 -5.38
CA ASP A 22 10.14 -0.19 -5.20
C ASP A 22 8.70 0.21 -5.20
N GLU A 23 7.87 -0.50 -5.97
CA GLU A 23 6.48 -0.22 -6.18
C GLU A 23 5.69 -0.67 -5.00
N LEU A 24 5.94 -1.88 -4.50
CA LEU A 24 5.41 -2.45 -3.29
C LEU A 24 5.40 -1.56 -2.11
N LEU A 25 6.45 -0.73 -1.92
CA LEU A 25 6.60 0.12 -0.78
C LEU A 25 5.71 1.32 -0.79
N GLU A 26 5.56 2.00 -1.94
CA GLU A 26 4.67 3.12 -2.06
C GLU A 26 3.25 2.68 -2.13
N LEU A 27 3.01 1.45 -2.62
CA LEU A 27 1.72 0.82 -2.58
C LEU A 27 1.34 0.38 -1.22
N TYR A 28 2.27 -0.13 -0.38
CA TYR A 28 2.10 -0.38 1.01
C TYR A 28 1.63 0.83 1.74
N ALA A 29 2.30 1.99 1.60
CA ALA A 29 1.92 3.21 2.23
C ALA A 29 0.48 3.59 2.07
N LEU A 30 -0.02 3.55 0.83
CA LEU A 30 -1.41 3.75 0.53
C LEU A 30 -2.32 2.68 1.03
N TYR A 31 -1.98 1.40 0.80
CA TYR A 31 -2.73 0.26 1.25
C TYR A 31 -2.94 0.32 2.72
N LYS A 32 -1.87 0.48 3.52
CA LYS A 32 -1.96 0.62 4.94
C LYS A 32 -2.66 1.87 5.36
N GLN A 33 -2.61 2.97 4.58
CA GLN A 33 -3.39 4.12 4.91
C GLN A 33 -4.87 3.94 4.85
N ALA A 34 -5.46 3.45 3.74
CA ALA A 34 -6.88 3.32 3.67
C ALA A 34 -7.37 2.03 4.24
N THR A 35 -6.49 1.07 4.54
CA THR A 35 -6.82 -0.06 5.36
C THR A 35 -7.07 0.32 6.77
N VAL A 36 -6.11 1.00 7.43
CA VAL A 36 -6.20 1.41 8.79
C VAL A 36 -6.91 2.71 8.96
N GLY A 37 -6.32 3.78 8.38
CA GLY A 37 -6.72 5.15 8.44
C GLY A 37 -5.73 5.98 9.20
N ASP A 38 -4.99 5.34 10.13
CA ASP A 38 -3.87 5.91 10.80
C ASP A 38 -2.69 5.07 10.47
N ASN A 39 -1.50 5.35 11.03
CA ASN A 39 -0.57 4.31 11.34
C ASN A 39 -1.09 3.44 12.43
N ASP A 40 -1.22 2.13 12.21
CA ASP A 40 -1.69 1.25 13.24
C ASP A 40 -0.60 0.90 14.19
N LYS A 41 0.47 0.24 13.67
CA LYS A 41 1.63 -0.10 14.43
C LYS A 41 2.54 1.08 14.45
N GLU A 42 3.53 1.03 15.35
CA GLU A 42 4.67 1.89 15.32
C GLU A 42 5.83 1.07 15.76
N LYS A 43 5.89 -0.16 15.21
CA LYS A 43 6.99 -1.04 15.42
C LYS A 43 7.17 -1.93 14.24
N PRO A 44 7.88 -1.54 13.21
CA PRO A 44 8.51 -2.46 12.32
C PRO A 44 9.68 -3.08 12.98
N GLY A 45 10.45 -4.00 12.35
CA GLY A 45 11.47 -4.68 13.06
C GLY A 45 12.71 -3.87 13.27
N ILE A 46 13.76 -4.50 13.81
CA ILE A 46 14.93 -3.81 14.29
C ILE A 46 15.97 -3.83 13.23
N PHE A 47 16.26 -5.02 12.68
CA PHE A 47 17.05 -5.21 11.50
C PHE A 47 16.18 -5.46 10.32
N ASN A 48 14.85 -5.38 10.45
CA ASN A 48 13.93 -5.58 9.38
C ASN A 48 13.86 -4.40 8.47
N MET A 49 14.78 -4.29 7.50
CA MET A 49 14.93 -3.13 6.65
C MET A 49 13.74 -2.90 5.78
N LYS A 50 13.16 -4.01 5.27
CA LYS A 50 12.01 -4.00 4.42
C LYS A 50 10.77 -3.52 5.09
N ASP A 51 10.41 -4.01 6.29
CA ASP A 51 9.33 -3.46 7.04
C ASP A 51 9.57 -2.04 7.42
N ARG A 52 10.80 -1.69 7.85
CA ARG A 52 11.16 -0.35 8.20
C ARG A 52 10.96 0.69 7.13
N TYR A 53 11.40 0.45 5.88
CA TYR A 53 11.19 1.42 4.83
C TYR A 53 9.79 1.54 4.37
N LYS A 54 9.03 0.44 4.34
CA LYS A 54 7.63 0.45 4.04
C LYS A 54 6.85 1.23 5.06
N TRP A 55 7.14 0.99 6.35
CA TRP A 55 6.55 1.67 7.45
C TRP A 55 6.91 3.11 7.51
N GLU A 56 8.12 3.50 7.05
CA GLU A 56 8.58 4.85 6.97
C GLU A 56 7.84 5.63 5.93
N ALA A 57 7.45 4.98 4.82
CA ALA A 57 6.61 5.57 3.82
C ALA A 57 5.19 5.73 4.25
N TRP A 58 4.75 4.92 5.22
CA TRP A 58 3.43 4.93 5.76
C TRP A 58 3.28 5.98 6.81
N GLU A 59 4.26 6.12 7.72
CA GLU A 59 4.25 7.07 8.79
C GLU A 59 4.30 8.49 8.33
N ASN A 60 4.78 8.73 7.10
CA ASN A 60 4.65 9.98 6.42
C ASN A 60 3.25 10.43 6.27
N LEU A 61 2.30 9.49 6.16
CA LEU A 61 0.91 9.76 5.91
C LEU A 61 0.04 9.59 7.10
N LYS A 62 0.62 9.20 8.25
CA LYS A 62 0.08 8.65 9.46
C LYS A 62 -1.28 8.92 10.00
N GLY A 63 -2.02 9.95 9.58
CA GLY A 63 -3.40 10.04 9.97
C GLY A 63 -4.23 10.94 9.11
N LYS A 64 -3.75 11.31 7.90
CA LYS A 64 -4.55 12.15 7.05
C LYS A 64 -4.89 11.44 5.79
N SER A 65 -3.89 10.88 5.08
CA SER A 65 -4.00 10.53 3.70
C SER A 65 -4.56 9.17 3.46
N GLN A 66 -5.63 8.80 4.18
CA GLN A 66 -6.61 7.83 3.79
C GLN A 66 -7.46 8.43 2.72
N GLU A 67 -7.67 9.75 2.82
CA GLU A 67 -8.40 10.62 1.96
C GLU A 67 -7.78 10.65 0.60
N ASP A 68 -6.44 10.61 0.57
CA ASP A 68 -5.64 10.51 -0.61
C ASP A 68 -5.44 9.09 -1.01
N ALA A 69 -5.11 8.18 -0.08
CA ALA A 69 -4.97 6.78 -0.36
C ALA A 69 -6.03 6.18 -1.22
N GLU A 70 -7.31 6.20 -0.81
CA GLU A 70 -8.40 5.73 -1.61
C GLU A 70 -8.54 6.21 -3.01
N LYS A 71 -8.24 7.48 -3.35
CA LYS A 71 -8.32 8.02 -4.67
C LYS A 71 -7.09 7.86 -5.49
N GLU A 72 -5.90 7.86 -4.87
CA GLU A 72 -4.68 7.70 -5.58
C GLU A 72 -4.40 6.26 -5.82
N TYR A 73 -4.91 5.35 -4.98
CA TYR A 73 -4.65 3.95 -5.04
C TYR A 73 -5.20 3.29 -6.26
N ILE A 74 -6.46 3.57 -6.63
CA ILE A 74 -7.04 3.17 -7.86
C ILE A 74 -6.17 3.33 -9.05
N ALA A 75 -5.62 4.54 -9.27
CA ALA A 75 -4.82 4.84 -10.41
C ALA A 75 -3.47 4.21 -10.43
N LEU A 76 -2.90 3.87 -9.26
CA LEU A 76 -1.70 3.09 -9.17
C LEU A 76 -1.96 1.68 -9.55
N VAL A 77 -2.98 1.05 -8.93
CA VAL A 77 -3.25 -0.36 -9.01
C VAL A 77 -3.75 -0.75 -10.36
N ASP A 78 -4.39 0.17 -11.11
CA ASP A 78 -4.66 -0.04 -12.50
C ASP A 78 -3.45 -0.36 -13.31
N GLN A 79 -2.34 0.36 -13.03
CA GLN A 79 -1.08 0.18 -13.67
C GLN A 79 -0.29 -0.98 -13.17
N LEU A 80 -0.50 -1.39 -11.90
CA LEU A 80 0.03 -2.59 -11.32
C LEU A 80 -0.58 -3.78 -11.99
N ILE A 81 -1.92 -3.89 -11.99
CA ILE A 81 -2.61 -5.06 -12.44
C ILE A 81 -2.45 -5.28 -13.90
N ALA A 82 -2.31 -4.20 -14.69
CA ALA A 82 -1.92 -4.23 -16.06
C ALA A 82 -0.68 -5.02 -16.35
N LYS A 83 0.30 -5.00 -15.43
CA LYS A 83 1.46 -5.84 -15.50
C LYS A 83 1.15 -7.16 -14.84
N TYR A 84 0.56 -7.10 -13.64
CA TYR A 84 0.72 -8.11 -12.64
C TYR A 84 -0.34 -9.16 -12.62
N SER A 85 -1.45 -9.00 -13.35
CA SER A 85 -2.45 -10.01 -13.51
C SER A 85 -1.94 -11.36 -13.89
N SER A 86 -1.16 -11.46 -14.98
CA SER A 86 -0.47 -12.65 -15.35
C SER A 86 0.68 -12.33 -16.31
N VAL A 1 -11.59 5.31 -4.43
CA VAL A 1 -12.65 4.33 -4.14
C VAL A 1 -12.21 3.26 -3.20
N SER A 2 -12.77 3.25 -1.97
CA SER A 2 -12.37 2.43 -0.86
C SER A 2 -12.81 1.01 -0.99
N GLN A 3 -13.89 0.70 -1.73
CA GLN A 3 -14.25 -0.66 -1.98
C GLN A 3 -13.26 -1.37 -2.84
N LEU A 4 -12.90 -0.71 -3.96
CA LEU A 4 -11.95 -1.16 -4.93
C LEU A 4 -10.60 -1.37 -4.33
N PHE A 5 -10.19 -0.40 -3.50
CA PHE A 5 -8.91 -0.32 -2.85
C PHE A 5 -8.48 -1.64 -2.30
N GLU A 6 -9.34 -2.28 -1.49
CA GLU A 6 -9.00 -3.51 -0.83
C GLU A 6 -9.32 -4.68 -1.70
N GLU A 7 -10.32 -4.59 -2.59
CA GLU A 7 -10.60 -5.58 -3.59
C GLU A 7 -9.42 -5.89 -4.45
N LYS A 8 -8.72 -4.87 -4.95
CA LYS A 8 -7.51 -5.02 -5.69
C LYS A 8 -6.27 -5.06 -4.85
N ALA A 9 -6.25 -4.54 -3.60
CA ALA A 9 -5.10 -4.66 -2.76
C ALA A 9 -4.80 -6.06 -2.39
N LYS A 10 -5.85 -6.79 -2.00
CA LYS A 10 -5.81 -8.20 -1.76
C LYS A 10 -5.52 -9.00 -2.99
N ALA A 11 -5.68 -8.43 -4.18
CA ALA A 11 -5.19 -9.01 -5.40
C ALA A 11 -3.72 -8.81 -5.51
N VAL A 12 -3.21 -7.56 -5.53
CA VAL A 12 -1.85 -7.23 -5.85
C VAL A 12 -0.86 -7.81 -4.89
N ASN A 13 -1.26 -8.00 -3.62
CA ASN A 13 -0.40 -8.61 -2.65
C ASN A 13 -0.41 -10.10 -2.70
N GLU A 14 -1.20 -10.71 -3.60
CA GLU A 14 -1.33 -12.11 -3.78
C GLU A 14 -1.17 -12.54 -5.21
N LEU A 15 -0.80 -11.62 -6.13
CA LEU A 15 -0.70 -11.89 -7.52
C LEU A 15 0.44 -12.78 -7.87
N PRO A 16 0.47 -13.44 -8.99
CA PRO A 16 1.59 -14.23 -9.40
C PRO A 16 2.69 -13.38 -9.94
N THR A 17 2.35 -12.16 -10.40
CA THR A 17 3.27 -11.16 -10.85
C THR A 17 3.37 -10.23 -9.70
N LYS A 18 4.21 -10.62 -8.73
CA LYS A 18 4.35 -9.96 -7.46
C LYS A 18 4.89 -8.57 -7.53
N PRO A 19 4.67 -7.70 -6.60
CA PRO A 19 4.88 -6.30 -6.81
C PRO A 19 6.30 -5.89 -6.98
N SER A 20 6.58 -4.79 -7.69
CA SER A 20 7.90 -4.31 -7.92
C SER A 20 8.46 -3.51 -6.79
N THR A 21 9.77 -3.60 -6.53
CA THR A 21 10.46 -3.15 -5.35
C THR A 21 10.27 -1.73 -4.93
N ASP A 22 10.47 -0.74 -5.82
CA ASP A 22 10.35 0.66 -5.54
C ASP A 22 8.94 1.15 -5.54
N GLU A 23 8.01 0.32 -6.06
CA GLU A 23 6.60 0.55 -5.97
C GLU A 23 6.08 0.02 -4.69
N LEU A 24 6.47 -1.20 -4.28
CA LEU A 24 6.14 -1.88 -3.05
C LEU A 24 6.22 -1.09 -1.80
N LEU A 25 7.20 -0.19 -1.63
CA LEU A 25 7.26 0.80 -0.59
C LEU A 25 6.01 1.60 -0.44
N GLU A 26 5.58 2.24 -1.54
CA GLU A 26 4.44 3.09 -1.57
C GLU A 26 3.16 2.34 -1.67
N LEU A 27 3.16 1.17 -2.33
CA LEU A 27 2.03 0.29 -2.41
C LEU A 27 1.72 -0.35 -1.10
N TYR A 28 2.71 -0.62 -0.24
CA TYR A 28 2.53 -0.88 1.16
C TYR A 28 1.88 0.28 1.82
N ALA A 29 2.46 1.48 1.72
CA ALA A 29 2.01 2.68 2.36
C ALA A 29 0.55 2.94 2.19
N LEU A 30 0.04 3.00 0.94
CA LEU A 30 -1.35 3.17 0.68
C LEU A 30 -2.26 2.07 1.12
N TYR A 31 -1.80 0.81 1.00
CA TYR A 31 -2.55 -0.33 1.46
C TYR A 31 -2.77 -0.26 2.94
N LYS A 32 -1.68 -0.08 3.70
CA LYS A 32 -1.66 0.20 5.11
C LYS A 32 -2.45 1.39 5.49
N GLN A 33 -2.42 2.49 4.70
CA GLN A 33 -3.14 3.68 4.95
C GLN A 33 -4.62 3.47 5.04
N ALA A 34 -5.25 2.98 3.96
CA ALA A 34 -6.66 2.73 3.96
C ALA A 34 -7.08 1.44 4.57
N THR A 35 -6.19 0.49 4.93
CA THR A 35 -6.59 -0.59 5.78
C THR A 35 -6.91 -0.12 7.16
N VAL A 36 -5.99 0.58 7.86
CA VAL A 36 -6.28 1.14 9.13
C VAL A 36 -6.88 2.51 9.06
N GLY A 37 -6.10 3.52 8.65
CA GLY A 37 -6.51 4.89 8.64
C GLY A 37 -5.69 5.80 9.50
N ASP A 38 -4.55 5.28 10.02
CA ASP A 38 -3.52 6.04 10.67
C ASP A 38 -2.25 5.44 10.19
N ASN A 39 -1.09 6.10 10.39
CA ASN A 39 0.14 5.40 10.56
C ASN A 39 0.20 4.71 11.88
N ASP A 40 -0.38 3.50 11.97
CA ASP A 40 -0.77 2.95 13.22
C ASP A 40 0.32 2.29 13.98
N LYS A 41 1.04 1.32 13.38
CA LYS A 41 1.99 0.50 14.07
C LYS A 41 3.35 1.10 14.19
N GLU A 42 3.59 1.98 15.17
CA GLU A 42 4.79 2.75 15.31
C GLU A 42 5.93 2.01 15.93
N LYS A 43 6.14 0.78 15.46
CA LYS A 43 7.23 -0.09 15.80
C LYS A 43 7.35 -1.10 14.71
N PRO A 44 8.11 -0.93 13.67
CA PRO A 44 8.24 -1.90 12.63
C PRO A 44 9.02 -3.10 13.06
N GLY A 45 8.95 -4.17 12.24
CA GLY A 45 9.13 -5.54 12.59
C GLY A 45 10.39 -6.08 13.18
N ILE A 46 10.56 -7.42 13.06
CA ILE A 46 11.40 -8.18 13.94
C ILE A 46 12.81 -8.28 13.47
N PHE A 47 13.00 -8.55 12.16
CA PHE A 47 14.26 -8.59 11.48
C PHE A 47 14.62 -7.23 10.97
N ASN A 48 13.60 -6.39 10.75
CA ASN A 48 13.54 -5.09 10.17
C ASN A 48 14.75 -4.47 9.55
N MET A 49 14.98 -4.75 8.25
CA MET A 49 15.92 -4.05 7.45
C MET A 49 15.17 -3.04 6.65
N LYS A 50 14.21 -3.54 5.83
CA LYS A 50 13.48 -2.78 4.87
C LYS A 50 12.28 -2.10 5.46
N ASP A 51 11.69 -2.68 6.52
CA ASP A 51 10.48 -2.26 7.14
C ASP A 51 10.53 -0.89 7.73
N ARG A 52 11.75 -0.42 8.04
CA ARG A 52 12.07 0.91 8.44
C ARG A 52 11.66 1.94 7.45
N TYR A 53 11.82 1.64 6.16
CA TYR A 53 11.58 2.50 5.05
C TYR A 53 10.18 2.38 4.56
N LYS A 54 9.59 1.17 4.63
CA LYS A 54 8.18 0.93 4.52
C LYS A 54 7.37 1.78 5.43
N TRP A 55 7.71 1.79 6.73
CA TRP A 55 7.01 2.55 7.72
C TRP A 55 7.19 4.02 7.58
N GLU A 56 8.36 4.47 7.09
CA GLU A 56 8.65 5.85 6.81
C GLU A 56 7.84 6.37 5.66
N ALA A 57 7.60 5.51 4.65
CA ALA A 57 6.80 5.80 3.51
C ALA A 57 5.35 5.94 3.86
N TRP A 58 4.93 5.25 4.92
CA TRP A 58 3.60 5.23 5.46
C TRP A 58 3.37 6.44 6.31
N GLU A 59 4.35 6.81 7.15
CA GLU A 59 4.37 7.98 7.97
C GLU A 59 4.22 9.25 7.21
N ASN A 60 4.69 9.34 5.95
CA ASN A 60 4.41 10.46 5.09
C ASN A 60 2.96 10.79 4.98
N LEU A 61 2.08 9.78 4.98
CA LEU A 61 0.66 9.99 4.90
C LEU A 61 -0.07 9.59 6.13
N LYS A 62 0.59 9.75 7.30
CA LYS A 62 0.12 9.60 8.64
C LYS A 62 -1.31 9.78 9.01
N GLY A 63 -1.97 10.90 8.61
CA GLY A 63 -3.26 11.28 9.10
C GLY A 63 -4.26 11.58 8.04
N LYS A 64 -3.84 11.82 6.79
CA LYS A 64 -4.76 12.08 5.72
C LYS A 64 -5.05 10.85 4.95
N SER A 65 -4.32 9.77 5.31
CA SER A 65 -4.30 8.43 4.82
C SER A 65 -5.55 7.92 4.20
N GLN A 66 -6.59 7.68 5.01
CA GLN A 66 -7.76 6.94 4.64
C GLN A 66 -8.46 7.41 3.41
N GLU A 67 -8.51 8.74 3.23
CA GLU A 67 -9.17 9.39 2.14
C GLU A 67 -8.26 9.65 1.00
N ASP A 68 -6.93 9.69 1.14
CA ASP A 68 -6.06 9.91 0.03
C ASP A 68 -5.66 8.59 -0.57
N ALA A 69 -5.41 7.58 0.27
CA ALA A 69 -5.15 6.22 -0.06
C ALA A 69 -6.11 5.67 -1.06
N GLU A 70 -7.42 5.59 -0.74
CA GLU A 70 -8.42 5.12 -1.65
C GLU A 70 -8.49 5.70 -3.02
N LYS A 71 -8.17 6.99 -3.22
CA LYS A 71 -8.20 7.68 -4.47
C LYS A 71 -6.92 7.60 -5.25
N GLU A 72 -5.77 7.46 -4.58
CA GLU A 72 -4.52 7.25 -5.26
C GLU A 72 -4.25 5.80 -5.50
N TYR A 73 -4.78 4.88 -4.67
CA TYR A 73 -4.49 3.49 -4.75
C TYR A 73 -4.99 2.87 -6.00
N ILE A 74 -6.26 3.14 -6.38
CA ILE A 74 -6.82 2.87 -7.68
C ILE A 74 -5.90 3.12 -8.82
N ALA A 75 -5.29 4.33 -8.87
CA ALA A 75 -4.48 4.78 -9.96
C ALA A 75 -3.12 4.19 -10.04
N LEU A 76 -2.56 3.74 -8.91
CA LEU A 76 -1.35 2.97 -8.87
C LEU A 76 -1.62 1.56 -9.29
N VAL A 77 -2.61 0.92 -8.63
CA VAL A 77 -2.94 -0.47 -8.74
C VAL A 77 -3.49 -0.79 -10.09
N ASP A 78 -4.04 0.20 -10.84
CA ASP A 78 -4.37 -0.05 -12.22
C ASP A 78 -3.19 -0.33 -13.08
N GLN A 79 -2.05 0.31 -12.79
CA GLN A 79 -0.81 0.13 -13.47
C GLN A 79 -0.03 -1.03 -12.97
N LEU A 80 -0.37 -1.55 -11.77
CA LEU A 80 0.04 -2.84 -11.32
C LEU A 80 -0.73 -3.88 -12.06
N ILE A 81 -2.06 -3.93 -11.90
CA ILE A 81 -2.94 -4.96 -12.38
C ILE A 81 -2.88 -5.17 -13.86
N ALA A 82 -2.80 -4.08 -14.65
CA ALA A 82 -2.65 -4.15 -16.07
C ALA A 82 -1.45 -4.89 -16.55
N LYS A 83 -0.35 -4.88 -15.77
CA LYS A 83 0.78 -5.71 -16.03
C LYS A 83 0.58 -7.03 -15.36
N TYR A 84 0.11 -7.02 -14.10
CA TYR A 84 0.37 -8.06 -13.16
C TYR A 84 -0.66 -9.12 -13.07
N SER A 85 -1.93 -8.83 -13.38
CA SER A 85 -3.07 -9.69 -13.27
C SER A 85 -2.85 -11.10 -13.69
N SER A 86 -2.37 -11.30 -14.92
CA SER A 86 -1.83 -12.52 -15.42
C SER A 86 -1.12 -12.20 -16.72
N VAL A 1 -12.63 7.10 -3.88
CA VAL A 1 -13.47 5.97 -3.42
C VAL A 1 -12.68 4.75 -3.05
N SER A 2 -12.89 4.23 -1.83
CA SER A 2 -12.22 3.17 -1.15
C SER A 2 -12.76 1.80 -1.44
N GLN A 3 -13.78 1.66 -2.31
CA GLN A 3 -14.30 0.37 -2.66
C GLN A 3 -13.32 -0.43 -3.44
N LEU A 4 -12.86 0.15 -4.57
CA LEU A 4 -11.89 -0.36 -5.49
C LEU A 4 -10.55 -0.57 -4.86
N PHE A 5 -10.26 0.24 -3.82
CA PHE A 5 -9.13 0.06 -2.97
C PHE A 5 -9.15 -1.29 -2.33
N GLU A 6 -10.23 -1.68 -1.65
CA GLU A 6 -10.28 -2.95 -0.99
C GLU A 6 -10.57 -4.08 -1.93
N GLU A 7 -11.05 -3.80 -3.15
CA GLU A 7 -11.10 -4.77 -4.19
C GLU A 7 -9.74 -5.22 -4.60
N LYS A 8 -8.99 -4.24 -5.13
CA LYS A 8 -7.78 -4.48 -5.84
C LYS A 8 -6.56 -4.51 -4.98
N ALA A 9 -6.58 -4.00 -3.74
CA ALA A 9 -5.42 -4.01 -2.91
C ALA A 9 -5.08 -5.37 -2.41
N LYS A 10 -6.17 -6.10 -2.08
CA LYS A 10 -6.19 -7.50 -1.77
C LYS A 10 -5.56 -8.33 -2.83
N ALA A 11 -5.80 -7.98 -4.11
CA ALA A 11 -5.30 -8.69 -5.25
C ALA A 11 -3.82 -8.49 -5.38
N VAL A 12 -3.33 -7.24 -5.48
CA VAL A 12 -1.96 -6.93 -5.74
C VAL A 12 -1.02 -7.41 -4.68
N ASN A 13 -1.48 -7.54 -3.43
CA ASN A 13 -0.67 -8.06 -2.38
C ASN A 13 -0.38 -9.52 -2.49
N GLU A 14 -1.20 -10.29 -3.22
CA GLU A 14 -1.08 -11.71 -3.32
C GLU A 14 -1.15 -12.22 -4.72
N LEU A 15 -0.91 -11.34 -5.72
CA LEU A 15 -0.95 -11.65 -7.12
C LEU A 15 0.24 -12.48 -7.48
N PRO A 16 0.27 -13.26 -8.51
CA PRO A 16 1.38 -14.13 -8.79
C PRO A 16 2.54 -13.36 -9.33
N THR A 17 2.27 -12.16 -9.87
CA THR A 17 3.21 -11.25 -10.42
C THR A 17 3.28 -10.17 -9.38
N LYS A 18 3.99 -10.48 -8.29
CA LYS A 18 4.06 -9.68 -7.10
C LYS A 18 4.66 -8.32 -7.30
N PRO A 19 4.33 -7.30 -6.56
CA PRO A 19 4.60 -5.94 -6.94
C PRO A 19 6.05 -5.62 -6.96
N SER A 20 6.53 -4.68 -7.79
CA SER A 20 7.92 -4.46 -7.96
C SER A 20 8.54 -3.59 -6.92
N THR A 21 9.89 -3.49 -6.91
CA THR A 21 10.76 -2.95 -5.92
C THR A 21 10.41 -1.60 -5.38
N ASP A 22 10.29 -0.57 -6.25
CA ASP A 22 9.96 0.77 -5.86
C ASP A 22 8.49 0.97 -5.72
N GLU A 23 7.70 0.12 -6.39
CA GLU A 23 6.27 0.14 -6.39
C GLU A 23 5.74 -0.28 -5.07
N LEU A 24 6.36 -1.31 -4.45
CA LEU A 24 6.12 -1.85 -3.15
C LEU A 24 5.94 -0.83 -2.07
N LEU A 25 6.88 0.12 -1.93
CA LEU A 25 6.86 1.22 -1.02
C LEU A 25 5.65 2.08 -1.09
N GLU A 26 5.22 2.48 -2.30
CA GLU A 26 3.99 3.18 -2.48
C GLU A 26 2.81 2.32 -2.18
N LEU A 27 2.85 1.07 -2.68
CA LEU A 27 1.82 0.08 -2.64
C LEU A 27 1.46 -0.35 -1.26
N TYR A 28 2.45 -0.62 -0.38
CA TYR A 28 2.32 -0.80 1.03
C TYR A 28 1.74 0.42 1.66
N ALA A 29 2.36 1.60 1.50
CA ALA A 29 2.00 2.80 2.19
C ALA A 29 0.56 3.16 2.04
N LEU A 30 0.02 3.12 0.81
CA LEU A 30 -1.36 3.36 0.56
C LEU A 30 -2.29 2.28 0.99
N TYR A 31 -1.91 1.00 0.78
CA TYR A 31 -2.66 -0.14 1.21
C TYR A 31 -2.89 -0.10 2.69
N LYS A 32 -1.80 0.00 3.47
CA LYS A 32 -1.83 0.21 4.88
C LYS A 32 -2.51 1.47 5.28
N GLN A 33 -2.46 2.55 4.49
CA GLN A 33 -3.20 3.75 4.78
C GLN A 33 -4.67 3.56 4.91
N ALA A 34 -5.38 3.12 3.85
CA ALA A 34 -6.81 3.06 3.94
C ALA A 34 -7.28 1.75 4.47
N THR A 35 -6.42 0.73 4.60
CA THR A 35 -6.77 -0.46 5.31
C THR A 35 -6.85 -0.21 6.77
N VAL A 36 -5.81 0.37 7.39
CA VAL A 36 -5.81 0.60 8.81
C VAL A 36 -6.50 1.89 9.14
N GLY A 37 -6.07 3.00 8.53
CA GLY A 37 -6.76 4.25 8.57
C GLY A 37 -5.98 5.38 9.15
N ASP A 38 -4.94 5.08 9.95
CA ASP A 38 -3.93 5.99 10.37
C ASP A 38 -2.65 5.23 10.18
N ASN A 39 -1.49 5.86 10.41
CA ASN A 39 -0.26 5.15 10.65
C ASN A 39 -0.26 4.37 11.92
N ASP A 40 -0.55 3.06 11.86
CA ASP A 40 -0.87 2.29 13.02
C ASP A 40 0.32 1.75 13.74
N LYS A 41 1.09 0.84 13.13
CA LYS A 41 2.05 0.03 13.84
C LYS A 41 3.39 0.66 14.03
N GLU A 42 3.56 1.52 15.04
CA GLU A 42 4.76 2.27 15.27
C GLU A 42 5.85 1.47 15.90
N LYS A 43 6.09 0.27 15.34
CA LYS A 43 7.12 -0.67 15.66
C LYS A 43 7.32 -1.61 14.52
N PRO A 44 8.13 -1.32 13.55
CA PRO A 44 8.62 -2.31 12.62
C PRO A 44 9.63 -3.20 13.25
N GLY A 45 10.23 -4.17 12.53
CA GLY A 45 10.90 -5.27 13.15
C GLY A 45 12.21 -4.99 13.80
N ILE A 46 12.85 -6.06 14.29
CA ILE A 46 13.93 -5.98 15.23
C ILE A 46 15.25 -5.99 14.50
N PHE A 47 15.29 -6.75 13.40
CA PHE A 47 16.37 -6.74 12.45
C PHE A 47 15.87 -6.27 11.13
N ASN A 48 14.59 -5.87 11.04
CA ASN A 48 13.91 -5.72 9.80
C ASN A 48 14.21 -4.45 9.09
N MET A 49 15.05 -4.50 8.04
CA MET A 49 15.41 -3.33 7.28
C MET A 49 14.29 -2.89 6.41
N LYS A 50 13.58 -3.84 5.78
CA LYS A 50 12.53 -3.59 4.84
C LYS A 50 11.32 -2.97 5.44
N ASP A 51 10.76 -3.52 6.53
CA ASP A 51 9.65 -2.97 7.24
C ASP A 51 9.92 -1.61 7.80
N ARG A 52 11.15 -1.31 8.26
CA ARG A 52 11.52 0.02 8.64
C ARG A 52 11.38 1.04 7.57
N TYR A 53 11.81 0.76 6.32
CA TYR A 53 11.60 1.64 5.20
C TYR A 53 10.15 1.80 4.88
N LYS A 54 9.43 0.67 4.76
CA LYS A 54 8.03 0.62 4.45
C LYS A 54 7.17 1.40 5.39
N TRP A 55 7.44 1.30 6.70
CA TRP A 55 6.73 2.01 7.71
C TRP A 55 6.97 3.48 7.70
N GLU A 56 8.20 3.94 7.40
CA GLU A 56 8.50 5.34 7.32
C GLU A 56 7.89 5.99 6.12
N ALA A 57 7.67 5.22 5.05
CA ALA A 57 6.92 5.65 3.91
C ALA A 57 5.46 5.76 4.17
N TRP A 58 4.94 5.01 5.16
CA TRP A 58 3.57 4.98 5.57
C TRP A 58 3.27 6.12 6.48
N GLU A 59 4.11 6.37 7.50
CA GLU A 59 3.97 7.39 8.49
C GLU A 59 4.12 8.78 7.97
N ASN A 60 4.58 8.93 6.71
CA ASN A 60 4.47 10.15 5.97
C ASN A 60 3.05 10.53 5.74
N LEU A 61 2.16 9.57 5.43
CA LEU A 61 0.78 9.82 5.18
C LEU A 61 -0.05 9.28 6.31
N LYS A 62 0.50 9.52 7.51
CA LYS A 62 -0.06 9.41 8.83
C LYS A 62 -1.52 9.57 9.08
N GLY A 63 -2.18 10.64 8.58
CA GLY A 63 -3.43 11.07 9.14
C GLY A 63 -4.48 11.38 8.13
N LYS A 64 -4.10 11.61 6.87
CA LYS A 64 -5.06 11.91 5.85
C LYS A 64 -5.22 10.76 4.90
N SER A 65 -4.93 9.57 5.48
CA SER A 65 -4.85 8.28 4.86
C SER A 65 -6.07 7.84 4.12
N GLN A 66 -7.26 7.92 4.74
CA GLN A 66 -8.48 7.44 4.17
C GLN A 66 -9.07 8.34 3.14
N GLU A 67 -8.55 9.57 3.02
CA GLU A 67 -8.90 10.48 1.98
C GLU A 67 -7.99 10.33 0.82
N ASP A 68 -6.66 10.23 1.05
CA ASP A 68 -5.71 10.31 -0.01
C ASP A 68 -5.31 8.98 -0.57
N ALA A 69 -5.23 7.92 0.25
CA ALA A 69 -4.93 6.61 -0.22
C ALA A 69 -5.86 6.14 -1.29
N GLU A 70 -7.17 6.03 -1.01
CA GLU A 70 -8.17 5.67 -1.97
C GLU A 70 -8.10 6.23 -3.35
N LYS A 71 -7.77 7.52 -3.54
CA LYS A 71 -7.76 8.20 -4.79
C LYS A 71 -6.48 8.07 -5.55
N GLU A 72 -5.31 8.06 -4.87
CA GLU A 72 -4.08 7.84 -5.56
C GLU A 72 -3.85 6.39 -5.78
N TYR A 73 -4.48 5.51 -4.99
CA TYR A 73 -4.29 4.09 -5.04
C TYR A 73 -4.73 3.48 -6.33
N ILE A 74 -5.98 3.74 -6.79
CA ILE A 74 -6.42 3.38 -8.10
C ILE A 74 -5.43 3.55 -9.20
N ALA A 75 -4.80 4.74 -9.33
CA ALA A 75 -3.88 5.00 -10.39
C ALA A 75 -2.53 4.36 -10.24
N LEU A 76 -2.16 3.89 -9.04
CA LEU A 76 -1.05 3.00 -8.86
C LEU A 76 -1.41 1.63 -9.32
N VAL A 77 -2.45 1.06 -8.69
CA VAL A 77 -2.82 -0.32 -8.70
C VAL A 77 -3.40 -0.73 -10.00
N ASP A 78 -4.06 0.16 -10.76
CA ASP A 78 -4.55 -0.20 -12.06
C ASP A 78 -3.45 -0.54 -13.01
N GLN A 79 -2.33 0.21 -12.91
CA GLN A 79 -1.15 0.01 -13.70
C GLN A 79 -0.27 -1.07 -13.16
N LEU A 80 -0.51 -1.53 -11.92
CA LEU A 80 -0.01 -2.76 -11.39
C LEU A 80 -0.76 -3.88 -12.00
N ILE A 81 -2.09 -3.96 -11.79
CA ILE A 81 -3.01 -4.96 -12.22
C ILE A 81 -2.99 -5.24 -13.68
N ALA A 82 -2.84 -4.19 -14.52
CA ALA A 82 -2.63 -4.28 -15.93
C ALA A 82 -1.55 -5.24 -16.32
N LYS A 83 -0.42 -5.20 -15.59
CA LYS A 83 0.69 -6.10 -15.78
C LYS A 83 0.48 -7.35 -14.99
N TYR A 84 -0.05 -7.22 -13.76
CA TYR A 84 0.18 -8.20 -12.73
C TYR A 84 -0.94 -9.17 -12.51
N SER A 85 -2.18 -8.88 -12.92
CA SER A 85 -3.31 -9.74 -12.83
C SER A 85 -3.06 -11.17 -13.18
N SER A 86 -2.53 -11.40 -14.40
CA SER A 86 -2.02 -12.68 -14.79
C SER A 86 -0.90 -12.49 -15.80
N VAL A 1 -12.81 6.88 -3.93
CA VAL A 1 -13.62 5.66 -3.81
C VAL A 1 -12.93 4.57 -3.06
N SER A 2 -13.18 4.43 -1.75
CA SER A 2 -12.63 3.43 -0.90
C SER A 2 -13.16 2.06 -1.15
N GLN A 3 -14.32 1.89 -1.79
CA GLN A 3 -14.81 0.58 -2.10
C GLN A 3 -14.03 -0.08 -3.17
N LEU A 4 -13.55 0.71 -4.15
CA LEU A 4 -12.67 0.31 -5.19
C LEU A 4 -11.35 -0.13 -4.66
N PHE A 5 -10.82 0.68 -3.73
CA PHE A 5 -9.58 0.47 -3.04
C PHE A 5 -9.47 -0.91 -2.51
N GLU A 6 -10.53 -1.38 -1.83
CA GLU A 6 -10.54 -2.66 -1.19
C GLU A 6 -10.71 -3.78 -2.16
N GLU A 7 -11.54 -3.59 -3.20
CA GLU A 7 -11.72 -4.49 -4.29
C GLU A 7 -10.44 -4.84 -4.97
N LYS A 8 -9.64 -3.84 -5.36
CA LYS A 8 -8.40 -4.06 -6.06
C LYS A 8 -7.23 -4.31 -5.17
N ALA A 9 -7.19 -3.84 -3.91
CA ALA A 9 -6.08 -4.07 -3.04
C ALA A 9 -5.84 -5.51 -2.73
N LYS A 10 -6.95 -6.19 -2.38
CA LYS A 10 -7.01 -7.59 -2.15
C LYS A 10 -6.74 -8.43 -3.37
N ALA A 11 -6.86 -7.86 -4.57
CA ALA A 11 -6.41 -8.48 -5.78
C ALA A 11 -4.92 -8.42 -5.88
N VAL A 12 -4.33 -7.21 -5.87
CA VAL A 12 -2.95 -6.96 -6.15
C VAL A 12 -2.04 -7.60 -5.17
N ASN A 13 -2.48 -7.79 -3.91
CA ASN A 13 -1.69 -8.48 -2.94
C ASN A 13 -1.54 -9.94 -3.20
N GLU A 14 -2.41 -10.57 -4.00
CA GLU A 14 -2.31 -11.97 -4.29
C GLU A 14 -2.48 -12.27 -5.73
N LEU A 15 -2.07 -11.34 -6.62
CA LEU A 15 -2.06 -11.54 -8.03
C LEU A 15 -1.02 -12.53 -8.44
N PRO A 16 -1.10 -13.20 -9.55
CA PRO A 16 -0.22 -14.27 -9.89
C PRO A 16 1.11 -13.77 -10.34
N THR A 17 1.17 -12.49 -10.74
CA THR A 17 2.34 -11.77 -11.12
C THR A 17 2.50 -10.82 -9.99
N LYS A 18 2.98 -11.36 -8.86
CA LYS A 18 3.03 -10.75 -7.56
C LYS A 18 3.73 -9.44 -7.47
N PRO A 19 3.47 -8.61 -6.50
CA PRO A 19 4.00 -7.27 -6.45
C PRO A 19 5.48 -7.15 -6.50
N SER A 20 6.03 -6.19 -7.27
CA SER A 20 7.44 -6.01 -7.46
C SER A 20 8.05 -5.29 -6.31
N THR A 21 9.25 -5.69 -5.85
CA THR A 21 9.91 -5.32 -4.64
C THR A 21 9.90 -3.89 -4.24
N ASP A 22 10.23 -2.95 -5.16
CA ASP A 22 10.25 -1.55 -4.89
C ASP A 22 8.91 -0.90 -5.02
N GLU A 23 8.01 -1.44 -5.86
CA GLU A 23 6.69 -0.95 -6.10
C GLU A 23 5.79 -1.30 -4.96
N LEU A 24 6.00 -2.49 -4.36
CA LEU A 24 5.38 -3.03 -3.19
C LEU A 24 5.43 -2.11 -2.02
N LEU A 25 6.51 -1.33 -1.87
CA LEU A 25 6.70 -0.35 -0.84
C LEU A 25 5.73 0.79 -0.92
N GLU A 26 5.56 1.36 -2.12
CA GLU A 26 4.57 2.36 -2.39
C GLU A 26 3.18 1.86 -2.21
N LEU A 27 2.92 0.65 -2.74
CA LEU A 27 1.68 -0.07 -2.69
C LEU A 27 1.25 -0.37 -1.29
N TYR A 28 2.16 -0.84 -0.43
CA TYR A 28 2.04 -0.99 0.99
C TYR A 28 1.51 0.25 1.65
N ALA A 29 2.17 1.40 1.46
CA ALA A 29 1.84 2.64 2.11
C ALA A 29 0.41 3.02 1.97
N LEU A 30 -0.14 2.96 0.73
CA LEU A 30 -1.49 3.33 0.46
C LEU A 30 -2.49 2.31 0.87
N TYR A 31 -2.16 1.02 0.66
CA TYR A 31 -2.92 -0.11 1.07
C TYR A 31 -3.14 -0.14 2.54
N LYS A 32 -2.05 -0.11 3.34
CA LYS A 32 -2.11 -0.03 4.77
C LYS A 32 -2.79 1.21 5.25
N GLN A 33 -2.62 2.34 4.55
CA GLN A 33 -3.31 3.56 4.83
C GLN A 33 -4.79 3.45 4.96
N ALA A 34 -5.53 3.03 3.92
CA ALA A 34 -6.95 2.96 4.08
C ALA A 34 -7.41 1.64 4.60
N THR A 35 -6.54 0.61 4.67
CA THR A 35 -6.85 -0.58 5.40
C THR A 35 -7.07 -0.33 6.84
N VAL A 36 -6.05 0.06 7.64
CA VAL A 36 -6.23 0.31 9.03
C VAL A 36 -6.65 1.70 9.37
N GLY A 37 -6.22 2.72 8.60
CA GLY A 37 -6.69 4.06 8.72
C GLY A 37 -5.69 5.06 9.19
N ASP A 38 -4.80 4.69 10.13
CA ASP A 38 -3.80 5.56 10.66
C ASP A 38 -2.46 4.98 10.35
N ASN A 39 -1.34 5.69 10.58
CA ASN A 39 -0.09 5.03 10.79
C ASN A 39 -0.06 4.22 12.05
N ASP A 40 -0.49 2.94 11.98
CA ASP A 40 -0.85 2.22 13.17
C ASP A 40 0.29 1.65 13.93
N LYS A 41 1.11 0.78 13.32
CA LYS A 41 2.13 0.05 14.02
C LYS A 41 3.41 0.81 14.14
N GLU A 42 3.52 1.70 15.15
CA GLU A 42 4.66 2.50 15.44
C GLU A 42 5.79 1.73 16.03
N LYS A 43 6.05 0.53 15.47
CA LYS A 43 7.14 -0.35 15.76
C LYS A 43 7.31 -1.28 14.61
N PRO A 44 8.03 -0.94 13.58
CA PRO A 44 8.71 -1.90 12.76
C PRO A 44 9.86 -2.46 13.53
N GLY A 45 10.49 -3.57 13.11
CA GLY A 45 11.53 -4.18 13.90
C GLY A 45 12.86 -3.51 13.85
N ILE A 46 13.91 -4.22 14.27
CA ILE A 46 15.17 -3.62 14.64
C ILE A 46 16.16 -3.71 13.54
N PHE A 47 16.42 -4.93 13.02
CA PHE A 47 17.21 -5.23 11.86
C PHE A 47 16.37 -5.26 10.64
N ASN A 48 15.09 -4.86 10.78
CA ASN A 48 14.05 -4.99 9.81
C ASN A 48 14.07 -3.94 8.75
N MET A 49 15.03 -4.00 7.82
CA MET A 49 15.25 -3.07 6.77
C MET A 49 14.06 -2.81 5.91
N LYS A 50 13.38 -3.87 5.45
CA LYS A 50 12.18 -3.80 4.67
C LYS A 50 11.08 -3.08 5.38
N ASP A 51 10.81 -3.42 6.66
CA ASP A 51 9.80 -2.81 7.45
C ASP A 51 10.06 -1.37 7.77
N ARG A 52 11.32 -0.98 8.01
CA ARG A 52 11.71 0.39 8.15
C ARG A 52 11.37 1.26 6.98
N TYR A 53 11.54 0.76 5.74
CA TYR A 53 11.15 1.48 4.56
C TYR A 53 9.68 1.51 4.34
N LYS A 54 8.98 0.37 4.50
CA LYS A 54 7.56 0.26 4.41
C LYS A 54 6.82 1.16 5.35
N TRP A 55 7.18 1.15 6.64
CA TRP A 55 6.50 1.92 7.64
C TRP A 55 6.76 3.38 7.53
N GLU A 56 7.95 3.80 7.01
CA GLU A 56 8.28 5.16 6.80
C GLU A 56 7.54 5.77 5.67
N ALA A 57 7.32 5.00 4.58
CA ALA A 57 6.54 5.40 3.46
C ALA A 57 5.09 5.55 3.81
N TRP A 58 4.66 4.84 4.85
CA TRP A 58 3.32 4.84 5.38
C TRP A 58 3.10 6.00 6.28
N GLU A 59 4.05 6.27 7.20
CA GLU A 59 4.11 7.38 8.09
C GLU A 59 4.10 8.70 7.40
N ASN A 60 4.52 8.77 6.12
CA ASN A 60 4.35 9.91 5.28
C ASN A 60 2.95 10.40 5.26
N LEU A 61 1.95 9.49 5.21
CA LEU A 61 0.56 9.83 5.23
C LEU A 61 -0.12 9.28 6.43
N LYS A 62 0.54 9.40 7.59
CA LYS A 62 0.08 9.11 8.91
C LYS A 62 -1.27 9.50 9.40
N GLY A 63 -1.73 10.72 9.07
CA GLY A 63 -2.90 11.31 9.64
C GLY A 63 -3.99 11.51 8.65
N LYS A 64 -3.65 11.95 7.42
CA LYS A 64 -4.64 12.20 6.41
C LYS A 64 -4.48 11.17 5.35
N SER A 65 -4.91 9.96 5.77
CA SER A 65 -4.96 8.75 5.01
C SER A 65 -6.22 8.64 4.23
N GLN A 66 -7.38 8.53 4.90
CA GLN A 66 -8.49 7.84 4.33
C GLN A 66 -9.21 8.57 3.25
N GLU A 67 -8.88 9.86 3.09
CA GLU A 67 -9.27 10.73 2.03
C GLU A 67 -8.30 10.78 0.90
N ASP A 68 -6.99 10.52 1.11
CA ASP A 68 -6.03 10.52 0.05
C ASP A 68 -5.85 9.14 -0.49
N ALA A 69 -5.67 8.15 0.40
CA ALA A 69 -5.39 6.77 0.14
C ALA A 69 -6.20 6.19 -0.96
N GLU A 70 -7.53 6.22 -0.80
CA GLU A 70 -8.51 5.93 -1.81
C GLU A 70 -8.29 6.44 -3.19
N LYS A 71 -7.94 7.73 -3.39
CA LYS A 71 -7.82 8.38 -4.65
C LYS A 71 -6.46 8.25 -5.23
N GLU A 72 -5.42 8.14 -4.38
CA GLU A 72 -4.08 7.84 -4.80
C GLU A 72 -3.94 6.43 -5.25
N TYR A 73 -4.75 5.51 -4.68
CA TYR A 73 -4.64 4.09 -4.88
C TYR A 73 -5.04 3.65 -6.24
N ILE A 74 -6.26 4.02 -6.69
CA ILE A 74 -6.74 3.78 -8.02
C ILE A 74 -5.75 3.96 -9.11
N ALA A 75 -5.02 5.10 -9.13
CA ALA A 75 -4.09 5.44 -10.16
C ALA A 75 -2.84 4.64 -10.15
N LEU A 76 -2.30 4.28 -8.97
CA LEU A 76 -1.14 3.44 -8.92
C LEU A 76 -1.46 2.01 -9.21
N VAL A 77 -2.52 1.45 -8.61
CA VAL A 77 -2.99 0.12 -8.79
C VAL A 77 -3.40 -0.13 -10.21
N ASP A 78 -3.89 0.88 -10.96
CA ASP A 78 -4.13 0.71 -12.36
C ASP A 78 -2.91 0.34 -13.12
N GLN A 79 -1.76 0.96 -12.80
CA GLN A 79 -0.49 0.67 -13.38
C GLN A 79 0.10 -0.60 -12.88
N LEU A 80 -0.22 -1.01 -11.65
CA LEU A 80 0.15 -2.27 -11.07
C LEU A 80 -0.54 -3.39 -11.76
N ILE A 81 -1.88 -3.35 -11.90
CA ILE A 81 -2.62 -4.42 -12.51
C ILE A 81 -2.31 -4.61 -13.95
N ALA A 82 -1.97 -3.53 -14.69
CA ALA A 82 -1.49 -3.62 -16.04
C ALA A 82 -0.28 -4.48 -16.23
N LYS A 83 0.60 -4.52 -15.21
CA LYS A 83 1.72 -5.41 -15.15
C LYS A 83 1.34 -6.72 -14.53
N TYR A 84 0.51 -6.70 -13.49
CA TYR A 84 0.32 -7.81 -12.59
C TYR A 84 -0.83 -8.71 -12.90
N SER A 85 -1.70 -8.37 -13.87
CA SER A 85 -2.65 -9.29 -14.42
C SER A 85 -2.03 -10.54 -14.94
N SER A 86 -1.12 -10.43 -15.92
CA SER A 86 -0.27 -11.50 -16.36
C SER A 86 1.10 -10.94 -16.71
N VAL A 1 -13.00 6.42 -3.66
CA VAL A 1 -13.72 5.19 -3.26
C VAL A 1 -12.84 4.14 -2.67
N SER A 2 -12.91 3.96 -1.35
CA SER A 2 -12.26 2.97 -0.55
C SER A 2 -12.68 1.59 -0.89
N GLN A 3 -13.92 1.36 -1.36
CA GLN A 3 -14.38 0.07 -1.77
C GLN A 3 -13.59 -0.56 -2.87
N LEU A 4 -13.26 0.23 -3.91
CA LEU A 4 -12.46 -0.21 -5.00
C LEU A 4 -11.08 -0.56 -4.56
N PHE A 5 -10.54 0.31 -3.68
CA PHE A 5 -9.25 0.19 -3.05
C PHE A 5 -9.10 -1.15 -2.41
N GLU A 6 -10.16 -1.70 -1.80
CA GLU A 6 -10.15 -2.99 -1.19
C GLU A 6 -10.15 -4.10 -2.20
N GLU A 7 -11.04 -4.02 -3.21
CA GLU A 7 -11.18 -4.95 -4.28
C GLU A 7 -9.90 -5.15 -5.03
N LYS A 8 -9.17 -4.04 -5.27
CA LYS A 8 -7.86 -4.04 -5.85
C LYS A 8 -6.79 -4.43 -4.90
N ALA A 9 -6.74 -3.93 -3.66
CA ALA A 9 -5.60 -4.09 -2.82
C ALA A 9 -5.37 -5.48 -2.33
N LYS A 10 -6.48 -6.14 -1.95
CA LYS A 10 -6.52 -7.51 -1.53
C LYS A 10 -6.17 -8.46 -2.63
N ALA A 11 -6.19 -8.01 -3.89
CA ALA A 11 -5.59 -8.68 -5.00
C ALA A 11 -4.12 -8.44 -5.06
N VAL A 12 -3.61 -7.19 -5.11
CA VAL A 12 -2.24 -6.89 -5.35
C VAL A 12 -1.33 -7.40 -4.29
N ASN A 13 -1.83 -7.61 -3.06
CA ASN A 13 -1.03 -8.23 -2.04
C ASN A 13 -0.76 -9.68 -2.26
N GLU A 14 -1.53 -10.37 -3.11
CA GLU A 14 -1.40 -11.78 -3.35
C GLU A 14 -1.18 -12.13 -4.78
N LEU A 15 -0.95 -11.15 -5.69
CA LEU A 15 -0.91 -11.36 -7.10
C LEU A 15 0.19 -12.27 -7.53
N PRO A 16 0.02 -13.06 -8.55
CA PRO A 16 0.93 -14.11 -8.89
C PRO A 16 2.18 -13.58 -9.51
N THR A 17 2.09 -12.35 -10.04
CA THR A 17 3.11 -11.60 -10.70
C THR A 17 3.28 -10.49 -9.72
N LYS A 18 3.95 -10.83 -8.60
CA LYS A 18 3.98 -10.06 -7.38
C LYS A 18 4.43 -8.65 -7.47
N PRO A 19 4.08 -7.77 -6.58
CA PRO A 19 4.55 -6.41 -6.57
C PRO A 19 6.03 -6.28 -6.48
N SER A 20 6.67 -5.42 -7.28
CA SER A 20 8.09 -5.26 -7.32
C SER A 20 8.60 -4.38 -6.22
N THR A 21 9.92 -4.36 -5.97
CA THR A 21 10.59 -3.87 -4.82
C THR A 21 10.26 -2.49 -4.36
N ASP A 22 10.48 -1.47 -5.21
CA ASP A 22 10.15 -0.10 -4.93
C ASP A 22 8.68 0.14 -4.92
N GLU A 23 7.91 -0.66 -5.67
CA GLU A 23 6.50 -0.50 -5.83
C GLU A 23 5.75 -0.99 -4.64
N LEU A 24 6.15 -2.14 -4.06
CA LEU A 24 5.72 -2.74 -2.84
C LEU A 24 5.63 -1.82 -1.67
N LEU A 25 6.67 -0.99 -1.44
CA LEU A 25 6.70 0.09 -0.50
C LEU A 25 5.52 1.00 -0.54
N GLU A 26 5.25 1.56 -1.72
CA GLU A 26 4.19 2.51 -1.95
C GLU A 26 2.85 1.85 -1.94
N LEU A 27 2.74 0.64 -2.50
CA LEU A 27 1.53 -0.13 -2.51
C LEU A 27 1.13 -0.59 -1.15
N TYR A 28 2.08 -0.93 -0.26
CA TYR A 28 1.89 -1.09 1.14
C TYR A 28 1.41 0.19 1.76
N ALA A 29 2.15 1.30 1.63
CA ALA A 29 1.89 2.54 2.28
C ALA A 29 0.49 3.00 2.13
N LEU A 30 -0.02 3.09 0.88
CA LEU A 30 -1.39 3.43 0.63
C LEU A 30 -2.39 2.42 1.08
N TYR A 31 -2.11 1.12 0.89
CA TYR A 31 -2.95 0.05 1.35
C TYR A 31 -3.15 0.14 2.82
N LYS A 32 -2.08 0.23 3.61
CA LYS A 32 -2.13 0.47 5.02
C LYS A 32 -2.83 1.74 5.38
N GLN A 33 -2.64 2.83 4.60
CA GLN A 33 -3.30 4.09 4.84
C GLN A 33 -4.78 4.02 4.88
N ALA A 34 -5.42 3.52 3.81
CA ALA A 34 -6.85 3.51 3.72
C ALA A 34 -7.45 2.27 4.28
N THR A 35 -6.65 1.22 4.59
CA THR A 35 -7.13 0.11 5.35
C THR A 35 -7.51 0.54 6.73
N VAL A 36 -6.56 1.10 7.49
CA VAL A 36 -6.83 1.56 8.82
C VAL A 36 -7.32 2.97 8.85
N GLY A 37 -6.51 3.93 8.37
CA GLY A 37 -6.82 5.33 8.37
C GLY A 37 -5.81 6.16 9.09
N ASP A 38 -5.09 5.55 10.05
CA ASP A 38 -3.98 6.12 10.75
C ASP A 38 -2.82 5.23 10.47
N ASN A 39 -1.62 5.48 11.03
CA ASN A 39 -0.77 4.38 11.36
C ASN A 39 -1.31 3.53 12.46
N ASP A 40 -1.46 2.22 12.22
CA ASP A 40 -1.89 1.29 13.23
C ASP A 40 -0.74 0.85 14.05
N LYS A 41 0.27 0.24 13.40
CA LYS A 41 1.51 -0.16 14.00
C LYS A 41 2.41 1.03 14.09
N GLU A 42 3.45 0.94 14.95
CA GLU A 42 4.52 1.89 14.96
C GLU A 42 5.80 1.19 15.22
N LYS A 43 5.82 -0.13 14.97
CA LYS A 43 6.98 -0.95 15.11
C LYS A 43 7.19 -1.76 13.88
N PRO A 44 7.95 -1.31 12.92
CA PRO A 44 8.76 -2.18 12.13
C PRO A 44 9.97 -2.54 12.91
N GLY A 45 10.69 -3.64 12.60
CA GLY A 45 11.74 -4.12 13.44
C GLY A 45 13.04 -3.38 13.39
N ILE A 46 14.14 -4.14 13.56
CA ILE A 46 15.45 -3.61 13.77
C ILE A 46 16.27 -3.81 12.54
N PHE A 47 16.72 -5.05 12.27
CA PHE A 47 17.32 -5.49 11.05
C PHE A 47 16.36 -5.63 9.94
N ASN A 48 15.05 -5.47 10.23
CA ASN A 48 13.94 -5.50 9.31
C ASN A 48 13.90 -4.29 8.45
N MET A 49 14.89 -4.15 7.55
CA MET A 49 15.06 -3.04 6.65
C MET A 49 13.95 -2.93 5.67
N LYS A 50 13.37 -4.08 5.25
CA LYS A 50 12.24 -4.10 4.38
C LYS A 50 11.02 -3.49 5.01
N ASP A 51 10.69 -3.85 6.25
CA ASP A 51 9.61 -3.31 7.01
C ASP A 51 9.84 -1.88 7.37
N ARG A 52 11.06 -1.50 7.79
CA ARG A 52 11.43 -0.14 8.06
C ARG A 52 11.17 0.82 6.95
N TYR A 53 11.58 0.51 5.70
CA TYR A 53 11.29 1.32 4.56
C TYR A 53 9.82 1.41 4.27
N LYS A 54 9.13 0.25 4.26
CA LYS A 54 7.72 0.10 4.10
C LYS A 54 6.91 0.97 5.00
N TRP A 55 7.24 0.89 6.31
CA TRP A 55 6.57 1.56 7.38
C TRP A 55 6.86 3.02 7.41
N GLU A 56 8.08 3.46 7.03
CA GLU A 56 8.44 4.85 6.96
C GLU A 56 7.71 5.56 5.87
N ALA A 57 7.44 4.87 4.76
CA ALA A 57 6.64 5.37 3.69
C ALA A 57 5.20 5.53 4.05
N TRP A 58 4.75 4.76 5.06
CA TRP A 58 3.40 4.76 5.57
C TRP A 58 3.23 5.88 6.53
N GLU A 59 4.14 5.99 7.52
CA GLU A 59 4.28 6.97 8.55
C GLU A 59 4.15 8.37 8.05
N ASN A 60 4.70 8.67 6.86
CA ASN A 60 4.58 9.95 6.24
C ASN A 60 3.19 10.43 6.07
N LEU A 61 2.24 9.50 5.83
CA LEU A 61 0.86 9.81 5.60
C LEU A 61 -0.07 9.24 6.63
N LYS A 62 0.45 9.01 7.84
CA LYS A 62 -0.20 8.35 8.94
C LYS A 62 -1.41 8.91 9.60
N GLY A 63 -2.01 10.03 9.16
CA GLY A 63 -3.23 10.50 9.72
C GLY A 63 -4.16 11.01 8.67
N LYS A 64 -3.61 11.51 7.54
CA LYS A 64 -4.39 12.26 6.60
C LYS A 64 -5.05 11.42 5.57
N SER A 65 -4.44 10.26 5.25
CA SER A 65 -4.61 9.68 3.95
C SER A 65 -5.77 8.78 3.75
N GLN A 66 -6.80 8.74 4.61
CA GLN A 66 -8.04 8.10 4.25
C GLN A 66 -8.80 8.81 3.19
N GLU A 67 -8.37 10.05 2.90
CA GLU A 67 -8.80 10.88 1.83
C GLU A 67 -7.97 10.76 0.60
N ASP A 68 -6.64 10.59 0.72
CA ASP A 68 -5.73 10.54 -0.39
C ASP A 68 -5.46 9.16 -0.87
N ALA A 69 -5.13 8.21 0.03
CA ALA A 69 -4.89 6.82 -0.24
C ALA A 69 -5.89 6.21 -1.17
N GLU A 70 -7.19 6.18 -0.83
CA GLU A 70 -8.23 5.81 -1.73
C GLU A 70 -8.21 6.32 -3.13
N LYS A 71 -7.76 7.55 -3.41
CA LYS A 71 -7.73 8.19 -4.69
C LYS A 71 -6.49 7.89 -5.44
N GLU A 72 -5.32 7.89 -4.75
CA GLU A 72 -4.07 7.60 -5.35
C GLU A 72 -3.88 6.14 -5.58
N TYR A 73 -4.61 5.28 -4.84
CA TYR A 73 -4.53 3.85 -4.94
C TYR A 73 -4.99 3.32 -6.24
N ILE A 74 -6.25 3.59 -6.63
CA ILE A 74 -6.83 3.28 -7.89
C ILE A 74 -5.92 3.48 -9.07
N ALA A 75 -5.26 4.65 -9.18
CA ALA A 75 -4.38 4.97 -10.27
C ALA A 75 -3.13 4.16 -10.32
N LEU A 76 -2.43 4.00 -9.18
CA LEU A 76 -1.28 3.15 -9.06
C LEU A 76 -1.59 1.76 -9.45
N VAL A 77 -2.59 1.16 -8.77
CA VAL A 77 -2.93 -0.23 -8.86
C VAL A 77 -3.60 -0.54 -10.15
N ASP A 78 -4.18 0.42 -10.91
CA ASP A 78 -4.60 0.12 -12.25
C ASP A 78 -3.46 -0.19 -13.15
N GLN A 79 -2.44 0.70 -13.13
CA GLN A 79 -1.26 0.62 -13.92
C GLN A 79 -0.37 -0.49 -13.50
N LEU A 80 -0.45 -0.88 -12.22
CA LEU A 80 0.27 -1.94 -11.58
C LEU A 80 -0.37 -3.25 -11.84
N ILE A 81 -1.70 -3.41 -11.73
CA ILE A 81 -2.38 -4.59 -12.15
C ILE A 81 -2.23 -4.87 -13.60
N ALA A 82 -2.13 -3.85 -14.47
CA ALA A 82 -1.78 -4.03 -15.84
C ALA A 82 -0.54 -4.81 -16.10
N LYS A 83 0.44 -4.77 -15.18
CA LYS A 83 1.56 -5.65 -15.14
C LYS A 83 1.27 -6.90 -14.37
N TYR A 84 0.69 -6.77 -13.17
CA TYR A 84 0.70 -7.77 -12.14
C TYR A 84 -0.41 -8.74 -12.17
N SER A 85 -1.47 -8.53 -12.97
CA SER A 85 -2.60 -9.39 -13.17
C SER A 85 -2.30 -10.84 -13.35
N SER A 86 -1.42 -11.18 -14.30
CA SER A 86 -1.09 -12.53 -14.63
C SER A 86 0.29 -12.60 -15.28
N VAL A 1 -12.64 5.72 -4.07
CA VAL A 1 -13.38 4.47 -3.81
C VAL A 1 -12.64 3.50 -2.97
N SER A 2 -12.97 3.42 -1.65
CA SER A 2 -12.45 2.53 -0.67
C SER A 2 -12.83 1.10 -0.87
N GLN A 3 -13.99 0.84 -1.51
CA GLN A 3 -14.40 -0.47 -1.90
C GLN A 3 -13.51 -1.10 -2.91
N LEU A 4 -13.18 -0.34 -3.99
CA LEU A 4 -12.33 -0.71 -5.08
C LEU A 4 -10.98 -1.09 -4.59
N PHE A 5 -10.46 -0.20 -3.74
CA PHE A 5 -9.23 -0.32 -3.00
C PHE A 5 -9.08 -1.65 -2.37
N GLU A 6 -10.14 -2.20 -1.75
CA GLU A 6 -10.09 -3.46 -1.10
C GLU A 6 -10.15 -4.63 -2.02
N GLU A 7 -10.88 -4.54 -3.15
CA GLU A 7 -10.90 -5.55 -4.16
C GLU A 7 -9.54 -5.78 -4.71
N LYS A 8 -8.92 -4.67 -5.13
CA LYS A 8 -7.73 -4.67 -5.91
C LYS A 8 -6.48 -4.69 -5.09
N ALA A 9 -6.49 -4.25 -3.82
CA ALA A 9 -5.34 -4.33 -2.97
C ALA A 9 -4.94 -5.72 -2.63
N LYS A 10 -5.98 -6.49 -2.24
CA LYS A 10 -5.90 -7.89 -1.94
C LYS A 10 -5.56 -8.73 -3.11
N ALA A 11 -5.76 -8.21 -4.34
CA ALA A 11 -5.26 -8.79 -5.55
C ALA A 11 -3.79 -8.57 -5.66
N VAL A 12 -3.30 -7.32 -5.64
CA VAL A 12 -1.93 -7.01 -5.92
C VAL A 12 -0.97 -7.57 -4.92
N ASN A 13 -1.39 -7.78 -3.67
CA ASN A 13 -0.57 -8.42 -2.69
C ASN A 13 -0.36 -9.88 -2.90
N GLU A 14 -1.21 -10.55 -3.70
CA GLU A 14 -1.22 -11.97 -3.87
C GLU A 14 -1.17 -12.40 -5.30
N LEU A 15 -0.96 -11.46 -6.24
CA LEU A 15 -0.96 -11.70 -7.65
C LEU A 15 0.21 -12.52 -8.05
N PRO A 16 0.20 -13.28 -9.11
CA PRO A 16 1.22 -14.24 -9.39
C PRO A 16 2.47 -13.59 -9.89
N THR A 17 2.35 -12.33 -10.33
CA THR A 17 3.41 -11.45 -10.71
C THR A 17 3.44 -10.48 -9.58
N LYS A 18 4.04 -10.92 -8.46
CA LYS A 18 4.10 -10.18 -7.23
C LYS A 18 4.75 -8.84 -7.36
N PRO A 19 4.45 -7.85 -6.57
CA PRO A 19 4.81 -6.49 -6.87
C PRO A 19 6.26 -6.21 -6.89
N SER A 20 6.75 -5.26 -7.72
CA SER A 20 8.13 -4.89 -7.77
C SER A 20 8.49 -3.92 -6.70
N THR A 21 9.78 -3.77 -6.36
CA THR A 21 10.33 -3.20 -5.18
C THR A 21 9.80 -1.88 -4.73
N ASP A 22 9.90 -0.83 -5.57
CA ASP A 22 9.51 0.50 -5.26
C ASP A 22 8.05 0.74 -5.38
N GLU A 23 7.35 -0.22 -6.02
CA GLU A 23 5.95 -0.21 -6.28
C GLU A 23 5.23 -0.84 -5.13
N LEU A 24 5.75 -1.96 -4.60
CA LEU A 24 5.36 -2.66 -3.42
C LEU A 24 5.31 -1.82 -2.20
N LEU A 25 6.25 -0.87 -2.04
CA LEU A 25 6.29 0.03 -0.94
C LEU A 25 5.25 1.10 -1.03
N GLU A 26 5.01 1.65 -2.22
CA GLU A 26 3.99 2.62 -2.47
C GLU A 26 2.63 2.03 -2.31
N LEU A 27 2.46 0.78 -2.79
CA LEU A 27 1.35 -0.08 -2.52
C LEU A 27 1.11 -0.33 -1.06
N TYR A 28 2.14 -0.67 -0.27
CA TYR A 28 2.07 -0.81 1.15
C TYR A 28 1.56 0.43 1.81
N ALA A 29 2.17 1.60 1.57
CA ALA A 29 1.81 2.84 2.20
C ALA A 29 0.37 3.18 2.03
N LEU A 30 -0.14 3.13 0.79
CA LEU A 30 -1.52 3.37 0.53
C LEU A 30 -2.45 2.30 0.98
N TYR A 31 -2.07 1.01 0.84
CA TYR A 31 -2.80 -0.10 1.35
C TYR A 31 -3.02 0.07 2.82
N LYS A 32 -1.93 0.19 3.61
CA LYS A 32 -1.95 0.43 5.01
C LYS A 32 -2.67 1.68 5.40
N GLN A 33 -2.59 2.76 4.60
CA GLN A 33 -3.31 3.97 4.82
C GLN A 33 -4.79 3.76 4.89
N ALA A 34 -5.43 3.21 3.85
CA ALA A 34 -6.84 3.05 3.87
C ALA A 34 -7.29 1.80 4.56
N THR A 35 -6.39 0.83 4.81
CA THR A 35 -6.66 -0.33 5.58
C THR A 35 -6.89 -0.06 7.03
N VAL A 36 -5.92 0.48 7.77
CA VAL A 36 -6.13 0.85 9.13
C VAL A 36 -6.67 2.23 9.27
N GLY A 37 -6.19 3.19 8.45
CA GLY A 37 -6.71 4.52 8.45
C GLY A 37 -5.67 5.55 8.77
N ASP A 38 -4.83 5.23 9.76
CA ASP A 38 -3.89 6.12 10.38
C ASP A 38 -2.58 5.42 10.35
N ASN A 39 -1.45 6.07 10.71
CA ASN A 39 -0.32 5.33 11.14
C ASN A 39 -0.56 4.48 12.34
N ASP A 40 -0.30 3.17 12.23
CA ASP A 40 -0.57 2.21 13.26
C ASP A 40 0.67 1.83 13.99
N LYS A 41 1.42 0.84 13.49
CA LYS A 41 2.44 0.17 14.24
C LYS A 41 3.75 0.88 14.23
N GLU A 42 3.93 1.90 15.08
CA GLU A 42 5.08 2.75 15.16
C GLU A 42 6.25 2.10 15.83
N LYS A 43 6.50 0.84 15.43
CA LYS A 43 7.57 0.01 15.88
C LYS A 43 7.75 -1.07 14.87
N PRO A 44 8.43 -0.90 13.77
CA PRO A 44 8.86 -1.98 12.95
C PRO A 44 9.94 -2.73 13.64
N GLY A 45 10.12 -4.04 13.38
CA GLY A 45 10.82 -4.93 14.26
C GLY A 45 12.31 -4.90 14.30
N ILE A 46 12.93 -6.06 14.05
CA ILE A 46 14.31 -6.32 14.37
C ILE A 46 15.11 -6.59 13.13
N PHE A 47 14.87 -7.73 12.47
CA PHE A 47 15.37 -8.08 11.18
C PHE A 47 14.58 -7.45 10.07
N ASN A 48 13.64 -6.58 10.46
CA ASN A 48 12.67 -5.91 9.64
C ASN A 48 13.23 -4.71 8.94
N MET A 49 14.25 -4.93 8.11
CA MET A 49 14.99 -3.91 7.41
C MET A 49 14.20 -3.23 6.35
N LYS A 50 13.33 -3.98 5.65
CA LYS A 50 12.47 -3.45 4.64
C LYS A 50 11.36 -2.68 5.24
N ASP A 51 10.77 -3.17 6.35
CA ASP A 51 9.75 -2.51 7.09
C ASP A 51 10.14 -1.20 7.67
N ARG A 52 11.38 -1.06 8.19
CA ARG A 52 11.95 0.19 8.59
C ARG A 52 11.87 1.29 7.59
N TYR A 53 12.04 0.99 6.29
CA TYR A 53 11.83 1.92 5.23
C TYR A 53 10.40 2.11 4.89
N LYS A 54 9.64 1.01 4.72
CA LYS A 54 8.26 1.04 4.36
C LYS A 54 7.36 1.77 5.30
N TRP A 55 7.56 1.57 6.61
CA TRP A 55 6.81 2.20 7.66
C TRP A 55 7.05 3.67 7.70
N GLU A 56 8.26 4.13 7.36
CA GLU A 56 8.59 5.51 7.30
C GLU A 56 7.98 6.20 6.11
N ALA A 57 7.83 5.47 5.00
CA ALA A 57 7.08 5.93 3.86
C ALA A 57 5.61 5.98 4.10
N TRP A 58 5.12 5.26 5.13
CA TRP A 58 3.74 5.21 5.51
C TRP A 58 3.42 6.32 6.45
N GLU A 59 4.23 6.57 7.50
CA GLU A 59 4.06 7.67 8.40
C GLU A 59 4.28 9.01 7.79
N ASN A 60 4.72 9.06 6.52
CA ASN A 60 4.63 10.22 5.70
C ASN A 60 3.22 10.68 5.55
N LEU A 61 2.25 9.75 5.45
CA LEU A 61 0.86 9.99 5.25
C LEU A 61 0.02 9.53 6.39
N LYS A 62 0.60 9.58 7.61
CA LYS A 62 0.06 9.21 8.87
C LYS A 62 -1.26 9.71 9.32
N GLY A 63 -1.63 10.94 8.92
CA GLY A 63 -2.64 11.72 9.58
C GLY A 63 -3.95 11.62 8.89
N LYS A 64 -3.95 11.77 7.56
CA LYS A 64 -5.19 12.00 6.87
C LYS A 64 -5.54 10.90 5.94
N SER A 65 -4.49 10.32 5.32
CA SER A 65 -4.49 9.99 3.93
C SER A 65 -5.08 8.65 3.63
N GLN A 66 -6.16 8.26 4.32
CA GLN A 66 -7.04 7.19 3.96
C GLN A 66 -7.94 7.66 2.88
N GLU A 67 -8.37 8.94 2.99
CA GLU A 67 -9.25 9.62 2.10
C GLU A 67 -8.59 9.87 0.79
N ASP A 68 -7.27 10.09 0.83
CA ASP A 68 -6.43 10.17 -0.32
C ASP A 68 -6.01 8.83 -0.81
N ALA A 69 -5.58 7.91 0.07
CA ALA A 69 -5.25 6.57 -0.29
C ALA A 69 -6.19 5.90 -1.23
N GLU A 70 -7.48 5.72 -0.89
CA GLU A 70 -8.48 5.24 -1.79
C GLU A 70 -8.50 5.76 -3.17
N LYS A 71 -8.35 7.08 -3.40
CA LYS A 71 -8.40 7.74 -4.67
C LYS A 71 -7.11 7.83 -5.42
N GLU A 72 -5.96 7.68 -4.73
CA GLU A 72 -4.70 7.56 -5.40
C GLU A 72 -4.39 6.13 -5.69
N TYR A 73 -4.90 5.19 -4.88
CA TYR A 73 -4.62 3.79 -4.98
C TYR A 73 -5.10 3.18 -6.26
N ILE A 74 -6.34 3.51 -6.66
CA ILE A 74 -6.88 3.24 -7.97
C ILE A 74 -5.91 3.44 -9.10
N ALA A 75 -5.26 4.61 -9.18
CA ALA A 75 -4.37 4.94 -10.26
C ALA A 75 -3.04 4.28 -10.21
N LEU A 76 -2.59 3.82 -9.03
CA LEU A 76 -1.46 2.95 -8.89
C LEU A 76 -1.81 1.61 -9.42
N VAL A 77 -2.81 0.97 -8.79
CA VAL A 77 -3.14 -0.42 -8.94
C VAL A 77 -3.66 -0.70 -10.30
N ASP A 78 -4.21 0.28 -11.02
CA ASP A 78 -4.55 0.12 -12.40
C ASP A 78 -3.40 -0.22 -13.28
N GLN A 79 -2.26 0.48 -13.10
CA GLN A 79 -1.08 0.26 -13.88
C GLN A 79 -0.29 -0.89 -13.36
N LEU A 80 -0.45 -1.23 -12.07
CA LEU A 80 0.16 -2.36 -11.42
C LEU A 80 -0.50 -3.60 -11.91
N ILE A 81 -1.83 -3.71 -11.91
CA ILE A 81 -2.52 -4.85 -12.42
C ILE A 81 -2.33 -5.02 -13.89
N ALA A 82 -2.21 -3.94 -14.68
CA ALA A 82 -1.87 -4.01 -16.06
C ALA A 82 -0.58 -4.70 -16.36
N LYS A 83 0.40 -4.64 -15.45
CA LYS A 83 1.63 -5.37 -15.51
C LYS A 83 1.50 -6.71 -14.89
N TYR A 84 0.75 -6.83 -13.78
CA TYR A 84 0.85 -7.89 -12.84
C TYR A 84 -0.25 -8.89 -12.87
N SER A 85 -1.39 -8.62 -13.54
CA SER A 85 -2.54 -9.47 -13.62
C SER A 85 -2.29 -10.92 -13.82
N SER A 86 -1.54 -11.26 -14.88
CA SER A 86 -1.07 -12.59 -15.13
C SER A 86 -0.01 -12.53 -16.23
#